data_6FBM
#
_entry.id   6FBM
#
_cell.length_a   78.676
_cell.length_b   143.187
_cell.length_c   209.620
_cell.angle_alpha   90.000
_cell.angle_beta   90.000
_cell.angle_gamma   90.000
#
_symmetry.space_group_name_H-M   'P 21 21 21'
#
loop_
_entity.id
_entity.type
_entity.pdbx_description
1 polymer 'Gram-negative insecticidal protein'
2 water water
#
_entity_poly.entity_id   1
_entity_poly.type   'polypeptide(L)'
_entity_poly.pdbx_seq_one_letter_code
;MASAANAGQLGNLPGVTSMGMGYDVNGLYASPESLLGQPLFDFGGELDSIEIEGRSYTFPRSMHVHTYFHSDFKQDVSKE
IEEYREKMSQHVGVSGRYKLFSASLSVDFTTTDQQLTEITYSSTREAHVLWYISLPGAATLRSMLRRDFRDDLNNPNMPA
MELFKRYGPYYISEAAVGGRLDYSAASKTLKMDSSQSLSTTAEMSYKALVGEIKIEHGSEMEKQVNSFRSNSTIRLTATG
GKPGMTDRILHGPDSQQAFSQWAESLLDYATLMDFSTESLQPIWALADKPERRVELEDAFPEFMKQSQQSIPKVDKVLLM
DARPPMVKAGEDSGSGASEDLAVFNPSTSNGYKMVGQFGQRNHASVADGHAPIFKDLFDLGVLKAPVGWQRVWDDAGSGK
SKDYACWRAIPPQGYRALGDVMMLATSGYNPPNLPDYVCVHQSLCADVQTLQNRVWWDKGTGARKDVSLWQPGAAGAVAS
SCFAGVPNYNNPPNSGDIERLRGSIACVKTSAIASMQEMKSMLSQHQGMEAMMSKL
;
_entity_poly.pdbx_strand_id   A,B,C,D
#
# COMPACT_ATOMS: atom_id res chain seq x y z
N GLN A 9 -20.38 10.61 14.91
CA GLN A 9 -18.92 10.76 15.24
C GLN A 9 -18.49 12.14 15.72
N LEU A 10 -17.28 12.15 16.26
CA LEU A 10 -16.66 13.35 16.74
C LEU A 10 -15.60 13.88 15.83
N GLY A 11 -15.53 13.46 14.57
CA GLY A 11 -14.55 14.03 13.65
C GLY A 11 -13.20 13.32 13.73
N ASN A 12 -12.28 13.73 12.88
CA ASN A 12 -11.02 13.01 12.71
C ASN A 12 -9.80 13.78 13.24
N LEU A 13 -10.00 14.89 13.94
CA LEU A 13 -8.89 15.67 14.46
C LEU A 13 -8.30 14.86 15.61
N PRO A 14 -7.00 14.51 15.52
CA PRO A 14 -6.40 13.77 16.62
C PRO A 14 -6.50 14.54 17.96
N GLY A 15 -6.81 13.78 19.00
CA GLY A 15 -7.07 14.33 20.32
C GLY A 15 -8.53 14.40 20.68
N VAL A 16 -9.41 14.52 19.69
CA VAL A 16 -10.81 14.73 19.97
C VAL A 16 -11.40 13.68 20.88
N THR A 17 -10.97 12.42 20.74
CA THR A 17 -11.52 11.31 21.51
C THR A 17 -11.09 11.37 22.96
N SER A 18 -10.06 12.15 23.25
CA SER A 18 -9.62 12.34 24.64
C SER A 18 -10.40 13.40 25.38
N MET A 19 -11.07 14.29 24.65
CA MET A 19 -11.70 15.44 25.26
C MET A 19 -12.96 15.04 26.02
N GLY A 20 -13.10 15.59 27.22
CA GLY A 20 -14.25 15.32 28.03
C GLY A 20 -14.29 13.92 28.60
N MET A 21 -13.16 13.23 28.61
CA MET A 21 -13.07 11.91 29.19
C MET A 21 -12.68 12.10 30.63
N GLY A 22 -13.18 11.21 31.49
CA GLY A 22 -12.60 11.05 32.81
C GLY A 22 -11.12 10.73 32.76
N TYR A 23 -10.39 11.17 33.79
CA TYR A 23 -8.96 10.93 33.86
C TYR A 23 -8.57 10.36 35.20
N ASP A 24 -7.69 9.38 35.17
CA ASP A 24 -7.10 8.84 36.38
C ASP A 24 -5.98 9.78 36.82
N VAL A 25 -6.31 10.67 37.75
CA VAL A 25 -5.34 11.65 38.25
C VAL A 25 -4.17 11.02 39.00
N ASN A 26 -4.33 9.74 39.37
CA ASN A 26 -3.26 8.96 39.97
C ASN A 26 -2.51 8.09 38.97
N GLY A 27 -2.76 8.29 37.68
CA GLY A 27 -2.20 7.43 36.62
C GLY A 27 -0.94 8.01 36.01
N LEU A 28 -0.86 8.04 34.68
CA LEU A 28 0.30 8.65 34.02
C LEU A 28 0.06 10.13 33.81
N TYR A 29 1.13 10.88 33.56
CA TYR A 29 1.04 12.28 33.26
C TYR A 29 0.58 12.42 31.80
N ALA A 30 -0.53 13.13 31.62
CA ALA A 30 -1.05 13.52 30.30
C ALA A 30 -0.80 12.47 29.23
N SER A 31 -1.46 11.34 29.43
CA SER A 31 -1.40 10.23 28.50
C SER A 31 -2.80 9.71 28.24
N PRO A 32 -3.06 9.26 27.00
CA PRO A 32 -4.33 8.55 26.72
C PRO A 32 -4.49 7.27 27.51
N GLU A 33 -3.40 6.65 27.94
CA GLU A 33 -3.47 5.43 28.72
C GLU A 33 -4.20 5.62 30.04
N SER A 34 -4.24 6.83 30.58
CA SER A 34 -4.94 7.10 31.82
C SER A 34 -6.34 7.72 31.64
N LEU A 35 -6.86 7.73 30.40
CA LEU A 35 -8.25 8.06 30.16
C LEU A 35 -9.13 6.93 30.66
N LEU A 36 -10.33 7.28 31.09
CA LEU A 36 -11.27 6.35 31.71
C LEU A 36 -12.45 6.23 30.81
N GLY A 37 -13.14 5.11 30.93
CA GLY A 37 -13.99 4.56 29.87
C GLY A 37 -15.04 5.44 29.25
N GLN A 38 -16.06 5.77 30.05
CA GLN A 38 -17.29 6.43 29.54
C GLN A 38 -17.07 7.90 29.19
N PRO A 39 -17.41 8.32 27.95
CA PRO A 39 -17.51 9.77 27.67
C PRO A 39 -18.56 10.43 28.56
N LEU A 40 -18.27 11.63 29.04
CA LEU A 40 -19.13 12.32 29.99
C LEU A 40 -20.14 13.17 29.28
N PHE A 41 -19.80 13.63 28.08
CA PHE A 41 -20.57 14.66 27.43
C PHE A 41 -21.00 14.21 26.06
N ASP A 42 -22.04 14.88 25.57
CA ASP A 42 -22.56 14.72 24.23
C ASP A 42 -22.19 16.07 23.62
N PHE A 43 -21.24 16.07 22.68
CA PHE A 43 -20.68 17.31 22.16
C PHE A 43 -21.39 17.91 20.94
N GLY A 44 -22.53 17.31 20.57
CA GLY A 44 -23.28 17.69 19.39
C GLY A 44 -22.66 17.01 18.17
N GLY A 45 -23.52 16.70 17.21
CA GLY A 45 -23.09 16.06 15.97
C GLY A 45 -22.61 17.04 14.92
N GLU A 46 -22.78 18.35 15.16
CA GLU A 46 -22.29 19.34 14.24
C GLU A 46 -20.76 19.45 14.39
N LEU A 47 -20.10 19.54 13.25
CA LEU A 47 -18.65 19.53 13.19
C LEU A 47 -18.14 20.75 12.43
N ASP A 48 -17.01 21.27 12.92
CA ASP A 48 -16.27 22.26 12.20
C ASP A 48 -15.18 21.53 11.45
N SER A 49 -14.67 22.20 10.43
CA SER A 49 -13.45 21.74 9.81
C SER A 49 -12.39 22.81 9.90
N ILE A 50 -11.17 22.35 9.94
CA ILE A 50 -10.01 23.21 10.13
C ILE A 50 -8.88 22.67 9.26
N GLU A 51 -8.09 23.60 8.71
CA GLU A 51 -6.88 23.28 7.98
C GLU A 51 -5.66 23.42 8.88
N ILE A 52 -4.86 22.35 8.93
CA ILE A 52 -3.66 22.28 9.72
C ILE A 52 -2.58 21.69 8.83
N GLU A 53 -1.64 22.53 8.42
CA GLU A 53 -0.53 22.12 7.57
C GLU A 53 -0.98 21.32 6.34
N GLY A 54 -1.91 21.90 5.60
CA GLY A 54 -2.34 21.33 4.34
C GLY A 54 -3.42 20.29 4.45
N ARG A 55 -3.70 19.79 5.65
CA ARG A 55 -4.70 18.75 5.81
C ARG A 55 -5.97 19.26 6.47
N SER A 56 -7.08 18.62 6.11
CA SER A 56 -8.37 18.95 6.68
C SER A 56 -8.74 18.04 7.83
N TYR A 57 -9.22 18.65 8.90
CA TYR A 57 -9.63 17.91 10.07
C TYR A 57 -10.99 18.36 10.49
N THR A 58 -11.77 17.46 11.08
CA THR A 58 -13.05 17.81 11.65
C THR A 58 -13.06 17.54 13.15
N PHE A 59 -13.93 18.25 13.85
CA PHE A 59 -14.06 18.11 15.31
C PHE A 59 -15.39 18.75 15.69
N PRO A 60 -15.91 18.45 16.89
CA PRO A 60 -17.18 19.05 17.29
C PRO A 60 -17.10 20.57 17.43
N ARG A 61 -18.12 21.26 16.89
CA ARG A 61 -18.26 22.72 17.00
C ARG A 61 -18.15 23.23 18.43
N SER A 62 -18.63 22.43 19.38
CA SER A 62 -18.54 22.81 20.78
C SER A 62 -17.11 22.85 21.34
N MET A 63 -16.13 22.28 20.64
CA MET A 63 -14.74 22.35 21.11
C MET A 63 -14.07 23.45 20.36
N HIS A 64 -13.00 23.96 20.96
CA HIS A 64 -12.17 24.98 20.33
C HIS A 64 -10.80 24.38 20.10
N VAL A 65 -10.23 24.72 18.94
CA VAL A 65 -8.92 24.27 18.57
C VAL A 65 -8.06 25.48 18.38
N HIS A 66 -6.88 25.44 18.99
CA HIS A 66 -5.83 26.43 18.83
C HIS A 66 -4.59 25.76 18.34
N THR A 67 -4.21 25.99 17.10
CA THR A 67 -2.96 25.41 16.57
C THR A 67 -1.82 26.24 17.09
N TYR A 68 -0.75 25.59 17.53
CA TYR A 68 0.48 26.27 17.91
C TYR A 68 1.61 25.25 17.74
N PHE A 69 2.24 25.24 16.58
CA PHE A 69 3.31 24.30 16.33
C PHE A 69 4.56 24.77 17.05
N HIS A 70 4.82 24.20 18.23
CA HIS A 70 6.00 24.56 19.01
C HIS A 70 6.35 23.52 20.07
N SER A 71 7.54 23.69 20.67
CA SER A 71 8.12 22.81 21.70
C SER A 71 8.11 23.48 23.08
N ASP A 72 7.46 22.84 24.05
CA ASP A 72 7.55 23.24 25.46
C ASP A 72 8.56 22.32 26.09
N PHE A 73 9.53 22.91 26.78
CA PHE A 73 10.54 22.17 27.50
C PHE A 73 10.30 22.35 28.98
N LYS A 74 10.26 21.26 29.73
CA LYS A 74 9.95 21.31 31.16
C LYS A 74 10.84 20.34 31.92
N GLN A 75 11.28 20.74 33.10
CA GLN A 75 12.02 19.86 33.99
C GLN A 75 11.46 19.90 35.40
N ASP A 76 11.24 18.72 35.96
CA ASP A 76 10.98 18.58 37.40
C ASP A 76 12.14 17.79 37.95
N VAL A 77 12.89 18.42 38.85
CA VAL A 77 14.10 17.87 39.40
C VAL A 77 14.08 18.03 40.92
N SER A 78 14.45 16.96 41.61
CA SER A 78 14.57 17.03 43.05
C SER A 78 15.39 15.88 43.63
N LYS A 79 16.08 16.21 44.72
CA LYS A 79 16.78 15.22 45.54
C LYS A 79 15.85 14.39 46.41
N GLU A 80 14.59 14.85 46.52
CA GLU A 80 13.64 14.30 47.45
C GLU A 80 12.41 13.84 46.62
N ILE A 81 12.13 12.54 46.64
CA ILE A 81 11.09 11.94 45.78
C ILE A 81 9.71 12.60 45.96
N GLU A 82 9.34 12.94 47.20
CA GLU A 82 8.03 13.54 47.46
C GLU A 82 7.93 14.96 46.88
N GLU A 83 9.06 15.66 46.83
CA GLU A 83 9.07 16.99 46.25
C GLU A 83 8.99 16.86 44.71
N TYR A 84 9.69 15.87 44.15
CA TYR A 84 9.56 15.56 42.73
C TYR A 84 8.11 15.33 42.34
N ARG A 85 7.42 14.48 43.10
CA ARG A 85 6.01 14.21 42.90
C ARG A 85 5.16 15.46 42.93
N GLU A 86 5.41 16.36 43.88
CA GLU A 86 4.68 17.63 43.97
C GLU A 86 4.94 18.48 42.76
N LYS A 87 6.21 18.58 42.38
CA LYS A 87 6.60 19.43 41.26
C LYS A 87 5.92 18.95 39.98
N MET A 88 5.89 17.65 39.79
CA MET A 88 5.23 17.05 38.64
C MET A 88 3.72 17.29 38.59
N SER A 89 3.09 17.49 39.74
CA SER A 89 1.65 17.74 39.84
C SER A 89 1.19 19.18 39.71
N GLN A 90 2.14 20.12 39.59
CA GLN A 90 1.82 21.54 39.55
C GLN A 90 1.15 21.89 38.23
N HIS A 91 0.22 22.82 38.32
CA HIS A 91 -0.28 23.54 37.16
C HIS A 91 -0.94 22.61 36.13
N VAL A 92 -1.77 21.70 36.62
CA VAL A 92 -2.58 20.87 35.74
C VAL A 92 -4.07 20.98 36.00
N GLY A 93 -4.46 21.89 36.91
CA GLY A 93 -5.87 22.13 37.21
C GLY A 93 -6.43 21.45 38.44
N VAL A 94 -5.63 20.61 39.09
CA VAL A 94 -6.13 19.96 40.29
C VAL A 94 -5.85 20.86 41.49
N SER A 95 -6.90 21.46 41.99
CA SER A 95 -6.87 22.24 43.22
C SER A 95 -6.47 21.38 44.41
N GLY A 96 -5.82 22.02 45.38
CA GLY A 96 -5.19 21.34 46.49
C GLY A 96 -3.72 21.21 46.17
N ARG A 97 -3.00 20.50 47.01
CA ARG A 97 -1.57 20.35 46.86
C ARG A 97 -1.34 18.84 46.81
N TYR A 98 -2.05 18.16 45.90
CA TYR A 98 -1.98 16.71 45.81
C TYR A 98 -0.78 16.27 44.99
N LYS A 99 -0.22 15.12 45.38
CA LYS A 99 0.76 14.41 44.57
C LYS A 99 0.03 13.52 43.57
N LEU A 100 0.03 13.99 42.32
CA LEU A 100 -0.70 13.34 41.24
C LEU A 100 0.23 12.48 40.44
N PHE A 101 -0.37 11.69 39.55
CA PHE A 101 0.36 10.91 38.55
C PHE A 101 1.34 9.90 39.15
N SER A 102 0.92 9.24 40.22
CA SER A 102 1.77 8.26 40.94
C SER A 102 2.20 7.09 40.06
N ALA A 103 1.38 6.69 39.09
CA ALA A 103 1.75 5.57 38.23
C ALA A 103 2.93 5.88 37.29
N SER A 104 3.18 7.16 37.01
CA SER A 104 4.32 7.54 36.16
C SER A 104 5.66 7.31 36.83
N LEU A 105 5.70 7.33 38.16
CA LEU A 105 6.93 7.04 38.92
C LEU A 105 7.61 5.75 38.50
N SER A 106 6.86 4.66 38.41
CA SER A 106 7.45 3.37 38.02
C SER A 106 7.65 3.25 36.53
N VAL A 107 6.96 4.07 35.75
CA VAL A 107 7.27 4.25 34.35
C VAL A 107 8.65 4.93 34.24
N ASP A 108 8.87 5.98 35.01
CA ASP A 108 10.09 6.81 34.91
C ASP A 108 11.32 6.29 35.66
N PHE A 109 11.11 5.59 36.77
CA PHE A 109 12.19 5.20 37.68
C PHE A 109 12.01 3.76 38.16
N THR A 110 13.09 3.06 38.40
CA THR A 110 13.01 1.73 39.00
C THR A 110 12.48 1.89 40.41
N THR A 111 11.85 0.83 40.90
CA THR A 111 11.34 0.85 42.22
C THR A 111 12.48 0.96 43.27
N THR A 112 13.64 0.36 42.99
CA THR A 112 14.79 0.52 43.85
C THR A 112 15.21 2.01 44.01
N ASP A 113 15.39 2.70 42.87
CA ASP A 113 15.78 4.12 42.87
C ASP A 113 14.77 5.00 43.56
N GLN A 114 13.49 4.66 43.44
CA GLN A 114 12.46 5.42 44.12
C GLN A 114 12.65 5.39 45.63
N GLN A 115 13.00 4.22 46.13
CA GLN A 115 13.14 4.01 47.56
C GLN A 115 14.53 4.41 48.08
N LEU A 116 15.56 4.29 47.26
CA LEU A 116 16.88 4.76 47.67
C LEU A 116 16.90 6.25 47.98
N THR A 117 17.85 6.61 48.82
CA THR A 117 18.06 7.96 49.22
C THR A 117 19.35 8.39 48.51
N GLU A 118 19.69 9.69 48.53
CA GLU A 118 20.82 10.22 47.73
C GLU A 118 20.68 10.07 46.20
N ILE A 119 19.44 9.85 45.73
CA ILE A 119 19.15 9.78 44.30
C ILE A 119 18.47 11.10 43.96
N THR A 120 18.86 11.64 42.82
CA THR A 120 18.19 12.80 42.26
C THR A 120 17.26 12.30 41.15
N TYR A 121 16.01 12.75 41.23
CA TYR A 121 14.97 12.35 40.33
C TYR A 121 14.76 13.51 39.36
N SER A 122 14.91 13.26 38.06
CA SER A 122 14.65 14.28 37.06
C SER A 122 13.70 13.75 36.01
N SER A 123 12.75 14.58 35.62
CA SER A 123 11.96 14.36 34.41
C SER A 123 12.23 15.52 33.49
N THR A 124 12.85 15.25 32.35
CA THR A 124 13.10 16.26 31.35
C THR A 124 12.17 15.95 30.18
N ARG A 125 11.16 16.82 29.99
CA ARG A 125 10.08 16.59 29.02
C ARG A 125 10.11 17.61 27.92
N GLU A 126 10.07 17.12 26.69
CA GLU A 126 9.99 17.99 25.54
C GLU A 126 8.68 17.66 24.87
N ALA A 127 7.77 18.61 24.94
CA ALA A 127 6.42 18.43 24.44
C ALA A 127 6.34 19.12 23.07
N HIS A 128 6.03 18.33 22.03
CA HIS A 128 5.90 18.84 20.68
C HIS A 128 4.42 19.07 20.42
N VAL A 129 3.94 20.26 20.74
CA VAL A 129 2.53 20.57 20.62
C VAL A 129 2.20 20.90 19.19
N LEU A 130 1.17 20.27 18.65
CA LEU A 130 0.62 20.67 17.36
C LEU A 130 -0.58 21.61 17.59
N TRP A 131 -1.50 21.21 18.47
CA TRP A 131 -2.62 22.07 18.83
C TRP A 131 -3.12 21.76 20.21
N TYR A 132 -3.94 22.68 20.73
CA TYR A 132 -4.67 22.50 21.95
C TYR A 132 -6.12 22.31 21.56
N ILE A 133 -6.82 21.45 22.28
CA ILE A 133 -8.27 21.35 22.17
C ILE A 133 -8.77 21.74 23.54
N SER A 134 -9.85 22.52 23.58
CA SER A 134 -10.43 22.94 24.86
C SER A 134 -11.93 22.87 24.78
N LEU A 135 -12.53 22.57 25.93
CA LEU A 135 -13.96 22.46 26.08
C LEU A 135 -14.55 23.74 26.69
N PRO A 136 -15.88 23.87 26.63
CA PRO A 136 -16.55 24.89 27.41
C PRO A 136 -16.33 24.71 28.92
N GLY A 137 -16.69 25.77 29.65
CA GLY A 137 -16.65 25.77 31.11
C GLY A 137 -17.69 24.85 31.67
N ALA A 138 -17.52 24.48 32.93
CA ALA A 138 -18.45 23.62 33.67
C ALA A 138 -19.91 23.95 33.46
N ALA A 139 -20.20 25.24 33.53
CA ALA A 139 -21.59 25.69 33.45
C ALA A 139 -22.23 25.47 32.08
N THR A 140 -21.44 25.51 31.02
CA THR A 140 -21.95 25.22 29.68
C THR A 140 -22.13 23.71 29.51
N LEU A 141 -21.14 22.96 30.01
CA LEU A 141 -21.15 21.50 29.89
C LEU A 141 -22.27 20.85 30.68
N ARG A 142 -22.75 21.53 31.72
CA ARG A 142 -23.86 21.04 32.54
C ARG A 142 -25.06 20.63 31.73
N SER A 143 -25.33 21.34 30.64
CA SER A 143 -26.43 20.98 29.72
C SER A 143 -26.06 19.95 28.64
N MET A 144 -24.85 19.40 28.70
CA MET A 144 -24.33 18.52 27.66
C MET A 144 -23.93 17.16 28.21
N LEU A 145 -24.44 16.80 29.40
CA LEU A 145 -24.05 15.58 30.05
C LEU A 145 -24.74 14.40 29.40
N ARG A 146 -24.05 13.27 29.33
CA ARG A 146 -24.70 12.04 28.86
C ARG A 146 -25.66 11.61 29.96
N ARG A 147 -26.65 10.85 29.56
CA ARG A 147 -27.78 10.52 30.42
C ARG A 147 -27.34 9.84 31.72
N ASP A 148 -26.65 8.70 31.65
CA ASP A 148 -26.34 7.96 32.89
C ASP A 148 -25.33 8.70 33.80
N PHE A 149 -24.41 9.46 33.21
CA PHE A 149 -23.53 10.28 34.00
C PHE A 149 -24.32 11.37 34.73
N ARG A 150 -25.20 12.08 34.02
CA ARG A 150 -26.08 13.06 34.67
C ARG A 150 -26.85 12.44 35.85
N ASP A 151 -27.41 11.25 35.65
CA ASP A 151 -28.22 10.61 36.69
C ASP A 151 -27.35 10.30 37.90
N ASP A 152 -26.21 9.63 37.67
CA ASP A 152 -25.29 9.28 38.76
C ASP A 152 -24.73 10.49 39.47
N LEU A 153 -24.25 11.44 38.68
CA LEU A 153 -23.67 12.68 39.20
C LEU A 153 -24.61 13.40 40.14
N ASN A 154 -25.88 13.49 39.76
CA ASN A 154 -26.87 14.28 40.50
C ASN A 154 -27.73 13.47 41.53
N ASN A 155 -27.69 12.14 41.47
CA ASN A 155 -28.37 11.27 42.45
C ASN A 155 -27.69 11.43 43.82
N PRO A 156 -28.44 11.90 44.85
CA PRO A 156 -27.78 12.08 46.17
C PRO A 156 -27.44 10.75 46.89
N ASN A 157 -28.07 9.66 46.47
CA ASN A 157 -27.78 8.34 47.01
C ASN A 157 -26.64 7.61 46.32
N MET A 158 -26.07 8.21 45.28
CA MET A 158 -24.86 7.67 44.63
C MET A 158 -23.65 8.22 45.37
N PRO A 159 -22.93 7.35 46.13
CA PRO A 159 -21.83 7.94 46.91
C PRO A 159 -20.64 8.39 46.05
N ALA A 160 -19.94 9.41 46.55
CA ALA A 160 -18.76 9.96 45.88
C ALA A 160 -17.75 8.92 45.36
N MET A 161 -17.44 7.93 46.20
CA MET A 161 -16.45 6.91 45.81
C MET A 161 -16.85 6.14 44.54
N GLU A 162 -18.11 5.78 44.42
CA GLU A 162 -18.58 5.06 43.24
C GLU A 162 -18.55 5.96 42.04
N LEU A 163 -19.08 7.17 42.22
CA LEU A 163 -19.10 8.16 41.17
C LEU A 163 -17.69 8.33 40.64
N PHE A 164 -16.73 8.51 41.55
CA PHE A 164 -15.34 8.69 41.17
C PHE A 164 -14.71 7.45 40.53
N LYS A 165 -15.06 6.25 40.99
CA LYS A 165 -14.60 5.01 40.33
C LYS A 165 -15.18 4.91 38.91
N ARG A 166 -16.49 5.13 38.76
CA ARG A 166 -17.16 5.02 37.46
C ARG A 166 -16.68 6.03 36.42
N TYR A 167 -16.53 7.28 36.83
CA TYR A 167 -16.32 8.38 35.90
C TYR A 167 -14.98 9.09 35.97
N GLY A 168 -14.26 8.89 37.07
CA GLY A 168 -13.10 9.72 37.39
C GLY A 168 -13.52 10.99 38.11
N PRO A 169 -12.72 11.44 39.08
CA PRO A 169 -13.06 12.69 39.76
C PRO A 169 -12.81 13.94 38.91
N TYR A 170 -11.91 13.84 37.91
CA TYR A 170 -11.60 14.93 37.02
C TYR A 170 -11.76 14.47 35.59
N TYR A 171 -12.00 15.41 34.70
CA TYR A 171 -12.08 15.12 33.28
C TYR A 171 -11.17 16.04 32.49
N ILE A 172 -10.90 15.65 31.25
CA ILE A 172 -10.03 16.40 30.37
C ILE A 172 -10.82 17.55 29.77
N SER A 173 -10.48 18.76 30.18
CA SER A 173 -11.13 19.96 29.67
C SER A 173 -10.31 20.69 28.63
N GLU A 174 -9.00 20.55 28.72
CA GLU A 174 -8.09 21.17 27.78
C GLU A 174 -6.85 20.27 27.66
N ALA A 175 -6.36 20.06 26.45
CA ALA A 175 -5.16 19.24 26.28
C ALA A 175 -4.32 19.68 25.10
N ALA A 176 -3.02 19.50 25.27
CA ALA A 176 -2.08 19.66 24.20
C ALA A 176 -2.05 18.35 23.41
N VAL A 177 -2.07 18.49 22.09
CA VAL A 177 -2.00 17.35 21.21
C VAL A 177 -0.72 17.40 20.37
N GLY A 178 -0.05 16.28 20.30
CA GLY A 178 1.16 16.08 19.52
C GLY A 178 1.94 14.88 20.02
N GLY A 179 3.23 15.07 20.28
CA GLY A 179 4.01 14.04 20.96
C GLY A 179 4.91 14.60 21.99
N ARG A 180 5.19 13.82 23.02
CA ARG A 180 6.02 14.24 24.14
C ARG A 180 7.09 13.21 24.36
N LEU A 181 8.32 13.64 24.66
CA LEU A 181 9.33 12.72 25.16
C LEU A 181 9.65 13.06 26.59
N ASP A 182 9.75 12.02 27.43
CA ASP A 182 10.11 12.10 28.84
C ASP A 182 11.44 11.43 29.01
N TYR A 183 12.48 12.22 29.26
CA TYR A 183 13.80 11.71 29.52
C TYR A 183 13.93 11.75 31.01
N SER A 184 13.73 10.60 31.64
CA SER A 184 13.69 10.55 33.11
C SER A 184 14.94 9.90 33.68
N ALA A 185 15.51 10.49 34.72
CA ALA A 185 16.79 10.02 35.26
C ALA A 185 16.75 9.92 36.76
N ALA A 186 17.17 8.75 37.24
CA ALA A 186 17.52 8.56 38.64
C ALA A 186 19.04 8.68 38.73
N SER A 187 19.52 9.81 39.24
CA SER A 187 20.94 10.10 39.22
C SER A 187 21.52 9.95 40.63
N LYS A 188 22.70 9.31 40.70
CA LYS A 188 23.50 9.24 41.88
C LYS A 188 24.47 10.41 41.80
N THR A 189 24.04 11.60 42.25
CA THR A 189 24.85 12.81 42.01
C THR A 189 26.18 12.83 42.76
N LEU A 190 26.24 12.16 43.90
CA LEU A 190 27.44 12.07 44.71
C LEU A 190 28.58 11.34 43.98
N LYS A 191 28.27 10.62 42.91
CA LYS A 191 29.29 10.02 42.04
C LYS A 191 29.64 10.85 40.81
N MET A 192 29.29 12.14 40.79
CA MET A 192 29.09 12.86 39.53
C MET A 192 29.77 14.24 39.33
N ASP A 193 30.96 14.47 39.89
CA ASP A 193 31.76 15.69 39.57
C ASP A 193 30.89 16.94 39.65
N SER A 194 30.08 17.00 40.71
CA SER A 194 28.87 17.83 40.74
C SER A 194 29.22 19.32 41.00
N SER A 195 29.65 19.98 39.91
CA SER A 195 29.93 21.42 39.85
C SER A 195 28.78 22.17 39.13
N GLN A 196 28.52 21.78 37.87
CA GLN A 196 27.37 22.24 37.06
C GLN A 196 26.07 21.60 37.58
N SER A 197 24.95 22.31 37.50
CA SER A 197 23.66 21.82 38.06
C SER A 197 23.21 20.54 37.33
N LEU A 198 22.58 19.63 38.06
CA LEU A 198 22.10 18.35 37.52
C LEU A 198 21.06 18.58 36.43
N SER A 199 20.18 19.55 36.64
CA SER A 199 19.09 19.80 35.71
C SER A 199 19.62 20.26 34.33
N THR A 200 20.67 21.09 34.33
CA THR A 200 21.34 21.54 33.10
C THR A 200 22.04 20.37 32.41
N THR A 201 22.75 19.54 33.18
CA THR A 201 23.38 18.33 32.62
C THR A 201 22.36 17.38 31.99
N ALA A 202 21.21 17.25 32.64
CA ALA A 202 20.14 16.42 32.13
C ALA A 202 19.60 16.97 30.84
N GLU A 203 19.35 18.28 30.82
CA GLU A 203 18.94 19.02 29.63
C GLU A 203 19.91 18.78 28.47
N MET A 204 21.20 18.98 28.71
CA MET A 204 22.21 18.80 27.67
C MET A 204 22.28 17.37 27.20
N SER A 205 22.18 16.42 28.12
CA SER A 205 22.23 15.02 27.73
C SER A 205 21.07 14.71 26.79
N TYR A 206 19.87 15.14 27.19
CA TYR A 206 18.69 14.96 26.35
C TYR A 206 18.90 15.62 24.99
N LYS A 207 19.29 16.89 24.99
CA LYS A 207 19.46 17.65 23.75
C LYS A 207 20.52 17.10 22.81
N ALA A 208 21.59 16.53 23.35
CA ALA A 208 22.61 15.88 22.53
C ALA A 208 22.08 14.59 21.93
N LEU A 209 21.26 13.91 22.71
CA LEU A 209 20.70 12.63 22.31
C LEU A 209 19.82 12.76 21.09
N VAL A 210 18.96 13.77 21.09
CA VAL A 210 18.09 14.06 19.99
C VAL A 210 18.69 14.98 18.94
N GLY A 211 19.90 15.45 19.16
CA GLY A 211 20.62 16.22 18.15
C GLY A 211 20.28 17.70 18.13
N GLU A 212 19.57 18.20 19.13
CA GLU A 212 19.37 19.65 19.21
C GLU A 212 20.67 20.39 19.54
N ILE A 213 21.58 19.72 20.24
CA ILE A 213 22.97 20.16 20.30
C ILE A 213 23.86 19.02 19.82
N LYS A 214 25.05 19.39 19.34
CA LYS A 214 26.16 18.45 19.25
C LYS A 214 27.14 18.87 20.32
N ILE A 215 27.66 17.88 21.04
CA ILE A 215 28.63 18.13 22.10
C ILE A 215 29.98 17.78 21.48
N GLU A 216 30.94 18.68 21.67
CA GLU A 216 32.28 18.52 21.11
C GLU A 216 33.03 17.49 21.91
N HIS A 217 33.64 16.53 21.22
CA HIS A 217 34.46 15.50 21.86
C HIS A 217 35.56 16.19 22.68
N GLY A 218 35.88 15.63 23.84
CA GLY A 218 36.83 16.25 24.75
C GLY A 218 36.40 17.52 25.46
N SER A 219 35.13 17.91 25.38
CA SER A 219 34.68 19.13 26.06
C SER A 219 34.36 18.88 27.53
N GLU A 220 34.20 19.97 28.26
CA GLU A 220 33.72 19.92 29.61
C GLU A 220 32.29 19.38 29.62
N MET A 221 31.45 19.84 28.69
CA MET A 221 30.08 19.36 28.62
C MET A 221 30.02 17.86 28.37
N GLU A 222 30.91 17.32 27.52
CA GLU A 222 30.95 15.88 27.28
C GLU A 222 31.27 15.11 28.56
N LYS A 223 32.24 15.60 29.32
CA LYS A 223 32.59 14.96 30.55
C LYS A 223 31.37 14.93 31.48
N GLN A 224 30.72 16.08 31.65
CA GLN A 224 29.56 16.24 32.52
C GLN A 224 28.40 15.34 32.13
N VAL A 225 28.14 15.22 30.83
CA VAL A 225 27.04 14.38 30.32
C VAL A 225 27.39 12.88 30.45
N ASN A 226 28.64 12.52 30.14
CA ASN A 226 29.09 11.13 30.31
C ASN A 226 28.95 10.67 31.76
N SER A 227 29.32 11.56 32.67
CA SER A 227 29.19 11.33 34.09
C SER A 227 27.73 11.10 34.51
N PHE A 228 26.85 11.95 33.99
CA PHE A 228 25.40 11.85 34.21
C PHE A 228 24.85 10.49 33.75
N ARG A 229 25.17 10.16 32.51
CA ARG A 229 24.66 8.93 31.92
C ARG A 229 25.14 7.66 32.62
N SER A 230 26.44 7.56 32.87
CA SER A 230 27.00 6.34 33.48
C SER A 230 26.73 6.23 34.99
N ASN A 231 26.35 7.33 35.64
CA ASN A 231 25.87 7.28 37.05
C ASN A 231 24.38 7.55 37.24
N SER A 232 23.58 7.39 36.17
CA SER A 232 22.11 7.43 36.29
C SER A 232 21.45 6.24 35.60
N THR A 233 20.30 5.86 36.14
CA THR A 233 19.33 5.05 35.40
C THR A 233 18.42 6.01 34.60
N ILE A 234 18.45 5.82 33.28
CA ILE A 234 17.82 6.74 32.34
C ILE A 234 16.78 5.98 31.52
N ARG A 235 15.60 6.56 31.40
CA ARG A 235 14.55 6.06 30.50
C ARG A 235 14.04 7.15 29.59
N LEU A 236 13.58 6.74 28.42
CA LEU A 236 12.93 7.62 27.47
C LEU A 236 11.53 7.05 27.17
N THR A 237 10.48 7.80 27.53
CA THR A 237 9.10 7.40 27.28
C THR A 237 8.43 8.41 26.36
N ALA A 238 7.75 7.89 25.34
CA ALA A 238 7.10 8.73 24.34
C ALA A 238 5.59 8.67 24.58
N THR A 239 4.95 9.82 24.62
CA THR A 239 3.49 9.86 24.61
C THR A 239 3.12 10.52 23.30
N GLY A 240 2.50 9.74 22.43
CA GLY A 240 2.16 10.19 21.09
C GLY A 240 3.38 10.01 20.21
N GLY A 241 3.19 10.17 18.92
CA GLY A 241 4.28 9.93 17.97
C GLY A 241 4.38 8.48 17.57
N LYS A 242 5.20 8.24 16.56
CA LYS A 242 5.42 6.88 16.05
C LYS A 242 5.91 5.98 17.18
N PRO A 243 5.27 4.80 17.37
CA PRO A 243 5.66 3.95 18.49
C PRO A 243 6.95 3.19 18.21
N GLY A 244 7.59 2.72 19.28
CA GLY A 244 8.80 1.92 19.19
C GLY A 244 10.03 2.68 18.74
N MET A 245 10.04 3.99 18.95
CA MET A 245 11.20 4.80 18.59
C MET A 245 12.11 5.11 19.75
N THR A 246 11.64 4.91 20.99
CA THR A 246 12.40 5.43 22.10
C THR A 246 13.68 4.66 22.32
N ASP A 247 13.66 3.34 22.09
CA ASP A 247 14.87 2.51 22.24
C ASP A 247 16.00 2.97 21.30
N ARG A 248 15.69 3.24 20.05
CA ARG A 248 16.70 3.78 19.12
C ARG A 248 17.16 5.20 19.50
N ILE A 249 16.28 6.06 20.00
CA ILE A 249 16.68 7.42 20.39
C ILE A 249 17.59 7.33 21.61
N LEU A 250 17.26 6.46 22.53
CA LEU A 250 17.99 6.38 23.78
C LEU A 250 19.36 5.76 23.60
N HIS A 251 19.39 4.58 22.97
CA HIS A 251 20.61 3.76 22.84
C HIS A 251 21.12 3.66 21.43
N GLY A 252 20.26 3.14 20.56
CA GLY A 252 20.62 2.53 19.27
C GLY A 252 21.41 3.40 18.34
N PRO A 253 21.82 2.83 17.20
CA PRO A 253 22.81 3.39 16.25
C PRO A 253 22.67 4.88 15.95
N ASP A 254 21.53 5.34 15.43
CA ASP A 254 21.42 6.73 15.05
C ASP A 254 20.25 7.43 15.72
N SER A 255 20.52 7.99 16.89
CA SER A 255 19.50 8.50 17.74
C SER A 255 18.92 9.81 17.22
N GLN A 256 19.75 10.65 16.63
CA GLN A 256 19.34 11.94 16.07
C GLN A 256 18.40 11.72 14.88
N GLN A 257 18.66 10.71 14.04
CA GLN A 257 17.78 10.33 12.93
C GLN A 257 16.49 9.71 13.42
N ALA A 258 16.62 8.78 14.38
CA ALA A 258 15.43 8.15 14.99
C ALA A 258 14.54 9.20 15.63
N PHE A 259 15.14 10.20 16.27
CA PHE A 259 14.37 11.27 16.86
C PHE A 259 13.67 12.10 15.78
N SER A 260 14.38 12.45 14.69
CA SER A 260 13.79 13.25 13.63
C SER A 260 12.67 12.48 12.93
N GLN A 261 12.75 11.15 12.89
CA GLN A 261 11.63 10.35 12.37
C GLN A 261 10.39 10.45 13.27
N TRP A 262 10.60 10.37 14.58
CA TRP A 262 9.54 10.54 15.57
C TRP A 262 8.96 11.95 15.46
N ALA A 263 9.80 12.95 15.39
CA ALA A 263 9.36 14.35 15.29
C ALA A 263 8.56 14.64 14.04
N GLU A 264 9.01 14.18 12.88
CA GLU A 264 8.24 14.38 11.64
C GLU A 264 6.99 13.48 11.56
N SER A 265 6.94 12.39 12.32
CA SER A 265 5.77 11.54 12.39
C SER A 265 4.59 12.12 13.21
N LEU A 266 4.82 13.19 13.97
CA LEU A 266 3.85 13.59 14.99
C LEU A 266 2.46 13.87 14.45
N LEU A 267 2.38 14.45 13.25
CA LEU A 267 1.07 14.73 12.68
C LEU A 267 0.20 13.52 12.48
N ASP A 268 0.81 12.40 12.19
CA ASP A 268 0.09 11.16 11.91
C ASP A 268 -0.14 10.36 13.19
N TYR A 269 0.60 10.66 14.24
CA TYR A 269 0.50 9.91 15.48
C TYR A 269 0.19 10.77 16.69
N ALA A 270 -0.36 11.97 16.47
CA ALA A 270 -0.60 12.91 17.56
C ALA A 270 -1.64 12.38 18.53
N THR A 271 -1.37 12.58 19.82
CA THR A 271 -2.33 12.30 20.89
C THR A 271 -2.24 13.38 21.93
N LEU A 272 -3.18 13.36 22.87
CA LEU A 272 -3.09 14.13 24.07
C LEU A 272 -1.75 13.75 24.65
N MET A 273 -0.96 14.75 24.99
CA MET A 273 0.34 14.52 25.57
C MET A 273 0.81 15.57 26.57
N ASP A 274 0.00 16.58 26.89
CA ASP A 274 0.41 17.56 27.86
C ASP A 274 -0.79 18.29 28.43
N PHE A 275 -0.61 18.80 29.64
CA PHE A 275 -1.62 19.49 30.37
C PHE A 275 -1.15 20.90 30.63
N SER A 276 -2.12 21.81 30.69
CA SER A 276 -1.92 23.17 31.10
C SER A 276 -2.63 23.35 32.45
N THR A 277 -2.63 24.57 32.98
CA THR A 277 -3.27 24.83 34.26
C THR A 277 -4.77 24.56 34.24
N GLU A 278 -5.40 24.55 33.07
CA GLU A 278 -6.85 24.33 32.95
C GLU A 278 -7.26 22.92 32.48
N SER A 279 -6.29 22.00 32.37
CA SER A 279 -6.55 20.72 31.69
C SER A 279 -7.53 19.84 32.42
N LEU A 280 -7.26 19.59 33.69
CA LEU A 280 -8.11 18.73 34.49
C LEU A 280 -9.13 19.57 35.25
N GLN A 281 -10.42 19.26 35.06
CA GLN A 281 -11.49 19.98 35.73
C GLN A 281 -12.30 18.98 36.50
N PRO A 282 -12.75 19.35 37.71
CA PRO A 282 -13.46 18.39 38.55
C PRO A 282 -14.85 18.11 38.05
N ILE A 283 -15.30 16.87 38.19
CA ILE A 283 -16.69 16.53 37.85
C ILE A 283 -17.68 17.15 38.80
N TRP A 284 -17.26 17.42 40.04
CA TRP A 284 -18.20 18.00 41.01
C TRP A 284 -18.80 19.35 40.55
N ALA A 285 -17.99 20.21 39.93
CA ALA A 285 -18.48 21.47 39.34
C ALA A 285 -19.64 21.29 38.34
N LEU A 286 -19.82 20.08 37.81
CA LEU A 286 -20.91 19.77 36.89
C LEU A 286 -22.25 19.42 37.54
N ALA A 287 -22.23 19.18 38.86
CA ALA A 287 -23.45 18.80 39.55
C ALA A 287 -24.41 19.99 39.62
N ASP A 288 -25.71 19.72 39.50
CA ASP A 288 -26.76 20.78 39.53
C ASP A 288 -26.80 21.55 40.85
N LYS A 289 -26.84 20.82 41.97
CA LYS A 289 -27.03 21.43 43.29
C LYS A 289 -25.69 21.75 43.97
N PRO A 290 -25.54 22.96 44.53
CA PRO A 290 -24.34 23.27 45.33
C PRO A 290 -24.01 22.28 46.48
N GLU A 291 -25.02 21.64 47.05
CA GLU A 291 -24.85 20.69 48.15
C GLU A 291 -24.13 19.44 47.64
N ARG A 292 -24.48 19.05 46.41
CA ARG A 292 -23.90 17.89 45.74
C ARG A 292 -22.46 18.18 45.28
N ARG A 293 -22.21 19.39 44.76
CA ARG A 293 -20.86 19.83 44.40
C ARG A 293 -19.95 19.74 45.58
N VAL A 294 -20.47 20.14 46.73
CA VAL A 294 -19.69 20.23 47.93
C VAL A 294 -19.45 18.83 48.47
N GLU A 295 -20.47 17.97 48.53
CA GLU A 295 -20.25 16.65 49.13
C GLU A 295 -19.29 15.81 48.29
N LEU A 296 -19.37 15.95 46.97
CA LEU A 296 -18.42 15.28 46.09
C LEU A 296 -17.02 15.81 46.29
N GLU A 297 -16.87 17.13 46.35
CA GLU A 297 -15.56 17.72 46.61
C GLU A 297 -14.94 17.33 47.96
N ASP A 298 -15.78 17.23 48.99
CA ASP A 298 -15.32 16.81 50.34
C ASP A 298 -14.79 15.39 50.35
N ALA A 299 -15.31 14.56 49.46
CA ALA A 299 -14.89 13.18 49.40
C ALA A 299 -13.56 12.97 48.65
N PHE A 300 -13.04 14.03 48.01
CA PHE A 300 -11.82 13.86 47.22
C PHE A 300 -10.60 13.46 48.07
N PRO A 301 -10.41 14.06 49.26
CA PRO A 301 -9.30 13.60 50.10
C PRO A 301 -9.27 12.12 50.37
N GLU A 302 -10.42 11.52 50.65
CA GLU A 302 -10.42 10.06 50.92
C GLU A 302 -10.22 9.26 49.65
N PHE A 303 -10.77 9.70 48.51
CA PHE A 303 -10.45 9.07 47.23
C PHE A 303 -8.93 9.02 47.00
N MET A 304 -8.25 10.11 47.34
CA MET A 304 -6.81 10.28 47.12
C MET A 304 -5.90 9.73 48.22
N LYS A 305 -6.47 9.30 49.34
CA LYS A 305 -5.69 8.88 50.52
C LYS A 305 -4.60 7.87 50.17
N GLN A 306 -4.97 6.74 49.58
CA GLN A 306 -4.00 5.72 49.18
C GLN A 306 -2.85 6.29 48.33
N SER A 307 -3.20 7.17 47.38
CA SER A 307 -2.20 7.73 46.46
C SER A 307 -1.22 8.67 47.14
N GLN A 308 -1.64 9.33 48.22
CA GLN A 308 -0.79 10.30 48.91
C GLN A 308 0.19 9.70 49.91
N GLN A 309 0.20 8.38 50.13
CA GLN A 309 1.20 7.76 51.00
C GLN A 309 2.59 8.08 50.45
N SER A 310 3.53 8.33 51.35
CA SER A 310 4.93 8.54 50.99
C SER A 310 5.53 7.27 50.40
N ILE A 311 6.53 7.47 49.54
CA ILE A 311 7.31 6.37 49.01
C ILE A 311 8.19 5.91 50.16
N PRO A 312 8.26 4.60 50.40
CA PRO A 312 9.17 4.13 51.44
C PRO A 312 10.65 4.39 51.08
N LYS A 313 11.44 4.86 52.05
CA LYS A 313 12.84 5.22 51.81
C LYS A 313 13.80 4.35 52.59
N VAL A 314 14.95 4.06 51.97
CA VAL A 314 16.08 3.41 52.61
C VAL A 314 17.00 4.56 53.02
N ASP A 315 16.85 5.00 54.26
CA ASP A 315 17.74 6.00 54.86
C ASP A 315 19.06 5.39 55.37
N LYS A 316 19.03 4.10 55.73
CA LYS A 316 20.18 3.42 56.29
C LYS A 316 21.05 2.95 55.13
N VAL A 317 22.01 3.79 54.73
CA VAL A 317 22.81 3.51 53.52
C VAL A 317 24.25 3.15 53.76
N LEU A 318 24.69 3.21 55.01
CA LEU A 318 26.03 2.76 55.38
C LEU A 318 25.89 1.48 56.16
N LEU A 319 26.54 0.45 55.65
CA LEU A 319 26.62 -0.83 56.32
C LEU A 319 27.82 -0.76 57.23
N MET A 320 27.56 -0.85 58.54
CA MET A 320 28.61 -0.80 59.56
C MET A 320 29.06 -2.19 60.05
N ASP A 321 30.35 -2.32 60.25
CA ASP A 321 30.95 -3.38 61.02
C ASP A 321 31.64 -2.69 62.20
N ALA A 322 31.03 -2.80 63.40
CA ALA A 322 31.49 -2.08 64.58
C ALA A 322 32.68 -2.73 65.29
N ARG A 323 32.96 -4.01 65.00
CA ARG A 323 34.04 -4.74 65.66
C ARG A 323 34.98 -5.38 64.62
N PRO A 324 35.62 -4.57 63.75
CA PRO A 324 36.59 -5.14 62.85
C PRO A 324 37.91 -5.45 63.57
N PRO A 325 38.80 -6.21 62.93
CA PRO A 325 40.11 -6.42 63.53
C PRO A 325 40.88 -5.10 63.65
N MET A 326 41.45 -4.84 64.82
CA MET A 326 42.24 -3.64 65.04
C MET A 326 43.71 -4.00 65.04
N VAL A 327 44.47 -3.29 64.22
CA VAL A 327 45.90 -3.54 64.03
C VAL A 327 46.62 -2.28 64.50
N LYS A 328 47.77 -2.45 65.14
CA LYS A 328 48.47 -1.33 65.73
C LYS A 328 49.15 -0.50 64.66
N ALA A 329 49.02 0.82 64.79
CA ALA A 329 49.53 1.74 63.81
C ALA A 329 50.43 2.82 64.43
N GLY A 330 51.11 2.48 65.52
CA GLY A 330 52.14 3.31 66.13
C GLY A 330 51.91 3.60 67.62
N GLU A 331 53.02 3.95 68.28
CA GLU A 331 53.07 4.47 69.63
C GLU A 331 53.89 5.75 69.62
N ASP A 332 53.65 6.63 70.59
CA ASP A 332 54.51 7.80 70.79
C ASP A 332 55.80 7.55 71.57
N SER A 333 56.34 6.33 71.47
CA SER A 333 57.59 5.95 72.13
C SER A 333 58.69 6.77 71.51
N GLY A 334 59.48 7.40 72.38
CA GLY A 334 60.54 8.31 71.97
C GLY A 334 60.08 9.74 71.84
N SER A 335 58.78 10.03 71.99
CA SER A 335 58.29 11.39 71.76
C SER A 335 58.57 12.33 72.92
N GLY A 336 58.87 11.78 74.09
CA GLY A 336 59.02 12.57 75.30
C GLY A 336 57.73 13.15 75.85
N ALA A 337 56.58 12.82 75.28
CA ALA A 337 55.31 13.28 75.83
C ALA A 337 55.08 12.52 77.14
N SER A 338 54.53 13.20 78.13
CA SER A 338 54.30 12.61 79.45
C SER A 338 53.45 11.38 79.24
N GLU A 339 52.31 11.59 78.56
CA GLU A 339 51.37 10.50 78.32
C GLU A 339 51.78 9.57 77.20
N ASP A 340 51.33 8.34 77.31
CA ASP A 340 51.53 7.32 76.28
C ASP A 340 50.37 7.45 75.29
N LEU A 341 50.66 7.21 74.01
CA LEU A 341 49.65 7.17 72.96
C LEU A 341 49.91 5.95 72.11
N ALA A 342 48.88 5.16 71.88
CA ALA A 342 48.90 4.16 70.85
C ALA A 342 47.63 4.34 69.99
N VAL A 343 47.80 4.09 68.69
CA VAL A 343 46.70 4.18 67.75
C VAL A 343 46.59 2.91 66.97
N PHE A 344 45.38 2.64 66.53
CA PHE A 344 45.06 1.39 65.88
C PHE A 344 44.16 1.68 64.67
N ASN A 345 44.50 1.07 63.54
CA ASN A 345 43.65 1.03 62.36
C ASN A 345 42.80 -0.22 62.35
N PRO A 346 41.54 -0.10 61.87
CA PRO A 346 40.74 -1.28 61.62
C PRO A 346 41.12 -1.87 60.27
N SER A 347 41.13 -3.18 60.19
CA SER A 347 41.42 -3.85 58.93
C SER A 347 40.18 -3.79 58.10
N THR A 348 40.38 -3.49 56.82
CA THR A 348 39.29 -3.31 55.87
C THR A 348 39.37 -4.29 54.72
N SER A 349 38.20 -4.67 54.20
CA SER A 349 38.07 -5.55 53.03
C SER A 349 36.63 -5.51 52.53
N ASN A 350 36.38 -6.13 51.37
CA ASN A 350 35.04 -6.29 50.80
C ASN A 350 34.29 -4.97 50.68
N GLY A 351 35.00 -3.91 50.30
CA GLY A 351 34.37 -2.60 50.16
C GLY A 351 34.01 -1.87 51.46
N TYR A 352 34.44 -2.40 52.61
CA TYR A 352 34.29 -1.67 53.87
C TYR A 352 35.45 -0.69 53.98
N LYS A 353 35.19 0.46 54.60
CA LYS A 353 36.15 1.57 54.59
C LYS A 353 36.40 2.13 55.98
N MET A 354 37.64 2.55 56.21
CA MET A 354 38.08 3.21 57.43
C MET A 354 37.65 4.64 57.42
N VAL A 355 37.20 5.12 58.59
CA VAL A 355 36.89 6.55 58.77
C VAL A 355 37.74 7.27 59.83
N GLY A 356 38.51 6.50 60.61
CA GLY A 356 39.33 7.06 61.69
C GLY A 356 40.13 6.02 62.41
N GLN A 357 41.12 6.49 63.18
CA GLN A 357 41.91 5.63 64.08
C GLN A 357 41.24 5.50 65.41
N PHE A 358 41.48 4.37 66.05
CA PHE A 358 41.19 4.26 67.47
C PHE A 358 42.41 4.72 68.27
N GLY A 359 42.20 5.55 69.28
CA GLY A 359 43.29 6.07 70.12
C GLY A 359 43.25 5.64 71.57
N GLN A 360 44.41 5.45 72.17
CA GLN A 360 44.55 4.99 73.57
C GLN A 360 45.63 5.77 74.30
N ARG A 361 45.39 6.06 75.58
CA ARG A 361 46.43 6.62 76.44
C ARG A 361 47.32 5.54 77.06
N ASN A 362 47.97 4.74 76.23
CA ASN A 362 48.85 3.65 76.71
C ASN A 362 49.75 3.15 75.56
N HIS A 363 50.54 2.11 75.83
CA HIS A 363 51.46 1.50 74.85
C HIS A 363 51.13 0.04 74.54
N ALA A 364 49.91 -0.41 74.85
CA ALA A 364 49.53 -1.81 74.67
C ALA A 364 49.60 -2.26 73.22
N SER A 365 49.86 -3.56 73.03
CA SER A 365 49.83 -4.18 71.70
C SER A 365 48.42 -4.39 71.12
N VAL A 366 47.42 -4.28 72.00
CA VAL A 366 46.02 -4.62 71.75
C VAL A 366 45.19 -3.35 71.93
N ALA A 367 44.21 -3.15 71.06
CA ALA A 367 43.29 -2.03 71.16
C ALA A 367 42.31 -2.20 72.31
N ASP A 368 42.08 -1.12 73.06
CA ASP A 368 41.04 -1.07 74.11
C ASP A 368 39.63 -1.09 73.55
N GLY A 369 39.44 -0.67 72.30
CA GLY A 369 38.16 -0.70 71.65
C GLY A 369 38.29 -0.92 70.14
N HIS A 370 37.21 -0.62 69.44
CA HIS A 370 37.12 -0.80 68.02
C HIS A 370 36.70 0.50 67.34
N ALA A 371 37.32 0.76 66.19
CA ALA A 371 36.90 1.82 65.29
C ALA A 371 36.05 1.17 64.22
N PRO A 372 34.81 1.65 64.05
CA PRO A 372 33.97 1.03 63.04
C PRO A 372 34.46 1.30 61.59
N ILE A 373 34.08 0.40 60.71
CA ILE A 373 34.26 0.54 59.29
C ILE A 373 32.91 0.47 58.60
N PHE A 374 32.80 1.16 57.47
CA PHE A 374 31.52 1.38 56.81
C PHE A 374 31.63 1.04 55.34
N LYS A 375 30.56 0.50 54.79
CA LYS A 375 30.49 0.12 53.40
C LYS A 375 29.35 0.86 52.72
N ASP A 376 29.63 1.39 51.54
CA ASP A 376 28.64 2.03 50.70
C ASP A 376 27.83 0.95 49.97
N LEU A 377 26.82 0.42 50.67
CA LEU A 377 26.11 -0.81 50.21
C LEU A 377 25.45 -0.66 48.84
N PHE A 378 24.71 0.44 48.68
CA PHE A 378 23.96 0.72 47.46
C PHE A 378 24.75 1.54 46.42
N ASP A 379 26.06 1.74 46.67
CA ASP A 379 26.98 2.36 45.73
C ASP A 379 26.45 3.73 45.35
N LEU A 380 26.10 4.51 46.36
CA LEU A 380 25.56 5.84 46.19
C LEU A 380 26.60 6.94 46.14
N GLY A 381 27.87 6.62 46.36
CA GLY A 381 28.94 7.61 46.53
C GLY A 381 28.88 8.39 47.83
N VAL A 382 28.26 7.84 48.87
CA VAL A 382 28.29 8.48 50.20
C VAL A 382 29.63 8.42 50.92
N LEU A 383 30.43 7.42 50.56
CA LEU A 383 31.81 7.32 50.96
C LEU A 383 32.63 7.71 49.76
N LYS A 384 33.60 8.59 49.98
CA LYS A 384 34.52 8.98 48.93
C LYS A 384 35.87 9.20 49.57
N ALA A 385 36.94 8.79 48.88
CA ALA A 385 38.31 9.03 49.37
C ALA A 385 38.59 10.51 49.64
N PRO A 386 39.49 10.79 50.61
CA PRO A 386 39.92 12.17 50.83
C PRO A 386 40.73 12.69 49.67
N VAL A 387 40.76 13.99 49.47
CA VAL A 387 41.61 14.57 48.41
C VAL A 387 43.05 14.72 48.86
N GLY A 388 43.27 14.69 50.16
CA GLY A 388 44.60 14.74 50.70
C GLY A 388 44.62 14.78 52.20
N TRP A 389 45.80 15.06 52.74
CA TRP A 389 45.98 15.09 54.16
C TRP A 389 46.78 16.33 54.59
N GLN A 390 46.33 16.98 55.65
CA GLN A 390 47.05 18.08 56.26
C GLN A 390 47.34 17.83 57.75
N ARG A 391 48.31 18.57 58.26
CA ARG A 391 48.78 18.40 59.61
C ARG A 391 48.04 19.27 60.59
N VAL A 392 47.46 18.64 61.60
CA VAL A 392 46.91 19.35 62.72
C VAL A 392 48.10 19.75 63.61
N TRP A 393 49.13 18.89 63.65
CA TRP A 393 50.24 19.01 64.59
C TRP A 393 51.39 18.14 64.18
N ASP A 394 52.60 18.61 64.47
CA ASP A 394 53.80 17.77 64.46
C ASP A 394 54.72 18.10 65.64
N ASP A 395 55.78 17.30 65.82
CA ASP A 395 56.73 17.44 66.95
C ASP A 395 57.95 18.33 66.66
N ALA A 396 57.85 19.22 65.66
CA ALA A 396 58.93 20.16 65.35
C ALA A 396 59.25 20.97 66.59
N GLY A 397 60.53 20.95 66.99
CA GLY A 397 60.99 21.64 68.22
C GLY A 397 61.28 20.75 69.42
N SER A 398 60.71 19.54 69.43
CA SER A 398 60.99 18.56 70.48
C SER A 398 62.43 18.06 70.47
N GLY A 399 63.10 18.19 69.32
CA GLY A 399 64.46 17.75 69.18
C GLY A 399 64.62 16.24 69.15
N LYS A 400 63.52 15.49 69.09
CA LYS A 400 63.59 14.03 69.04
C LYS A 400 63.90 13.69 67.58
N SER A 401 64.69 12.63 67.38
CA SER A 401 65.20 12.28 66.07
C SER A 401 64.07 11.76 65.17
N LYS A 402 63.15 11.00 65.78
CA LYS A 402 61.96 10.50 65.10
C LYS A 402 60.81 11.52 65.25
N ASP A 403 59.88 11.43 64.31
CA ASP A 403 58.78 12.39 64.16
C ASP A 403 57.41 11.82 64.52
N TYR A 404 56.55 12.71 64.97
CA TYR A 404 55.25 12.38 65.53
C TYR A 404 54.30 13.43 65.04
N ALA A 405 53.18 13.03 64.44
CA ALA A 405 52.26 13.99 63.83
C ALA A 405 50.82 13.54 63.88
N CYS A 406 49.92 14.51 63.88
CA CYS A 406 48.50 14.27 63.79
C CYS A 406 48.05 14.77 62.44
N TRP A 407 47.42 13.90 61.64
CA TRP A 407 46.96 14.29 60.31
C TRP A 407 45.43 14.28 60.21
N ARG A 408 44.91 15.16 59.34
CA ARG A 408 43.48 15.23 59.01
C ARG A 408 43.29 14.90 57.59
N ALA A 409 42.24 14.14 57.32
CA ALA A 409 41.82 13.99 55.96
C ALA A 409 41.26 15.32 55.48
N ILE A 410 41.71 15.75 54.32
CA ILE A 410 41.09 16.85 53.61
C ILE A 410 39.97 16.20 52.79
N PRO A 411 38.70 16.47 53.13
CA PRO A 411 37.64 15.84 52.37
C PRO A 411 37.40 16.51 51.03
N PRO A 412 36.94 15.74 50.02
CA PRO A 412 36.46 16.41 48.80
C PRO A 412 35.20 17.21 49.11
N GLN A 413 34.88 18.14 48.22
CA GLN A 413 33.76 19.07 48.38
C GLN A 413 32.47 18.30 48.73
N GLY A 414 31.85 18.70 49.84
CA GLY A 414 30.61 18.10 50.32
C GLY A 414 30.74 16.95 51.31
N TYR A 415 31.96 16.48 51.58
CA TYR A 415 32.19 15.37 52.50
C TYR A 415 32.89 15.82 53.80
N ARG A 416 32.96 14.90 54.77
CA ARG A 416 33.56 15.18 56.07
C ARG A 416 34.35 14.00 56.55
N ALA A 417 35.42 14.27 57.30
CA ALA A 417 36.19 13.20 57.94
C ALA A 417 35.66 12.98 59.35
N LEU A 418 35.70 11.73 59.80
CA LEU A 418 35.17 11.34 61.10
C LEU A 418 36.24 11.16 62.19
N GLY A 419 37.50 11.03 61.77
CA GLY A 419 38.60 10.92 62.71
C GLY A 419 39.95 11.20 62.12
N ASP A 420 40.85 11.69 62.97
CA ASP A 420 42.22 11.94 62.55
C ASP A 420 43.06 10.69 62.66
N VAL A 421 44.26 10.79 62.10
CA VAL A 421 45.21 9.70 62.05
C VAL A 421 46.54 10.21 62.56
N MET A 422 47.09 9.54 63.56
CA MET A 422 48.41 9.86 64.08
C MET A 422 49.42 9.05 63.31
N MET A 423 50.56 9.68 63.07
CA MET A 423 51.72 9.04 62.49
C MET A 423 52.84 9.23 63.51
N LEU A 424 53.29 8.13 64.11
CA LEU A 424 54.11 8.14 65.31
C LEU A 424 55.41 7.38 65.09
N ALA A 425 56.53 8.04 65.38
CA ALA A 425 57.87 7.47 65.40
C ALA A 425 58.33 7.20 63.98
N THR A 426 58.17 8.22 63.14
CA THR A 426 58.45 8.10 61.71
C THR A 426 59.75 8.76 61.34
N SER A 427 60.30 8.38 60.18
CA SER A 427 61.48 9.02 59.62
C SER A 427 61.03 10.02 58.56
N GLY A 428 60.92 11.29 58.95
CA GLY A 428 60.28 12.33 58.14
C GLY A 428 58.78 12.33 58.42
N TYR A 429 58.12 13.47 58.18
CA TYR A 429 56.66 13.58 58.38
C TYR A 429 55.91 12.89 57.24
N ASN A 430 55.87 11.56 57.29
CA ASN A 430 55.23 10.76 56.28
C ASN A 430 53.74 10.84 56.49
N PRO A 431 52.99 11.15 55.43
CA PRO A 431 51.56 11.28 55.57
C PRO A 431 50.92 9.89 55.63
N PRO A 432 49.68 9.80 56.14
CA PRO A 432 48.97 8.53 56.19
C PRO A 432 48.90 7.86 54.81
N ASN A 433 49.05 6.55 54.80
CA ASN A 433 48.92 5.78 53.59
C ASN A 433 47.87 4.78 53.92
N LEU A 434 46.63 5.14 53.63
CA LEU A 434 45.47 4.38 54.02
C LEU A 434 44.56 4.34 52.81
N PRO A 435 44.81 3.41 51.88
CA PRO A 435 44.01 3.37 50.65
C PRO A 435 42.51 3.27 50.89
N ASP A 436 42.10 2.68 52.02
CA ASP A 436 40.70 2.44 52.30
C ASP A 436 40.11 3.43 53.30
N TYR A 437 40.81 4.55 53.55
CA TYR A 437 40.22 5.67 54.29
C TYR A 437 39.27 6.44 53.39
N VAL A 438 38.11 6.78 53.95
CA VAL A 438 37.13 7.57 53.25
C VAL A 438 36.57 8.64 54.15
N CYS A 439 36.07 9.67 53.49
CA CYS A 439 35.20 10.65 54.10
C CYS A 439 33.77 10.28 53.78
N VAL A 440 32.85 10.88 54.53
CA VAL A 440 31.46 10.55 54.48
C VAL A 440 30.73 11.79 54.02
N HIS A 441 29.71 11.63 53.18
CA HIS A 441 29.00 12.79 52.66
C HIS A 441 28.26 13.51 53.80
N GLN A 442 28.34 14.84 53.76
CA GLN A 442 27.63 15.81 54.60
C GLN A 442 26.23 15.36 55.06
N SER A 443 25.43 14.92 54.10
CA SER A 443 24.07 14.48 54.32
C SER A 443 23.90 13.42 55.41
N LEU A 444 24.90 12.55 55.58
CA LEU A 444 24.87 11.49 56.58
C LEU A 444 25.52 11.88 57.90
N CYS A 445 26.10 13.08 57.97
CA CYS A 445 26.86 13.50 59.13
C CYS A 445 26.24 14.69 59.82
N ALA A 446 26.60 14.83 61.09
CA ALA A 446 26.27 15.99 61.92
C ALA A 446 27.56 16.68 62.32
N ASP A 447 27.59 18.01 62.24
CA ASP A 447 28.73 18.80 62.73
C ASP A 447 29.08 18.44 64.16
N VAL A 448 30.36 18.50 64.51
CA VAL A 448 30.76 18.14 65.87
C VAL A 448 30.16 19.17 66.85
N GLN A 449 29.59 18.65 67.94
CA GLN A 449 28.99 19.46 69.00
C GLN A 449 29.83 19.45 70.27
N THR A 450 30.17 18.26 70.73
CA THR A 450 31.01 18.09 71.90
C THR A 450 32.36 17.50 71.53
N LEU A 451 33.33 17.72 72.42
CA LEU A 451 34.63 17.07 72.39
C LEU A 451 34.89 16.66 73.84
N GLN A 452 34.91 15.36 74.09
CA GLN A 452 34.95 14.78 75.46
C GLN A 452 35.99 13.65 75.53
N ASN A 453 36.19 13.11 76.73
CA ASN A 453 37.03 11.92 76.95
C ASN A 453 38.36 11.99 76.25
N ARG A 454 39.10 13.07 76.53
CA ARG A 454 40.43 13.28 75.95
C ARG A 454 41.22 11.99 75.94
N VAL A 455 41.85 11.69 74.81
CA VAL A 455 42.67 10.50 74.68
C VAL A 455 44.08 10.78 75.12
N TRP A 456 44.61 11.94 74.70
CA TRP A 456 46.06 12.23 74.77
C TRP A 456 46.33 13.69 74.37
N TRP A 457 47.46 14.20 74.84
CA TRP A 457 48.05 15.45 74.35
C TRP A 457 49.57 15.31 74.39
N ASP A 458 50.26 16.23 73.73
CA ASP A 458 51.70 16.09 73.55
C ASP A 458 52.53 16.71 74.65
N LYS A 459 51.90 17.29 75.68
CA LYS A 459 52.69 18.06 76.66
C LYS A 459 53.74 17.19 77.35
N GLY A 460 54.94 17.77 77.47
CA GLY A 460 56.16 17.04 77.80
C GLY A 460 57.09 16.87 76.62
N THR A 461 56.54 16.78 75.41
CA THR A 461 57.35 16.60 74.18
C THR A 461 58.29 17.79 73.91
N GLY A 462 57.81 19.00 74.25
CA GLY A 462 58.52 20.24 73.99
C GLY A 462 58.49 20.65 72.54
N ALA A 463 57.32 20.54 71.90
CA ALA A 463 57.16 20.92 70.50
C ALA A 463 56.50 22.25 70.53
N ARG A 464 56.87 23.12 69.57
CA ARG A 464 56.34 24.49 69.49
C ARG A 464 54.83 24.46 69.45
N LYS A 465 54.33 23.61 68.54
CA LYS A 465 52.90 23.41 68.36
C LYS A 465 52.40 22.43 69.37
N ASP A 466 51.11 22.52 69.67
CA ASP A 466 50.47 21.68 70.64
C ASP A 466 49.30 20.92 70.00
N VAL A 467 48.95 19.79 70.60
CA VAL A 467 47.78 19.01 70.18
C VAL A 467 47.19 18.23 71.32
N SER A 468 45.87 18.10 71.29
CA SER A 468 45.12 17.21 72.17
C SER A 468 44.11 16.43 71.32
N LEU A 469 44.01 15.13 71.56
CA LEU A 469 43.10 14.25 70.85
C LEU A 469 41.83 14.05 71.68
N TRP A 470 40.71 14.42 71.09
CA TRP A 470 39.41 14.41 71.74
C TRP A 470 38.43 13.55 70.96
N GLN A 471 37.44 13.00 71.65
CA GLN A 471 36.39 12.18 71.04
C GLN A 471 35.26 13.11 70.61
N PRO A 472 34.95 13.16 69.31
CA PRO A 472 33.85 14.01 68.88
C PRO A 472 32.48 13.35 69.15
N GLY A 473 31.45 14.18 69.19
CA GLY A 473 30.08 13.71 69.40
C GLY A 473 29.07 14.76 68.92
N ALA A 474 27.87 14.27 68.65
CA ALA A 474 26.79 15.13 68.23
C ALA A 474 25.46 14.52 68.63
N ALA A 475 24.43 15.36 68.70
CA ALA A 475 23.07 14.89 68.92
C ALA A 475 22.70 14.00 67.75
N GLY A 476 22.36 12.76 68.03
CA GLY A 476 21.95 11.79 67.01
C GLY A 476 23.06 11.02 66.29
N ALA A 477 24.33 11.39 66.49
CA ALA A 477 25.45 10.65 65.91
C ALA A 477 25.85 9.46 66.77
N VAL A 478 26.41 8.45 66.11
CA VAL A 478 26.90 7.25 66.75
C VAL A 478 27.95 7.73 67.73
N ALA A 479 27.98 7.16 68.93
CA ALA A 479 29.05 7.44 69.91
C ALA A 479 30.36 7.06 69.24
N SER A 480 31.19 8.08 68.96
CA SER A 480 32.37 7.88 68.12
C SER A 480 33.45 7.08 68.81
N SER A 481 34.21 6.32 68.04
CA SER A 481 35.37 5.60 68.54
C SER A 481 36.66 6.20 68.03
N CYS A 482 36.58 7.43 67.53
CA CYS A 482 37.67 8.07 66.83
C CYS A 482 38.05 9.35 67.57
N PHE A 483 39.08 10.02 67.05
CA PHE A 483 39.52 11.26 67.68
C PHE A 483 39.69 12.40 66.70
N ALA A 484 39.82 13.60 67.23
CA ALA A 484 40.10 14.79 66.46
C ALA A 484 41.12 15.60 67.24
N GLY A 485 42.16 16.08 66.58
CA GLY A 485 43.12 16.99 67.17
C GLY A 485 42.61 18.41 67.32
N VAL A 486 42.84 18.98 68.49
CA VAL A 486 42.68 20.41 68.76
C VAL A 486 44.08 20.95 68.96
N PRO A 487 44.45 22.08 68.30
CA PRO A 487 45.87 22.55 68.35
C PRO A 487 46.28 23.31 69.65
N ASN A 488 45.77 22.87 70.80
CA ASN A 488 46.00 23.52 72.10
C ASN A 488 45.59 22.57 73.22
N TYR A 489 45.85 22.99 74.46
CA TYR A 489 45.60 22.16 75.64
C TYR A 489 44.34 22.57 76.39
N ASN A 490 43.38 23.19 75.71
CA ASN A 490 42.14 23.58 76.36
C ASN A 490 41.41 22.34 76.86
N ASN A 491 40.88 22.40 78.10
CA ASN A 491 40.30 21.25 78.80
C ASN A 491 39.12 21.69 79.67
N PRO A 492 37.86 21.59 79.19
CA PRO A 492 37.49 21.05 77.89
C PRO A 492 37.67 22.07 76.76
N PRO A 493 37.67 21.62 75.48
CA PRO A 493 37.76 22.56 74.37
C PRO A 493 36.56 23.51 74.29
N ASN A 494 36.83 24.75 73.90
CA ASN A 494 35.80 25.78 73.81
C ASN A 494 35.12 25.76 72.46
N SER A 495 34.07 26.58 72.31
CA SER A 495 33.27 26.62 71.09
C SER A 495 34.06 27.11 69.86
N GLY A 496 35.18 27.81 70.07
CA GLY A 496 36.09 28.16 68.97
C GLY A 496 36.81 26.94 68.42
N ASP A 497 37.26 26.06 69.32
CA ASP A 497 37.87 24.77 68.93
C ASP A 497 36.87 23.87 68.19
N ILE A 498 35.62 23.85 68.64
CA ILE A 498 34.51 23.12 67.98
C ILE A 498 34.14 23.73 66.62
N GLU A 499 34.15 25.06 66.52
CA GLU A 499 33.92 25.76 65.26
C GLU A 499 34.96 25.45 64.19
N ARG A 500 36.21 25.35 64.62
CA ARG A 500 37.31 25.04 63.72
C ARG A 500 37.08 23.72 62.96
N LEU A 501 36.41 22.77 63.60
CA LEU A 501 36.09 21.46 63.01
C LEU A 501 34.97 21.49 61.97
N ARG A 502 34.16 22.55 61.96
CA ARG A 502 32.95 22.62 61.11
C ARG A 502 33.33 22.73 59.64
N GLY A 503 32.74 21.89 58.81
CA GLY A 503 33.08 21.81 57.39
C GLY A 503 34.18 20.81 57.05
N SER A 504 34.89 20.30 58.05
CA SER A 504 36.02 19.39 57.85
C SER A 504 35.81 18.06 58.58
N ILE A 505 35.56 18.13 59.87
CA ILE A 505 35.34 16.96 60.69
C ILE A 505 33.89 16.93 61.08
N ALA A 506 33.33 15.72 61.17
CA ALA A 506 31.97 15.54 61.60
C ALA A 506 31.79 14.20 62.29
N CYS A 507 30.57 13.96 62.78
CA CYS A 507 30.16 12.67 63.31
C CYS A 507 29.05 12.10 62.44
N VAL A 508 28.99 10.77 62.37
CA VAL A 508 28.09 10.09 61.48
C VAL A 508 26.80 9.74 62.21
N LYS A 509 25.67 10.16 61.60
CA LYS A 509 24.32 9.96 62.15
C LYS A 509 23.94 8.49 62.33
N THR A 510 23.22 8.22 63.44
CA THR A 510 22.64 6.91 63.70
C THR A 510 21.62 6.53 62.61
N SER A 511 20.87 7.53 62.12
CA SER A 511 19.87 7.27 61.07
C SER A 511 20.43 6.79 59.73
N ALA A 512 21.73 7.03 59.48
CA ALA A 512 22.39 6.65 58.21
C ALA A 512 23.07 5.29 58.27
N ILE A 513 23.05 4.68 59.45
CA ILE A 513 23.93 3.55 59.76
C ILE A 513 23.15 2.31 60.19
N ALA A 514 23.66 1.15 59.80
CA ALA A 514 23.08 -0.09 60.28
C ALA A 514 24.11 -1.20 60.22
N SER A 515 24.01 -2.11 61.19
CA SER A 515 24.82 -3.32 61.20
C SER A 515 24.31 -4.31 60.16
N MET A 516 25.09 -5.34 59.88
CA MET A 516 24.69 -6.41 58.97
C MET A 516 23.26 -6.86 59.22
N GLN A 517 22.96 -7.19 60.47
CA GLN A 517 21.61 -7.66 60.84
C GLN A 517 20.51 -6.59 60.71
N GLU A 518 20.74 -5.38 61.23
CA GLU A 518 19.76 -4.28 61.08
C GLU A 518 19.45 -3.96 59.59
N MET A 519 20.47 -4.11 58.73
CA MET A 519 20.34 -3.88 57.29
C MET A 519 19.46 -4.95 56.64
N LYS A 520 19.77 -6.23 56.91
CA LYS A 520 18.90 -7.34 56.47
C LYS A 520 17.43 -7.10 56.83
N SER A 521 17.21 -6.75 58.08
CA SER A 521 15.85 -6.54 58.61
C SER A 521 15.16 -5.33 57.96
N MET A 522 15.86 -4.21 57.91
CA MET A 522 15.37 -2.98 57.24
C MET A 522 15.05 -3.23 55.76
N LEU A 523 15.95 -3.89 55.04
CA LEU A 523 15.76 -4.22 53.62
C LEU A 523 14.64 -5.22 53.32
N SER A 524 14.37 -6.15 54.24
CA SER A 524 13.32 -7.14 54.04
C SER A 524 11.91 -6.51 54.03
N GLN A 525 11.77 -5.28 54.54
CA GLN A 525 10.52 -4.49 54.45
C GLN A 525 10.45 -3.54 53.21
N HIS A 526 11.28 -3.78 52.19
CA HIS A 526 11.29 -2.96 50.97
C HIS A 526 11.22 -3.92 49.78
N GLN A 527 10.18 -3.76 48.97
CA GLN A 527 9.89 -4.75 47.92
C GLN A 527 10.84 -4.56 46.74
N GLY A 528 11.40 -5.67 46.25
CA GLY A 528 12.24 -5.68 45.05
C GLY A 528 13.66 -5.18 45.25
N MET A 529 14.29 -5.57 46.36
CA MET A 529 15.67 -5.16 46.69
C MET A 529 16.53 -6.33 47.19
N GLN B 9 10.11 -15.54 -24.88
CA GLN B 9 10.91 -15.01 -23.75
C GLN B 9 12.10 -15.90 -23.29
N LEU B 10 12.89 -15.28 -22.43
CA LEU B 10 13.99 -15.91 -21.80
C LEU B 10 13.74 -16.31 -20.36
N GLY B 11 12.50 -16.29 -19.88
CA GLY B 11 12.22 -16.65 -18.51
C GLY B 11 12.42 -15.50 -17.53
N ASN B 12 12.15 -15.77 -16.27
CA ASN B 12 12.15 -14.74 -15.24
C ASN B 12 13.35 -14.82 -14.27
N LEU B 13 14.33 -15.68 -14.53
CA LEU B 13 15.48 -15.79 -13.64
C LEU B 13 16.32 -14.54 -13.78
N PRO B 14 16.53 -13.80 -12.69
CA PRO B 14 17.40 -12.64 -12.82
C PRO B 14 18.80 -12.99 -13.33
N GLY B 15 19.30 -12.15 -14.23
CA GLY B 15 20.57 -12.36 -14.88
C GLY B 15 20.47 -12.88 -16.30
N VAL B 16 19.37 -13.60 -16.60
CA VAL B 16 19.25 -14.23 -17.89
C VAL B 16 19.44 -13.26 -19.05
N THR B 17 18.97 -12.02 -18.90
CA THR B 17 19.02 -11.01 -19.95
C THR B 17 20.42 -10.54 -20.21
N SER B 18 21.33 -10.76 -19.25
CA SER B 18 22.72 -10.39 -19.44
C SER B 18 23.53 -11.44 -20.19
N MET B 19 23.03 -12.68 -20.24
CA MET B 19 23.80 -13.75 -20.82
C MET B 19 23.91 -13.65 -22.33
N GLY B 20 25.09 -13.90 -22.84
CA GLY B 20 25.32 -13.87 -24.26
C GLY B 20 25.30 -12.47 -24.86
N MET B 21 25.42 -11.45 -24.03
CA MET B 21 25.45 -10.09 -24.52
C MET B 21 26.90 -9.76 -24.76
N GLY B 22 27.15 -8.93 -25.77
CA GLY B 22 28.42 -8.24 -25.91
C GLY B 22 28.75 -7.40 -24.68
N TYR B 23 30.04 -7.27 -24.38
CA TYR B 23 30.49 -6.52 -23.22
C TYR B 23 31.56 -5.55 -23.59
N ASP B 24 31.47 -4.35 -23.03
CA ASP B 24 32.50 -3.36 -23.18
C ASP B 24 33.60 -3.68 -22.18
N VAL B 25 34.64 -4.35 -22.65
CA VAL B 25 35.75 -4.76 -21.79
C VAL B 25 36.56 -3.60 -21.27
N ASN B 26 36.35 -2.42 -21.86
CA ASN B 26 36.94 -1.17 -21.37
C ASN B 26 36.00 -0.36 -20.50
N GLY B 27 34.88 -0.95 -20.10
CA GLY B 27 33.81 -0.25 -19.35
C GLY B 27 33.92 -0.47 -17.86
N LEU B 28 32.80 -0.78 -17.21
CA LEU B 28 32.83 -1.08 -15.77
C LEU B 28 33.13 -2.55 -15.54
N TYR B 29 33.55 -2.89 -14.33
CA TYR B 29 33.78 -4.25 -13.94
C TYR B 29 32.42 -4.91 -13.69
N ALA B 30 32.17 -6.00 -14.40
CA ALA B 30 31.00 -6.85 -14.20
C ALA B 30 29.75 -6.09 -13.77
N SER B 31 29.29 -5.23 -14.67
CA SER B 31 28.09 -4.45 -14.48
C SER B 31 27.20 -4.53 -15.71
N PRO B 32 25.87 -4.55 -15.51
CA PRO B 32 24.94 -4.44 -16.64
C PRO B 32 25.09 -3.16 -17.44
N GLU B 33 25.60 -2.10 -16.82
CA GLU B 33 25.80 -0.84 -17.52
C GLU B 33 26.77 -0.97 -18.70
N SER B 34 27.67 -1.93 -18.67
CA SER B 34 28.62 -2.13 -19.76
C SER B 34 28.23 -3.26 -20.73
N LEU B 35 27.00 -3.76 -20.62
CA LEU B 35 26.43 -4.63 -21.65
C LEU B 35 26.16 -3.81 -22.91
N LEU B 36 26.27 -4.44 -24.05
CA LEU B 36 26.14 -3.79 -25.34
C LEU B 36 24.92 -4.36 -26.01
N GLY B 37 24.37 -3.59 -26.93
CA GLY B 37 22.95 -3.66 -27.27
C GLY B 37 22.38 -4.98 -27.72
N GLN B 38 22.83 -5.45 -28.88
CA GLN B 38 22.25 -6.62 -29.55
C GLN B 38 22.60 -7.95 -28.86
N PRO B 39 21.57 -8.77 -28.52
CA PRO B 39 21.86 -10.17 -28.16
C PRO B 39 22.52 -10.92 -29.32
N LEU B 40 23.49 -11.76 -29.00
CA LEU B 40 24.29 -12.44 -30.02
C LEU B 40 23.66 -13.76 -30.40
N PHE B 41 22.91 -14.35 -29.47
CA PHE B 41 22.45 -15.70 -29.63
C PHE B 41 20.95 -15.78 -29.53
N ASP B 42 20.42 -16.88 -30.06
CA ASP B 42 19.06 -17.29 -29.93
C ASP B 42 19.16 -18.50 -29.03
N PHE B 43 18.67 -18.39 -27.79
CA PHE B 43 18.87 -19.46 -26.79
C PHE B 43 17.82 -20.58 -26.78
N GLY B 44 16.89 -20.53 -27.72
CA GLY B 44 15.74 -21.43 -27.75
C GLY B 44 14.66 -20.93 -26.81
N GLY B 45 13.42 -21.16 -27.19
CA GLY B 45 12.25 -20.76 -26.38
C GLY B 45 11.87 -21.79 -25.34
N GLU B 46 12.52 -22.96 -25.34
CA GLU B 46 12.28 -23.95 -24.32
C GLU B 46 12.97 -23.51 -23.03
N LEU B 47 12.24 -23.67 -21.93
CA LEU B 47 12.68 -23.18 -20.63
C LEU B 47 12.70 -24.31 -19.61
N ASP B 48 13.69 -24.21 -18.73
CA ASP B 48 13.77 -25.07 -17.55
C ASP B 48 13.17 -24.26 -16.42
N SER B 49 12.64 -24.97 -15.44
CA SER B 49 12.12 -24.29 -14.27
C SER B 49 12.80 -24.85 -13.06
N ILE B 50 13.05 -23.98 -12.10
CA ILE B 50 13.90 -24.29 -10.98
C ILE B 50 13.31 -23.60 -9.76
N GLU B 51 13.37 -24.29 -8.62
CA GLU B 51 12.95 -23.74 -7.35
C GLU B 51 14.19 -23.34 -6.55
N ILE B 52 14.21 -22.10 -6.10
CA ILE B 52 15.30 -21.55 -5.34
C ILE B 52 14.71 -20.80 -4.17
N GLU B 53 14.85 -21.39 -2.96
CA GLU B 53 14.36 -20.78 -1.74
C GLU B 53 12.92 -20.30 -1.85
N GLY B 54 12.05 -21.22 -2.26
CA GLY B 54 10.63 -20.97 -2.28
C GLY B 54 10.11 -20.25 -3.50
N ARG B 55 10.99 -19.74 -4.34
CA ARG B 55 10.56 -19.06 -5.56
C ARG B 55 10.83 -19.87 -6.81
N SER B 56 9.95 -19.71 -7.78
CA SER B 56 10.05 -20.42 -9.05
C SER B 56 10.68 -19.53 -10.09
N TYR B 57 11.60 -20.10 -10.83
CA TYR B 57 12.29 -19.35 -11.87
C TYR B 57 12.27 -20.15 -13.13
N THR B 58 12.19 -19.47 -14.26
CA THR B 58 12.44 -20.08 -15.54
C THR B 58 13.63 -19.41 -16.22
N PHE B 59 14.26 -20.16 -17.10
CA PHE B 59 15.42 -19.68 -17.86
C PHE B 59 15.58 -20.62 -19.04
N PRO B 60 16.33 -20.20 -20.08
CA PRO B 60 16.47 -21.10 -21.23
C PRO B 60 17.23 -22.40 -20.89
N ARG B 61 16.71 -23.52 -21.40
CA ARG B 61 17.35 -24.84 -21.30
C ARG B 61 18.82 -24.83 -21.66
N SER B 62 19.17 -24.03 -22.65
CA SER B 62 20.54 -23.92 -23.09
C SER B 62 21.50 -23.32 -22.08
N MET B 63 20.99 -22.65 -21.04
CA MET B 63 21.85 -22.12 -19.99
C MET B 63 21.87 -23.07 -18.86
N HIS B 64 22.94 -22.98 -18.06
CA HIS B 64 23.06 -23.73 -16.84
C HIS B 64 23.09 -22.77 -15.67
N VAL B 65 22.41 -23.15 -14.59
CA VAL B 65 22.33 -22.35 -13.41
C VAL B 65 22.89 -23.16 -12.27
N HIS B 66 23.78 -22.53 -11.53
CA HIS B 66 24.39 -23.10 -10.32
C HIS B 66 24.13 -22.15 -9.16
N THR B 67 23.27 -22.55 -8.24
CA THR B 67 22.97 -21.69 -7.10
C THR B 67 24.11 -21.88 -6.11
N TYR B 68 24.58 -20.79 -5.52
CA TYR B 68 25.53 -20.85 -4.42
C TYR B 68 25.36 -19.56 -3.62
N PHE B 69 24.57 -19.59 -2.59
CA PHE B 69 24.33 -18.39 -1.79
C PHE B 69 25.55 -18.17 -0.89
N HIS B 70 26.45 -17.28 -1.33
CA HIS B 70 27.66 -16.98 -0.55
C HIS B 70 28.30 -15.65 -0.96
N SER B 71 29.27 -15.22 -0.15
CA SER B 71 30.02 -13.97 -0.34
C SER B 71 31.47 -14.23 -0.78
N ASP B 72 31.86 -13.69 -1.92
CA ASP B 72 33.26 -13.69 -2.37
C ASP B 72 33.83 -12.33 -2.00
N PHE B 73 34.97 -12.35 -1.33
CA PHE B 73 35.66 -11.14 -0.92
C PHE B 73 36.93 -11.03 -1.77
N LYS B 74 37.15 -9.87 -2.38
CA LYS B 74 38.32 -9.65 -3.21
C LYS B 74 38.90 -8.28 -2.97
N GLN B 75 40.23 -8.19 -3.01
CA GLN B 75 40.92 -6.90 -2.97
C GLN B 75 41.96 -6.79 -4.07
N ASP B 76 41.93 -5.67 -4.78
CA ASP B 76 43.03 -5.29 -5.64
C ASP B 76 43.60 -4.01 -5.06
N VAL B 77 44.87 -4.06 -4.68
CA VAL B 77 45.55 -2.97 -4.00
C VAL B 77 46.91 -2.75 -4.65
N SER B 78 47.23 -1.47 -4.87
CA SER B 78 48.54 -1.13 -5.38
C SER B 78 48.89 0.33 -5.20
N LYS B 79 50.18 0.57 -4.98
CA LYS B 79 50.75 1.91 -4.94
C LYS B 79 50.89 2.52 -6.34
N GLU B 80 50.74 1.69 -7.36
CA GLU B 80 51.00 2.06 -8.73
C GLU B 80 49.71 1.82 -9.53
N ILE B 81 49.13 2.88 -10.07
CA ILE B 81 47.83 2.83 -10.75
C ILE B 81 47.77 1.78 -11.87
N GLU B 82 48.84 1.65 -12.66
CA GLU B 82 48.86 0.68 -13.76
C GLU B 82 48.86 -0.75 -13.27
N GLU B 83 49.45 -1.00 -12.11
CA GLU B 83 49.45 -2.33 -11.53
C GLU B 83 48.06 -2.61 -10.96
N TYR B 84 47.44 -1.62 -10.35
CA TYR B 84 46.04 -1.73 -9.90
C TYR B 84 45.13 -2.16 -11.06
N ARG B 85 45.24 -1.46 -12.17
CA ARG B 85 44.49 -1.77 -13.37
C ARG B 85 44.71 -3.20 -13.85
N GLU B 86 45.95 -3.67 -13.84
CA GLU B 86 46.26 -5.06 -14.20
C GLU B 86 45.64 -6.04 -13.26
N LYS B 87 45.76 -5.75 -11.96
CA LYS B 87 45.25 -6.66 -10.93
C LYS B 87 43.73 -6.81 -11.09
N MET B 88 43.07 -5.69 -11.34
CA MET B 88 41.63 -5.67 -11.54
C MET B 88 41.18 -6.46 -12.77
N SER B 89 42.04 -6.58 -13.78
CA SER B 89 41.74 -7.30 -15.02
C SER B 89 42.02 -8.80 -15.02
N GLN B 90 42.59 -9.33 -13.93
CA GLN B 90 42.98 -10.73 -13.88
C GLN B 90 41.75 -11.62 -13.80
N HIS B 91 41.86 -12.76 -14.46
CA HIS B 91 40.97 -13.88 -14.23
C HIS B 91 39.50 -13.54 -14.51
N VAL B 92 39.29 -12.90 -15.65
CA VAL B 92 37.94 -12.66 -16.16
C VAL B 92 37.71 -13.25 -17.55
N GLY B 93 38.70 -13.98 -18.07
CA GLY B 93 38.59 -14.65 -19.36
C GLY B 93 39.21 -13.94 -20.53
N VAL B 94 39.72 -12.74 -20.33
CA VAL B 94 40.38 -12.03 -21.40
C VAL B 94 41.83 -12.44 -21.43
N SER B 95 42.16 -13.26 -22.44
CA SER B 95 43.52 -13.65 -22.71
C SER B 95 44.38 -12.45 -23.08
N GLY B 96 45.67 -12.56 -22.76
CA GLY B 96 46.58 -11.43 -22.88
C GLY B 96 46.73 -10.85 -21.49
N ARG B 97 47.44 -9.73 -21.41
CA ARG B 97 47.70 -9.08 -20.14
C ARG B 97 47.19 -7.66 -20.31
N TYR B 98 45.92 -7.55 -20.72
CA TYR B 98 45.32 -6.23 -20.97
C TYR B 98 44.82 -5.60 -19.68
N LYS B 99 44.92 -4.27 -19.63
CA LYS B 99 44.28 -3.46 -18.60
C LYS B 99 42.83 -3.18 -19.01
N LEU B 100 41.93 -3.90 -18.36
CA LEU B 100 40.51 -3.87 -18.66
C LEU B 100 39.80 -2.93 -17.72
N PHE B 101 38.55 -2.68 -18.03
CA PHE B 101 37.63 -1.96 -17.15
C PHE B 101 38.08 -0.55 -16.78
N SER B 102 38.62 0.16 -17.77
CA SER B 102 39.16 1.52 -17.56
C SER B 102 38.09 2.51 -17.08
N ALA B 103 36.83 2.33 -17.48
CA ALA B 103 35.77 3.24 -17.05
C ALA B 103 35.47 3.15 -15.53
N SER B 104 35.79 2.04 -14.90
CA SER B 104 35.59 1.91 -13.44
C SER B 104 36.52 2.80 -12.62
N LEU B 105 37.69 3.12 -13.17
CA LEU B 105 38.64 4.02 -12.52
C LEU B 105 38.01 5.32 -12.03
N SER B 106 37.26 6.00 -12.90
CA SER B 106 36.65 7.27 -12.51
C SER B 106 35.39 7.09 -11.69
N VAL B 107 34.80 5.89 -11.77
CA VAL B 107 33.76 5.50 -10.82
C VAL B 107 34.38 5.36 -9.43
N ASP B 108 35.53 4.70 -9.34
CA ASP B 108 36.15 4.38 -8.05
C ASP B 108 37.02 5.48 -7.43
N PHE B 109 37.65 6.31 -8.25
CA PHE B 109 38.66 7.29 -7.80
C PHE B 109 38.47 8.62 -8.51
N THR B 110 38.79 9.71 -7.82
CA THR B 110 38.78 11.01 -8.48
C THR B 110 39.87 11.03 -9.52
N THR B 111 39.68 11.87 -10.53
CA THR B 111 40.67 12.00 -11.55
C THR B 111 41.99 12.56 -10.98
N THR B 112 41.92 13.45 -10.02
CA THR B 112 43.13 13.97 -9.33
C THR B 112 43.96 12.80 -8.71
N ASP B 113 43.30 11.96 -7.89
CA ASP B 113 43.96 10.85 -7.22
C ASP B 113 44.55 9.85 -8.20
N GLN B 114 43.89 9.66 -9.33
CA GLN B 114 44.39 8.76 -10.36
C GLN B 114 45.76 9.24 -10.87
N GLN B 115 45.87 10.54 -11.05
CA GLN B 115 47.07 11.15 -11.60
C GLN B 115 48.13 11.42 -10.53
N LEU B 116 47.72 11.70 -9.30
CA LEU B 116 48.70 11.85 -8.23
C LEU B 116 49.53 10.60 -8.00
N THR B 117 50.69 10.83 -7.45
CA THR B 117 51.64 9.80 -7.14
C THR B 117 51.62 9.72 -5.59
N GLU B 118 52.26 8.70 -5.01
CA GLU B 118 52.15 8.44 -3.56
C GLU B 118 50.72 8.11 -3.06
N ILE B 119 49.81 7.74 -3.96
CA ILE B 119 48.46 7.35 -3.64
C ILE B 119 48.42 5.83 -3.76
N THR B 120 47.75 5.20 -2.79
CA THR B 120 47.47 3.79 -2.87
C THR B 120 46.02 3.61 -3.30
N TYR B 121 45.85 2.77 -4.33
CA TYR B 121 44.56 2.52 -4.92
C TYR B 121 44.10 1.16 -4.42
N SER B 122 42.93 1.12 -3.79
CA SER B 122 42.36 -0.16 -3.33
C SER B 122 40.93 -0.29 -3.79
N SER B 123 40.58 -1.49 -4.25
CA SER B 123 39.20 -1.89 -4.48
C SER B 123 38.93 -3.06 -3.57
N THR B 124 38.03 -2.88 -2.61
CA THR B 124 37.64 -3.94 -1.72
C THR B 124 36.21 -4.29 -2.07
N ARG B 125 36.02 -5.48 -2.65
CA ARG B 125 34.74 -5.89 -3.23
C ARG B 125 34.17 -7.09 -2.49
N GLU B 126 32.90 -6.98 -2.13
CA GLU B 126 32.20 -8.07 -1.49
C GLU B 126 31.08 -8.41 -2.43
N ALA B 127 31.18 -9.57 -3.03
CA ALA B 127 30.23 -10.04 -4.04
C ALA B 127 29.26 -11.02 -3.37
N HIS B 128 27.97 -10.69 -3.37
CA HIS B 128 26.96 -11.50 -2.77
C HIS B 128 26.28 -12.32 -3.86
N VAL B 129 26.83 -13.49 -4.12
CA VAL B 129 26.39 -14.31 -5.24
C VAL B 129 25.16 -15.08 -4.82
N LEU B 130 24.14 -15.04 -5.65
CA LEU B 130 23.00 -15.95 -5.48
C LEU B 130 23.16 -17.16 -6.39
N TRP B 131 23.47 -16.91 -7.66
CA TRP B 131 23.75 -18.00 -8.59
C TRP B 131 24.67 -17.55 -9.70
N TYR B 132 25.21 -18.54 -10.39
CA TYR B 132 25.96 -18.33 -11.62
C TYR B 132 25.08 -18.82 -12.74
N ILE B 133 25.12 -18.11 -13.86
CA ILE B 133 24.53 -18.59 -15.09
C ILE B 133 25.70 -18.78 -16.05
N SER B 134 25.68 -19.86 -16.82
CA SER B 134 26.74 -20.11 -17.79
C SER B 134 26.16 -20.62 -19.08
N LEU B 135 26.82 -20.26 -20.17
CA LEU B 135 26.45 -20.66 -21.52
C LEU B 135 27.32 -21.82 -21.98
N PRO B 136 26.89 -22.48 -23.08
CA PRO B 136 27.77 -23.45 -23.71
C PRO B 136 29.04 -22.82 -24.26
N GLY B 137 29.98 -23.68 -24.62
CA GLY B 137 31.23 -23.27 -25.25
C GLY B 137 30.97 -22.72 -26.64
N ALA B 138 31.98 -22.01 -27.13
CA ALA B 138 31.93 -21.36 -28.46
C ALA B 138 31.40 -22.26 -29.55
N ALA B 139 31.86 -23.49 -29.55
CA ALA B 139 31.51 -24.42 -30.63
C ALA B 139 30.04 -24.82 -30.64
N THR B 140 29.40 -24.83 -29.48
CA THR B 140 27.97 -25.12 -29.39
C THR B 140 27.18 -23.88 -29.80
N LEU B 141 27.64 -22.72 -29.34
CA LEU B 141 26.98 -21.46 -29.63
C LEU B 141 27.05 -21.07 -31.10
N ARG B 142 28.03 -21.59 -31.81
CA ARG B 142 28.17 -21.36 -33.26
C ARG B 142 26.91 -21.62 -34.03
N SER B 143 26.14 -22.62 -33.63
CA SER B 143 24.84 -22.92 -34.26
C SER B 143 23.66 -22.13 -33.68
N MET B 144 23.91 -21.18 -32.80
CA MET B 144 22.87 -20.44 -32.06
C MET B 144 22.97 -18.95 -32.30
N LEU B 145 23.71 -18.53 -33.33
CA LEU B 145 23.95 -17.11 -33.58
C LEU B 145 22.72 -16.48 -34.20
N ARG B 146 22.48 -15.23 -33.84
CA ARG B 146 21.41 -14.45 -34.48
C ARG B 146 21.89 -14.16 -35.89
N ARG B 147 20.93 -13.95 -36.79
CA ARG B 147 21.19 -13.85 -38.22
C ARG B 147 22.23 -12.75 -38.55
N ASP B 148 21.96 -11.50 -38.21
CA ASP B 148 22.88 -10.42 -38.64
C ASP B 148 24.24 -10.47 -37.96
N PHE B 149 24.31 -10.97 -36.72
CA PHE B 149 25.59 -11.18 -36.08
C PHE B 149 26.38 -12.26 -36.83
N ARG B 150 25.74 -13.40 -37.12
CA ARG B 150 26.38 -14.44 -37.93
C ARG B 150 26.93 -13.89 -39.26
N ASP B 151 26.13 -13.07 -39.96
CA ASP B 151 26.54 -12.53 -41.25
C ASP B 151 27.76 -11.63 -41.08
N ASP B 152 27.68 -10.67 -40.15
CA ASP B 152 28.78 -9.74 -39.91
C ASP B 152 30.04 -10.45 -39.44
N LEU B 153 29.87 -11.33 -38.45
CA LEU B 153 30.97 -12.09 -37.87
C LEU B 153 31.74 -12.86 -38.94
N ASN B 154 31.03 -13.51 -39.85
CA ASN B 154 31.63 -14.39 -40.86
C ASN B 154 31.94 -13.74 -42.23
N ASN B 155 31.42 -12.54 -42.49
CA ASN B 155 31.73 -11.79 -43.72
C ASN B 155 33.20 -11.37 -43.69
N PRO B 156 34.03 -11.81 -44.66
CA PRO B 156 35.45 -11.43 -44.61
C PRO B 156 35.72 -9.95 -44.93
N ASN B 157 34.75 -9.30 -45.57
CA ASN B 157 34.85 -7.88 -45.90
C ASN B 157 34.35 -6.95 -44.78
N MET B 158 33.83 -7.52 -43.70
CA MET B 158 33.46 -6.73 -42.52
C MET B 158 34.69 -6.60 -41.64
N PRO B 159 35.26 -5.39 -41.53
CA PRO B 159 36.50 -5.32 -40.75
C PRO B 159 36.29 -5.51 -39.23
N ALA B 160 37.32 -6.05 -38.58
CA ALA B 160 37.32 -6.28 -37.14
C ALA B 160 36.85 -5.09 -36.29
N MET B 161 37.29 -3.88 -36.63
CA MET B 161 36.92 -2.69 -35.86
C MET B 161 35.41 -2.45 -35.81
N GLU B 162 34.74 -2.63 -36.96
CA GLU B 162 33.29 -2.43 -37.02
C GLU B 162 32.60 -3.52 -36.24
N LEU B 163 33.03 -4.75 -36.51
CA LEU B 163 32.48 -5.91 -35.82
C LEU B 163 32.54 -5.67 -34.33
N PHE B 164 33.72 -5.27 -33.86
CA PHE B 164 33.93 -5.02 -32.43
C PHE B 164 33.12 -3.84 -31.89
N LYS B 165 32.98 -2.77 -32.68
CA LYS B 165 32.09 -1.65 -32.28
C LYS B 165 30.63 -2.11 -32.18
N ARG B 166 30.15 -2.82 -33.20
CA ARG B 166 28.75 -3.27 -33.25
C ARG B 166 28.37 -4.24 -32.15
N TYR B 167 29.23 -5.23 -31.90
CA TYR B 167 28.88 -6.37 -31.07
C TYR B 167 29.67 -6.49 -29.77
N GLY B 168 30.78 -5.80 -29.65
CA GLY B 168 31.76 -6.05 -28.59
C GLY B 168 32.71 -7.17 -29.00
N PRO B 169 34.00 -7.06 -28.61
CA PRO B 169 34.92 -8.14 -28.91
C PRO B 169 34.73 -9.38 -28.03
N TYR B 170 34.12 -9.21 -26.86
CA TYR B 170 33.86 -10.32 -25.96
C TYR B 170 32.40 -10.31 -25.56
N TYR B 171 31.89 -11.46 -25.16
CA TYR B 171 30.53 -11.58 -24.70
C TYR B 171 30.48 -12.28 -23.34
N ILE B 172 29.34 -12.14 -22.67
CA ILE B 172 29.15 -12.71 -21.37
C ILE B 172 28.79 -14.18 -21.53
N SER B 173 29.71 -15.04 -21.12
CA SER B 173 29.51 -16.47 -21.18
C SER B 173 29.15 -17.07 -19.85
N GLU B 174 29.60 -16.45 -18.77
CA GLU B 174 29.34 -16.91 -17.43
C GLU B 174 29.30 -15.69 -16.51
N ALA B 175 28.35 -15.63 -15.61
CA ALA B 175 28.26 -14.49 -14.69
C ALA B 175 27.69 -14.87 -13.36
N ALA B 176 28.19 -14.19 -12.34
CA ALA B 176 27.64 -14.26 -11.01
C ALA B 176 26.46 -13.29 -10.95
N VAL B 177 25.36 -13.75 -10.37
CA VAL B 177 24.20 -12.94 -10.21
C VAL B 177 23.93 -12.72 -8.73
N GLY B 178 23.69 -11.45 -8.39
CA GLY B 178 23.33 -11.07 -7.03
C GLY B 178 23.59 -9.58 -6.85
N GLY B 179 24.34 -9.22 -5.81
CA GLY B 179 24.78 -7.85 -5.66
C GLY B 179 26.21 -7.78 -5.20
N ARG B 180 26.90 -6.71 -5.59
CA ARG B 180 28.29 -6.51 -5.23
C ARG B 180 28.45 -5.13 -4.63
N LEU B 181 29.28 -5.00 -3.60
CA LEU B 181 29.69 -3.68 -3.13
C LEU B 181 31.18 -3.49 -3.36
N ASP B 182 31.54 -2.33 -3.89
CA ASP B 182 32.92 -1.94 -4.16
C ASP B 182 33.27 -0.78 -3.25
N TYR B 183 34.15 -1.06 -2.30
CA TYR B 183 34.61 -0.06 -1.36
C TYR B 183 35.95 0.32 -1.90
N SER B 184 36.00 1.45 -2.61
CA SER B 184 37.23 1.86 -3.27
C SER B 184 37.89 3.04 -2.57
N ALA B 185 39.21 2.96 -2.40
CA ALA B 185 39.93 3.99 -1.65
C ALA B 185 41.17 4.46 -2.38
N ALA B 186 41.29 5.77 -2.49
CA ALA B 186 42.54 6.42 -2.86
C ALA B 186 43.18 6.90 -1.55
N SER B 187 44.21 6.20 -1.10
CA SER B 187 44.81 6.47 0.22
C SER B 187 46.15 7.17 0.06
N LYS B 188 46.36 8.18 0.89
CA LYS B 188 47.63 8.86 1.04
C LYS B 188 48.36 8.14 2.18
N THR B 189 49.06 7.05 1.86
CA THR B 189 49.60 6.19 2.95
C THR B 189 50.70 6.85 3.78
N LEU B 190 51.44 7.77 3.18
CA LEU B 190 52.53 8.47 3.89
C LEU B 190 51.99 9.35 5.02
N LYS B 191 50.68 9.62 5.04
CA LYS B 191 50.04 10.28 6.18
C LYS B 191 49.41 9.34 7.21
N MET B 192 49.77 8.06 7.19
CA MET B 192 48.90 7.01 7.72
C MET B 192 49.46 5.96 8.71
N ASP B 193 50.40 6.34 9.58
CA ASP B 193 50.84 5.44 10.69
C ASP B 193 51.12 4.01 10.18
N SER B 194 51.81 3.95 9.04
CA SER B 194 51.75 2.79 8.15
C SER B 194 52.61 1.60 8.65
N SER B 195 52.08 0.92 9.67
CA SER B 195 52.66 -0.30 10.27
C SER B 195 51.93 -1.57 9.79
N GLN B 196 50.62 -1.63 10.04
CA GLN B 196 49.69 -2.66 9.52
C GLN B 196 49.45 -2.44 8.00
N SER B 197 49.24 -3.52 7.24
CA SER B 197 49.10 -3.41 5.79
C SER B 197 47.84 -2.61 5.41
N LEU B 198 47.92 -1.85 4.31
CA LEU B 198 46.81 -1.00 3.85
C LEU B 198 45.59 -1.85 3.50
N SER B 199 45.84 -3.00 2.86
CA SER B 199 44.75 -3.85 2.40
C SER B 199 43.90 -4.39 3.58
N THR B 200 44.58 -4.75 4.67
CA THR B 200 43.92 -5.21 5.90
C THR B 200 43.12 -4.07 6.54
N THR B 201 43.71 -2.88 6.63
CA THR B 201 43.01 -1.70 7.13
C THR B 201 41.75 -1.38 6.30
N ALA B 202 41.87 -1.53 4.99
CA ALA B 202 40.76 -1.28 4.09
C ALA B 202 39.67 -2.31 4.34
N GLU B 203 40.06 -3.59 4.43
CA GLU B 203 39.17 -4.68 4.78
C GLU B 203 38.39 -4.39 6.08
N MET B 204 39.12 -4.03 7.13
CA MET B 204 38.50 -3.76 8.42
C MET B 204 37.56 -2.53 8.34
N SER B 205 37.97 -1.50 7.62
CA SER B 205 37.14 -0.32 7.51
C SER B 205 35.82 -0.70 6.81
N TYR B 206 35.91 -1.45 5.71
CA TYR B 206 34.72 -1.91 5.00
C TYR B 206 33.86 -2.74 5.93
N LYS B 207 34.46 -3.73 6.59
CA LYS B 207 33.67 -4.63 7.46
C LYS B 207 33.01 -3.94 8.65
N ALA B 208 33.64 -2.91 9.20
CA ALA B 208 33.03 -2.13 10.27
C ALA B 208 31.86 -1.29 9.73
N LEU B 209 32.02 -0.81 8.51
CA LEU B 209 31.04 0.05 7.86
C LEU B 209 29.69 -0.70 7.68
N VAL B 210 29.78 -1.93 7.20
CA VAL B 210 28.62 -2.75 6.99
C VAL B 210 28.24 -3.61 8.20
N GLY B 211 28.99 -3.48 9.29
CA GLY B 211 28.64 -4.11 10.56
C GLY B 211 29.05 -5.56 10.67
N GLU B 212 29.86 -6.08 9.75
CA GLU B 212 30.37 -7.45 9.91
C GLU B 212 31.33 -7.54 11.10
N ILE B 213 32.04 -6.43 11.39
CA ILE B 213 32.75 -6.29 12.65
C ILE B 213 32.28 -5.03 13.36
N LYS B 214 32.45 -5.02 14.68
CA LYS B 214 32.45 -3.77 15.43
C LYS B 214 33.88 -3.57 15.90
N ILE B 215 34.34 -2.32 15.81
CA ILE B 215 35.68 -1.97 16.24
C ILE B 215 35.51 -1.31 17.60
N GLU B 216 36.33 -1.76 18.57
CA GLU B 216 36.26 -1.23 19.93
C GLU B 216 36.86 0.15 19.98
N HIS B 217 36.14 1.07 20.60
CA HIS B 217 36.63 2.43 20.84
C HIS B 217 37.98 2.36 21.56
N GLY B 218 38.88 3.26 21.19
CA GLY B 218 40.22 3.27 21.74
C GLY B 218 41.15 2.13 21.32
N SER B 219 40.77 1.30 20.36
CA SER B 219 41.63 0.20 19.95
C SER B 219 42.70 0.64 18.96
N GLU B 220 43.67 -0.25 18.76
CA GLU B 220 44.66 -0.04 17.72
C GLU B 220 43.98 -0.08 16.35
N MET B 221 43.06 -1.01 16.16
CA MET B 221 42.33 -1.09 14.88
C MET B 221 41.53 0.18 14.61
N GLU B 222 40.92 0.77 15.62
CA GLU B 222 40.20 2.06 15.46
C GLU B 222 41.12 3.16 14.98
N LYS B 223 42.31 3.24 15.57
CA LYS B 223 43.28 4.23 15.17
C LYS B 223 43.59 4.03 13.68
N GLN B 224 43.93 2.79 13.31
CA GLN B 224 44.32 2.43 11.96
C GLN B 224 43.23 2.74 10.94
N VAL B 225 41.97 2.44 11.27
CA VAL B 225 40.84 2.67 10.38
C VAL B 225 40.51 4.16 10.28
N ASN B 226 40.54 4.87 11.41
CA ASN B 226 40.32 6.33 11.42
C ASN B 226 41.34 7.05 10.54
N SER B 227 42.57 6.61 10.65
CA SER B 227 43.68 7.13 9.85
C SER B 227 43.44 6.89 8.36
N PHE B 228 43.00 5.68 8.01
CA PHE B 228 42.65 5.30 6.63
C PHE B 228 41.55 6.20 6.08
N ARG B 229 40.48 6.32 6.82
CA ARG B 229 39.33 7.09 6.37
C ARG B 229 39.62 8.58 6.19
N SER B 230 40.25 9.21 7.19
CA SER B 230 40.49 10.65 7.12
C SER B 230 41.68 11.03 6.19
N ASN B 231 42.52 10.06 5.81
CA ASN B 231 43.54 10.27 4.78
C ASN B 231 43.28 9.52 3.47
N SER B 232 42.03 9.12 3.20
CA SER B 232 41.66 8.56 1.88
C SER B 232 40.39 9.20 1.34
N THR B 233 40.30 9.25 0.02
CA THR B 233 39.04 9.42 -0.67
C THR B 233 38.39 8.03 -0.87
N ILE B 234 37.18 7.88 -0.31
CA ILE B 234 36.50 6.61 -0.22
C ILE B 234 35.15 6.70 -0.93
N ARG B 235 34.87 5.71 -1.77
CA ARG B 235 33.56 5.55 -2.39
C ARG B 235 33.03 4.14 -2.18
N LEU B 236 31.70 4.06 -2.19
CA LEU B 236 30.98 2.80 -2.13
C LEU B 236 30.04 2.71 -3.35
N THR B 237 30.30 1.76 -4.26
CA THR B 237 29.49 1.56 -5.45
C THR B 237 28.86 0.17 -5.44
N ALA B 238 27.57 0.12 -5.75
CA ALA B 238 26.81 -1.13 -5.66
C ALA B 238 26.47 -1.54 -7.06
N THR B 239 26.72 -2.80 -7.40
CA THR B 239 26.23 -3.33 -8.66
C THR B 239 25.23 -4.39 -8.28
N GLY B 240 23.96 -4.15 -8.61
CA GLY B 240 22.85 -5.02 -8.23
C GLY B 240 22.44 -4.69 -6.84
N GLY B 241 21.33 -5.29 -6.37
CA GLY B 241 20.80 -4.90 -5.07
C GLY B 241 19.91 -3.69 -5.12
N LYS B 242 19.25 -3.44 -3.99
CA LYS B 242 18.38 -2.28 -3.85
C LYS B 242 19.09 -1.01 -4.18
N PRO B 243 18.53 -0.18 -5.09
CA PRO B 243 19.26 1.03 -5.49
C PRO B 243 19.17 2.11 -4.44
N GLY B 244 20.10 3.06 -4.51
CA GLY B 244 20.11 4.22 -3.62
C GLY B 244 20.51 3.91 -2.20
N MET B 245 21.20 2.80 -1.97
CA MET B 245 21.59 2.43 -0.62
C MET B 245 23.01 2.79 -0.29
N THR B 246 23.85 3.07 -1.26
CA THR B 246 25.27 3.16 -0.95
C THR B 246 25.59 4.42 -0.15
N ASP B 247 24.88 5.53 -0.45
CA ASP B 247 25.09 6.77 0.31
C ASP B 247 24.78 6.59 1.80
N ARG B 248 23.67 5.94 2.12
CA ARG B 248 23.36 5.61 3.51
C ARG B 248 24.37 4.65 4.18
N ILE B 249 24.87 3.65 3.46
CA ILE B 249 25.84 2.70 4.01
C ILE B 249 27.13 3.43 4.29
N LEU B 250 27.53 4.29 3.37
CA LEU B 250 28.83 4.94 3.48
C LEU B 250 28.82 6.02 4.57
N HIS B 251 27.85 6.92 4.50
CA HIS B 251 27.79 8.13 5.36
C HIS B 251 26.60 8.10 6.34
N GLY B 252 25.42 8.03 5.75
CA GLY B 252 24.15 8.47 6.30
C GLY B 252 23.72 7.78 7.56
N PRO B 253 22.46 8.07 7.98
CA PRO B 253 21.93 7.76 9.30
C PRO B 253 22.23 6.36 9.85
N ASP B 254 21.77 5.32 9.19
CA ASP B 254 21.89 3.97 9.80
C ASP B 254 22.53 3.02 8.80
N SER B 255 23.85 2.96 8.82
CA SER B 255 24.59 2.27 7.79
C SER B 255 24.45 0.75 7.90
N GLN B 256 24.45 0.22 9.15
CA GLN B 256 24.34 -1.24 9.32
C GLN B 256 22.95 -1.74 8.91
N GLN B 257 21.91 -0.94 9.17
CA GLN B 257 20.53 -1.28 8.72
C GLN B 257 20.40 -1.14 7.21
N ALA B 258 20.91 -0.04 6.66
CA ALA B 258 20.88 0.17 5.21
C ALA B 258 21.62 -0.95 4.49
N PHE B 259 22.73 -1.41 5.07
CA PHE B 259 23.46 -2.51 4.48
C PHE B 259 22.62 -3.80 4.53
N SER B 260 22.03 -4.08 5.68
CA SER B 260 21.24 -5.30 5.84
C SER B 260 20.01 -5.30 4.94
N GLN B 261 19.47 -4.11 4.64
CA GLN B 261 18.35 -4.01 3.69
C GLN B 261 18.80 -4.35 2.28
N TRP B 262 19.96 -3.85 1.88
CA TRP B 262 20.57 -4.18 0.59
C TRP B 262 20.85 -5.67 0.50
N ALA B 263 21.47 -6.23 1.55
CA ALA B 263 21.78 -7.67 1.56
C ALA B 263 20.57 -8.58 1.48
N GLU B 264 19.53 -8.30 2.27
CA GLU B 264 18.31 -9.11 2.22
C GLU B 264 17.46 -8.83 0.96
N SER B 265 17.66 -7.70 0.29
CA SER B 265 16.96 -7.37 -0.94
C SER B 265 17.49 -8.14 -2.16
N LEU B 266 18.65 -8.80 -2.08
CA LEU B 266 19.34 -9.24 -3.30
C LEU B 266 18.49 -10.07 -4.24
N LEU B 267 17.62 -10.94 -3.70
CA LEU B 267 16.80 -11.77 -4.58
C LEU B 267 15.88 -11.00 -5.51
N ASP B 268 15.40 -9.86 -5.05
CA ASP B 268 14.53 -9.02 -5.85
C ASP B 268 15.25 -8.05 -6.70
N TYR B 269 16.52 -7.82 -6.43
CA TYR B 269 17.29 -6.83 -7.18
C TYR B 269 18.54 -7.38 -7.83
N ALA B 270 18.62 -8.71 -7.97
CA ALA B 270 19.86 -9.34 -8.43
C ALA B 270 20.16 -8.99 -9.88
N THR B 271 21.43 -8.76 -10.17
CA THR B 271 21.94 -8.58 -11.54
C THR B 271 23.27 -9.27 -11.69
N LEU B 272 23.76 -9.32 -12.91
CA LEU B 272 25.13 -9.69 -13.18
C LEU B 272 25.94 -8.73 -12.35
N MET B 273 26.87 -9.25 -11.57
CA MET B 273 27.73 -8.44 -10.74
C MET B 273 29.14 -8.95 -10.51
N ASP B 274 29.52 -10.07 -11.12
CA ASP B 274 30.87 -10.57 -10.93
C ASP B 274 31.23 -11.52 -12.04
N PHE B 275 32.54 -11.59 -12.28
CA PHE B 275 33.11 -12.40 -13.32
C PHE B 275 34.01 -13.42 -12.70
N SER B 276 34.08 -14.58 -13.35
CA SER B 276 35.02 -15.63 -13.02
C SER B 276 36.01 -15.71 -14.19
N THR B 277 36.94 -16.68 -14.13
CA THR B 277 37.93 -16.82 -15.20
C THR B 277 37.30 -17.15 -16.54
N GLU B 278 36.07 -17.66 -16.57
CA GLU B 278 35.39 -18.03 -17.83
C GLU B 278 34.33 -17.04 -18.31
N SER B 279 34.20 -15.89 -17.64
CA SER B 279 33.06 -15.01 -17.86
C SER B 279 33.04 -14.39 -19.24
N LEU B 280 34.14 -13.75 -19.63
CA LEU B 280 34.22 -13.08 -20.91
C LEU B 280 34.85 -14.04 -21.94
N GLN B 281 34.15 -14.27 -23.05
CA GLN B 281 34.63 -15.14 -24.10
C GLN B 281 34.67 -14.34 -25.38
N PRO B 282 35.71 -14.53 -26.20
CA PRO B 282 35.85 -13.71 -27.41
C PRO B 282 34.87 -14.09 -28.47
N ILE B 283 34.37 -13.10 -29.21
CA ILE B 283 33.48 -13.38 -30.34
C ILE B 283 34.21 -14.06 -31.47
N TRP B 284 35.53 -13.84 -31.59
CA TRP B 284 36.28 -14.47 -32.68
C TRP B 284 36.19 -16.00 -32.69
N ALA B 285 36.24 -16.63 -31.52
CA ALA B 285 36.05 -18.08 -31.41
C ALA B 285 34.73 -18.62 -32.03
N LEU B 286 33.75 -17.72 -32.21
CA LEU B 286 32.48 -18.08 -32.84
C LEU B 286 32.48 -18.09 -34.38
N ALA B 287 33.52 -17.54 -34.99
CA ALA B 287 33.59 -17.46 -36.45
C ALA B 287 33.78 -18.87 -37.04
N ASP B 288 33.15 -19.13 -38.18
CA ASP B 288 33.18 -20.45 -38.85
C ASP B 288 34.61 -20.85 -39.28
N LYS B 289 35.31 -19.96 -39.97
CA LYS B 289 36.63 -20.25 -40.52
C LYS B 289 37.76 -19.86 -39.57
N PRO B 290 38.74 -20.76 -39.36
CA PRO B 290 39.95 -20.39 -38.58
C PRO B 290 40.69 -19.13 -39.03
N GLU B 291 40.64 -18.80 -40.31
CA GLU B 291 41.30 -17.60 -40.87
C GLU B 291 40.63 -16.34 -40.36
N ARG B 292 39.31 -16.41 -40.24
CA ARG B 292 38.48 -15.31 -39.71
C ARG B 292 38.67 -15.14 -38.19
N ARG B 293 38.73 -16.26 -37.46
CA ARG B 293 39.01 -16.26 -36.02
C ARG B 293 40.32 -15.55 -35.74
N VAL B 294 41.29 -15.82 -36.59
CA VAL B 294 42.62 -15.33 -36.41
C VAL B 294 42.67 -13.86 -36.79
N GLU B 295 42.07 -13.44 -37.90
CA GLU B 295 42.19 -12.03 -38.29
C GLU B 295 41.46 -11.12 -37.31
N LEU B 296 40.34 -11.60 -36.78
CA LEU B 296 39.62 -10.86 -35.73
C LEU B 296 40.46 -10.77 -34.46
N GLU B 297 41.04 -11.88 -34.04
CA GLU B 297 41.91 -11.88 -32.86
C GLU B 297 43.15 -10.99 -33.00
N ASP B 298 43.74 -10.94 -34.20
CA ASP B 298 44.91 -10.09 -34.48
C ASP B 298 44.58 -8.61 -34.37
N ALA B 299 43.33 -8.27 -34.65
CA ALA B 299 42.89 -6.88 -34.58
C ALA B 299 42.60 -6.39 -33.17
N PHE B 300 42.60 -7.30 -32.19
CA PHE B 300 42.25 -6.90 -30.82
C PHE B 300 43.24 -5.88 -30.22
N PRO B 301 44.56 -6.07 -30.42
CA PRO B 301 45.48 -5.05 -29.92
C PRO B 301 45.17 -3.63 -30.35
N GLU B 302 44.82 -3.43 -31.62
CA GLU B 302 44.52 -2.07 -32.08
C GLU B 302 43.17 -1.57 -31.55
N PHE B 303 42.17 -2.46 -31.45
CA PHE B 303 40.92 -2.09 -30.78
C PHE B 303 41.20 -1.55 -29.36
N MET B 304 42.12 -2.21 -28.65
CA MET B 304 42.46 -1.90 -27.26
C MET B 304 43.50 -0.80 -27.06
N LYS B 305 44.15 -0.34 -28.14
CA LYS B 305 45.26 0.61 -28.06
C LYS B 305 44.94 1.83 -27.20
N GLN B 306 43.89 2.57 -27.55
CA GLN B 306 43.45 3.74 -26.77
C GLN B 306 43.28 3.42 -25.26
N SER B 307 42.69 2.27 -24.94
CA SER B 307 42.42 1.90 -23.56
C SER B 307 43.69 1.58 -22.78
N GLN B 308 44.73 1.11 -23.46
CA GLN B 308 45.97 0.72 -22.79
C GLN B 308 46.96 1.86 -22.51
N GLN B 309 46.64 3.11 -22.92
CA GLN B 309 47.51 4.23 -22.59
C GLN B 309 47.59 4.33 -21.06
N SER B 310 48.78 4.68 -20.57
CA SER B 310 48.99 4.92 -19.16
C SER B 310 48.20 6.13 -18.68
N ILE B 311 47.86 6.10 -17.39
CA ILE B 311 47.24 7.24 -16.75
C ILE B 311 48.36 8.25 -16.60
N PRO B 312 48.11 9.52 -16.95
CA PRO B 312 49.12 10.54 -16.72
C PRO B 312 49.39 10.76 -15.22
N LYS B 313 50.67 10.88 -14.85
CA LYS B 313 51.07 11.01 -13.46
C LYS B 313 51.73 12.35 -13.18
N VAL B 314 51.48 12.87 -11.98
CA VAL B 314 52.17 14.03 -11.43
C VAL B 314 53.25 13.43 -10.56
N ASP B 315 54.44 13.29 -11.13
CA ASP B 315 55.63 12.83 -10.39
C ASP B 315 56.31 13.97 -9.60
N LYS B 316 56.14 15.21 -10.09
CA LYS B 316 56.74 16.37 -9.50
C LYS B 316 55.87 16.81 -8.34
N VAL B 317 56.17 16.33 -7.14
CA VAL B 317 55.31 16.57 -5.96
C VAL B 317 55.87 17.49 -4.91
N LEU B 318 57.13 17.91 -5.08
CA LEU B 318 57.71 18.90 -4.22
C LEU B 318 57.86 20.19 -5.00
N LEU B 319 57.26 21.23 -4.45
CA LEU B 319 57.38 22.56 -4.98
C LEU B 319 58.63 23.18 -4.35
N MET B 320 59.62 23.48 -5.19
CA MET B 320 60.89 24.06 -4.75
C MET B 320 60.95 25.59 -4.91
N ASP B 321 61.53 26.23 -3.91
CA ASP B 321 61.99 27.60 -4.01
C ASP B 321 63.51 27.52 -3.77
N ALA B 322 64.29 27.68 -4.86
CA ALA B 322 65.74 27.48 -4.82
C ALA B 322 66.52 28.68 -4.28
N ARG B 323 65.88 29.87 -4.21
CA ARG B 323 66.54 31.09 -3.75
C ARG B 323 65.72 31.77 -2.64
N PRO B 324 65.52 31.08 -1.50
CA PRO B 324 64.85 31.77 -0.40
C PRO B 324 65.80 32.73 0.32
N PRO B 325 65.27 33.60 1.18
CA PRO B 325 66.14 34.40 2.02
C PRO B 325 66.97 33.52 2.96
N MET B 326 68.28 33.77 3.02
CA MET B 326 69.18 33.04 3.89
C MET B 326 69.51 33.93 5.08
N VAL B 327 69.34 33.37 6.26
CA VAL B 327 69.58 34.07 7.52
C VAL B 327 70.72 33.33 8.21
N LYS B 328 71.60 34.07 8.89
CA LYS B 328 72.78 33.46 9.50
C LYS B 328 72.39 32.69 10.77
N ALA B 329 72.96 31.49 10.90
CA ALA B 329 72.66 30.63 12.03
C ALA B 329 73.92 30.18 12.76
N GLY B 330 74.96 31.01 12.77
CA GLY B 330 76.16 30.83 13.59
C GLY B 330 77.47 30.78 12.83
N GLU B 331 78.55 31.03 13.58
CA GLU B 331 79.94 30.92 13.12
C GLU B 331 80.70 30.07 14.11
N ASP B 332 81.79 29.44 13.68
CA ASP B 332 82.70 28.76 14.60
C ASP B 332 83.74 29.67 15.28
N SER B 333 83.37 30.92 15.52
CA SER B 333 84.23 31.89 16.20
C SER B 333 84.40 31.41 17.63
N GLY B 334 85.66 31.35 18.06
CA GLY B 334 86.02 30.82 19.36
C GLY B 334 86.30 29.33 19.35
N SER B 335 86.08 28.64 18.23
CA SER B 335 86.22 27.17 18.23
C SER B 335 87.66 26.71 18.16
N GLY B 336 88.56 27.60 17.76
CA GLY B 336 89.95 27.24 17.53
C GLY B 336 90.20 26.37 16.30
N ALA B 337 89.17 26.08 15.50
CA ALA B 337 89.38 25.35 14.26
C ALA B 337 90.13 26.26 13.29
N SER B 338 91.05 25.68 12.53
CA SER B 338 91.89 26.46 11.61
C SER B 338 90.94 27.22 10.68
N GLU B 339 90.06 26.47 10.05
CA GLU B 339 89.10 27.01 9.10
C GLU B 339 87.92 27.71 9.76
N ASP B 340 87.39 28.68 9.03
CA ASP B 340 86.21 29.41 9.44
C ASP B 340 84.99 28.63 8.92
N LEU B 341 83.91 28.63 9.69
CA LEU B 341 82.63 28.04 9.29
C LEU B 341 81.54 29.02 9.61
N ALA B 342 80.69 29.28 8.64
CA ALA B 342 79.42 29.94 8.90
C ALA B 342 78.31 29.10 8.24
N VAL B 343 77.16 29.10 8.89
CA VAL B 343 76.01 28.36 8.41
C VAL B 343 74.82 29.26 8.34
N PHE B 344 73.92 28.92 7.42
CA PHE B 344 72.78 29.76 7.14
C PHE B 344 71.54 28.89 6.98
N ASN B 345 70.45 29.29 7.65
CA ASN B 345 69.14 28.72 7.45
C ASN B 345 68.37 29.51 6.39
N PRO B 346 67.57 28.83 5.57
CA PRO B 346 66.63 29.51 4.70
C PRO B 346 65.40 29.87 5.48
N SER B 347 64.83 31.03 5.21
CA SER B 347 63.59 31.43 5.88
C SER B 347 62.48 30.70 5.20
N THR B 348 61.55 30.21 6.02
CA THR B 348 60.44 29.40 5.52
C THR B 348 59.09 30.04 5.83
N SER B 349 58.13 29.83 4.94
CA SER B 349 56.75 30.28 5.15
C SER B 349 55.82 29.58 4.17
N ASN B 350 54.50 29.75 4.36
CA ASN B 350 53.48 29.26 3.42
C ASN B 350 53.62 27.77 3.13
N GLY B 351 53.94 26.99 4.16
CA GLY B 351 54.11 25.56 3.99
C GLY B 351 55.37 25.09 3.29
N TYR B 352 56.32 25.99 3.02
CA TYR B 352 57.63 25.60 2.51
C TYR B 352 58.50 25.18 3.68
N LYS B 353 59.37 24.20 3.46
CA LYS B 353 60.11 23.57 4.54
C LYS B 353 61.61 23.49 4.27
N MET B 354 62.39 23.64 5.34
CA MET B 354 63.84 23.53 5.34
C MET B 354 64.23 22.07 5.33
N VAL B 355 65.26 21.74 4.54
CA VAL B 355 65.85 20.40 4.52
C VAL B 355 67.31 20.33 4.97
N GLY B 356 67.96 21.48 5.11
CA GLY B 356 69.38 21.54 5.47
C GLY B 356 69.87 22.95 5.58
N GLN B 357 71.04 23.09 6.19
CA GLN B 357 71.76 24.38 6.27
C GLN B 357 72.63 24.56 5.07
N PHE B 358 72.83 25.81 4.71
CA PHE B 358 73.91 26.16 3.79
C PHE B 358 75.19 26.40 4.60
N GLY B 359 76.30 25.83 4.15
CA GLY B 359 77.59 25.96 4.85
C GLY B 359 78.66 26.68 4.04
N GLN B 360 79.52 27.42 4.76
CA GLN B 360 80.58 28.24 4.16
C GLN B 360 81.87 28.12 4.90
N ARG B 361 82.99 28.09 4.18
CA ARG B 361 84.31 28.17 4.81
C ARG B 361 84.73 29.63 5.05
N ASN B 362 83.93 30.39 5.80
CA ASN B 362 84.24 31.80 6.08
C ASN B 362 83.38 32.31 7.25
N HIS B 363 83.49 33.61 7.57
CA HIS B 363 82.74 34.25 8.67
C HIS B 363 81.78 35.35 8.19
N ALA B 364 81.46 35.38 6.90
CA ALA B 364 80.66 36.46 6.34
C ALA B 364 79.25 36.53 6.95
N SER B 365 78.68 37.74 6.96
CA SER B 365 77.28 37.95 7.37
C SER B 365 76.24 37.49 6.34
N VAL B 366 76.72 37.24 5.11
CA VAL B 366 75.91 36.96 3.94
C VAL B 366 76.24 35.57 3.43
N ALA B 367 75.22 34.81 3.03
CA ALA B 367 75.41 33.49 2.46
C ALA B 367 76.00 33.56 1.06
N ASP B 368 76.96 32.68 0.78
CA ASP B 368 77.54 32.52 -0.57
C ASP B 368 76.56 31.89 -1.55
N GLY B 369 75.60 31.11 -1.03
CA GLY B 369 74.57 30.49 -1.86
C GLY B 369 73.26 30.36 -1.13
N HIS B 370 72.40 29.52 -1.69
CA HIS B 370 71.06 29.30 -1.17
C HIS B 370 70.84 27.82 -0.93
N ALA B 371 70.17 27.54 0.18
CA ALA B 371 69.66 26.20 0.48
C ALA B 371 68.20 26.21 0.07
N PRO B 372 67.81 25.27 -0.81
CA PRO B 372 66.42 25.27 -1.23
C PRO B 372 65.44 24.88 -0.10
N ILE B 373 64.21 25.33 -0.26
CA ILE B 373 63.10 24.93 0.59
C ILE B 373 62.03 24.30 -0.29
N PHE B 374 61.29 23.35 0.28
CA PHE B 374 60.35 22.53 -0.47
C PHE B 374 58.99 22.53 0.21
N LYS B 375 57.96 22.46 -0.61
CA LYS B 375 56.59 22.45 -0.13
C LYS B 375 55.87 21.19 -0.60
N ASP B 376 55.15 20.55 0.31
CA ASP B 376 54.35 19.38 0.00
C ASP B 376 53.03 19.88 -0.65
N LEU B 377 53.07 20.13 -1.95
CA LEU B 377 51.98 20.83 -2.65
C LEU B 377 50.62 20.13 -2.56
N PHE B 378 50.63 18.84 -2.87
CA PHE B 378 49.42 17.99 -2.89
C PHE B 378 49.12 17.31 -1.56
N ASP B 379 49.87 17.68 -0.51
CA ASP B 379 49.60 17.25 0.86
C ASP B 379 49.60 15.72 0.91
N LEU B 380 50.65 15.15 0.33
CA LEU B 380 50.82 13.71 0.25
C LEU B 380 51.55 13.11 1.45
N GLY B 381 52.05 13.95 2.36
CA GLY B 381 52.95 13.51 3.44
C GLY B 381 54.34 13.08 3.00
N VAL B 382 54.81 13.61 1.88
CA VAL B 382 56.22 13.37 1.43
C VAL B 382 57.27 14.11 2.26
N LEU B 383 56.84 15.22 2.88
CA LEU B 383 57.64 15.92 3.87
C LEU B 383 57.06 15.59 5.22
N LYS B 384 57.92 15.22 6.15
CA LYS B 384 57.52 14.96 7.51
C LYS B 384 58.61 15.42 8.44
N ALA B 385 58.24 16.03 9.56
CA ALA B 385 59.21 16.44 10.57
C ALA B 385 60.11 15.29 11.05
N PRO B 386 61.35 15.63 11.47
CA PRO B 386 62.21 14.60 12.07
C PRO B 386 61.68 14.16 13.42
N VAL B 387 62.00 12.95 13.83
CA VAL B 387 61.61 12.48 15.16
C VAL B 387 62.54 12.97 16.23
N GLY B 388 63.74 13.38 15.83
CA GLY B 388 64.70 13.94 16.77
C GLY B 388 66.01 14.28 16.11
N TRP B 389 66.98 14.60 16.95
CA TRP B 389 68.29 14.98 16.47
C TRP B 389 69.39 14.28 17.25
N GLN B 390 70.39 13.77 16.54
CA GLN B 390 71.59 13.22 17.15
C GLN B 390 72.85 13.91 16.67
N ARG B 391 73.92 13.73 17.44
CA ARG B 391 75.17 14.40 17.19
C ARG B 391 76.08 13.58 16.30
N VAL B 392 76.50 14.17 15.21
CA VAL B 392 77.56 13.61 14.41
C VAL B 392 78.87 13.92 15.13
N TRP B 393 78.93 15.07 15.80
CA TRP B 393 80.15 15.60 16.37
C TRP B 393 79.86 16.72 17.34
N ASP B 394 80.73 16.83 18.36
CA ASP B 394 80.81 18.01 19.19
C ASP B 394 82.28 18.35 19.53
N ASP B 395 82.51 19.49 20.19
CA ASP B 395 83.86 20.00 20.51
C ASP B 395 84.37 19.58 21.90
N ALA B 396 83.82 18.50 22.47
CA ALA B 396 84.29 17.99 23.76
C ALA B 396 85.78 17.69 23.67
N GLY B 397 86.56 18.29 24.58
CA GLY B 397 88.03 18.15 24.60
C GLY B 397 88.82 19.34 24.08
N SER B 398 88.18 20.20 23.31
CA SER B 398 88.81 21.44 22.82
C SER B 398 89.12 22.43 23.95
N GLY B 399 88.43 22.29 25.07
CA GLY B 399 88.65 23.18 26.19
C GLY B 399 88.09 24.57 25.99
N LYS B 400 87.35 24.80 24.89
CA LYS B 400 86.77 26.12 24.64
C LYS B 400 85.52 26.21 25.50
N SER B 401 85.23 27.41 25.98
CA SER B 401 84.15 27.64 26.94
C SER B 401 82.78 27.45 26.27
N LYS B 402 82.69 27.89 25.02
CA LYS B 402 81.49 27.69 24.22
C LYS B 402 81.59 26.39 23.42
N ASP B 403 80.42 25.90 23.01
CA ASP B 403 80.27 24.59 22.37
C ASP B 403 79.88 24.68 20.90
N TYR B 404 80.30 23.68 20.15
CA TYR B 404 80.20 23.64 18.69
C TYR B 404 79.84 22.22 18.35
N ALA B 405 78.78 22.03 17.56
CA ALA B 405 78.31 20.68 17.26
C ALA B 405 77.67 20.55 15.90
N CYS B 406 77.74 19.34 15.35
CA CYS B 406 77.08 19.01 14.09
C CYS B 406 75.97 18.06 14.44
N TRP B 407 74.73 18.41 14.07
CA TRP B 407 73.58 17.55 14.36
C TRP B 407 72.97 16.98 13.08
N ARG B 408 72.37 15.78 13.22
CA ARG B 408 71.62 15.12 12.17
C ARG B 408 70.21 15.00 12.56
N ALA B 409 69.32 15.22 11.60
CA ALA B 409 67.94 14.87 11.82
C ALA B 409 67.87 13.35 11.86
N ILE B 410 67.19 12.84 12.87
CA ILE B 410 66.77 11.46 12.90
C ILE B 410 65.42 11.44 12.17
N PRO B 411 65.37 10.83 10.97
CA PRO B 411 64.11 10.83 10.25
C PRO B 411 63.13 9.81 10.81
N PRO B 412 61.82 10.09 10.68
CA PRO B 412 60.84 9.01 10.96
C PRO B 412 60.98 7.90 9.96
N GLN B 413 60.45 6.73 10.33
CA GLN B 413 60.54 5.51 9.49
C GLN B 413 60.08 5.82 8.06
N GLY B 414 60.95 5.49 7.10
CA GLY B 414 60.71 5.68 5.68
C GLY B 414 61.20 7.00 5.07
N TYR B 415 61.67 7.94 5.90
CA TYR B 415 62.12 9.23 5.40
C TYR B 415 63.65 9.42 5.52
N ARG B 416 64.17 10.48 4.92
CA ARG B 416 65.60 10.77 4.90
C ARG B 416 65.85 12.24 5.09
N ALA B 417 66.96 12.57 5.73
CA ALA B 417 67.37 13.97 5.87
C ALA B 417 68.32 14.32 4.72
N LEU B 418 68.26 15.56 4.26
CA LEU B 418 69.05 16.03 3.13
C LEU B 418 70.28 16.84 3.52
N GLY B 419 70.31 17.33 4.76
CA GLY B 419 71.46 18.05 5.25
C GLY B 419 71.52 18.19 6.76
N ASP B 420 72.73 18.29 7.29
CA ASP B 420 72.93 18.46 8.72
C ASP B 420 72.84 19.92 9.11
N VAL B 421 72.81 20.14 10.42
CA VAL B 421 72.70 21.44 11.00
C VAL B 421 73.80 21.61 12.04
N MET B 422 74.57 22.67 11.90
CA MET B 422 75.60 22.99 12.87
C MET B 422 74.99 23.91 13.90
N MET B 423 75.42 23.72 15.15
CA MET B 423 75.10 24.58 16.26
C MET B 423 76.43 25.08 16.80
N LEU B 424 76.66 26.38 16.66
CA LEU B 424 77.99 26.96 16.81
C LEU B 424 77.98 28.07 17.87
N ALA B 425 78.88 27.95 18.85
CA ALA B 425 79.14 28.97 19.85
C ALA B 425 77.98 29.04 20.84
N THR B 426 77.60 27.87 21.33
CA THR B 426 76.41 27.73 22.17
C THR B 426 76.81 27.53 23.62
N SER B 427 75.85 27.78 24.51
CA SER B 427 76.01 27.52 25.93
C SER B 427 75.34 26.19 26.27
N GLY B 428 76.14 25.12 26.30
CA GLY B 428 75.61 23.74 26.36
C GLY B 428 75.33 23.25 24.94
N TYR B 429 75.32 21.93 24.76
CA TYR B 429 75.02 21.34 23.44
C TYR B 429 73.52 21.39 23.15
N ASN B 430 73.05 22.58 22.79
CA ASN B 430 71.64 22.81 22.50
C ASN B 430 71.34 22.25 21.14
N PRO B 431 70.29 21.44 21.04
CA PRO B 431 69.96 20.83 19.77
C PRO B 431 69.27 21.83 18.87
N PRO B 432 69.25 21.58 17.55
CA PRO B 432 68.55 22.47 16.62
C PRO B 432 67.08 22.64 17.02
N ASN B 433 66.57 23.86 16.87
CA ASN B 433 65.18 24.16 17.10
C ASN B 433 64.75 24.76 15.79
N LEU B 434 64.23 23.91 14.93
CA LEU B 434 63.88 24.29 13.59
C LEU B 434 62.51 23.74 13.28
N PRO B 435 61.46 24.47 13.68
CA PRO B 435 60.09 23.95 13.53
C PRO B 435 59.75 23.55 12.10
N ASP B 436 60.36 24.20 11.10
CA ASP B 436 60.02 23.93 9.71
C ASP B 436 61.07 23.06 9.01
N TYR B 437 61.93 22.38 9.77
CA TYR B 437 62.79 21.35 9.19
C TYR B 437 61.99 20.08 8.96
N VAL B 438 62.20 19.49 7.78
CA VAL B 438 61.57 18.24 7.43
C VAL B 438 62.54 17.30 6.80
N CYS B 439 62.21 16.03 6.92
CA CYS B 439 62.80 14.97 6.12
C CYS B 439 61.89 14.68 4.97
N VAL B 440 62.42 13.98 3.99
CA VAL B 440 61.76 13.75 2.71
C VAL B 440 61.58 12.25 2.60
N HIS B 441 60.45 11.82 2.07
CA HIS B 441 60.18 10.38 1.96
C HIS B 441 61.17 9.74 0.99
N GLN B 442 61.68 8.56 1.41
CA GLN B 442 62.52 7.64 0.64
C GLN B 442 62.26 7.63 -0.88
N SER B 443 61.00 7.48 -1.24
CA SER B 443 60.55 7.41 -2.63
C SER B 443 61.03 8.57 -3.52
N LEU B 444 61.20 9.76 -2.92
CA LEU B 444 61.65 10.95 -3.65
C LEU B 444 63.16 11.14 -3.59
N CYS B 445 63.86 10.31 -2.84
CA CYS B 445 65.28 10.50 -2.59
C CYS B 445 66.10 9.36 -3.17
N ALA B 446 67.37 9.68 -3.42
CA ALA B 446 68.41 8.71 -3.78
C ALA B 446 69.47 8.69 -2.68
N ASP B 447 69.92 7.49 -2.29
CA ASP B 447 71.02 7.35 -1.33
C ASP B 447 72.24 8.16 -1.79
N VAL B 448 73.01 8.68 -0.84
CA VAL B 448 74.18 9.47 -1.18
C VAL B 448 75.21 8.55 -1.90
N GLN B 449 75.76 9.07 -3.00
CA GLN B 449 76.75 8.35 -3.80
C GLN B 449 78.13 9.00 -3.66
N THR B 450 78.19 10.32 -3.87
CA THR B 450 79.43 11.06 -3.72
C THR B 450 79.35 12.02 -2.54
N LEU B 451 80.54 12.39 -2.06
CA LEU B 451 80.72 13.43 -1.08
C LEU B 451 81.89 14.26 -1.59
N GLN B 452 81.62 15.50 -2.00
CA GLN B 452 82.57 16.36 -2.71
C GLN B 452 82.58 17.76 -2.12
N ASN B 453 83.47 18.63 -2.66
CA ASN B 453 83.50 20.05 -2.29
C ASN B 453 83.39 20.30 -0.80
N ARG B 454 84.29 19.69 -0.04
CA ARG B 454 84.35 19.85 1.42
C ARG B 454 84.12 21.30 1.80
N VAL B 455 83.25 21.52 2.77
CA VAL B 455 82.98 22.87 3.25
C VAL B 455 83.97 23.25 4.34
N TRP B 456 84.23 22.31 5.27
CA TRP B 456 84.87 22.60 6.55
C TRP B 456 85.18 21.31 7.31
N TRP B 457 86.17 21.38 8.20
CA TRP B 457 86.43 20.36 9.22
C TRP B 457 86.92 21.07 10.46
N ASP B 458 86.94 20.33 11.58
CA ASP B 458 87.22 20.94 12.87
C ASP B 458 88.69 20.95 13.23
N LYS B 459 89.58 20.46 12.36
CA LYS B 459 90.97 20.29 12.78
C LYS B 459 91.61 21.63 13.15
N GLY B 460 92.35 21.60 14.26
CA GLY B 460 92.79 22.79 14.96
C GLY B 460 92.04 23.00 16.27
N THR B 461 90.78 22.57 16.34
CA THR B 461 89.95 22.75 17.55
C THR B 461 90.51 21.94 18.75
N GLY B 462 91.07 20.76 18.46
CA GLY B 462 91.58 19.85 19.47
C GLY B 462 90.47 19.12 20.22
N ALA B 463 89.46 18.64 19.49
CA ALA B 463 88.35 17.91 20.08
C ALA B 463 88.66 16.45 19.81
N ARG B 464 88.31 15.59 20.77
CA ARG B 464 88.56 14.14 20.66
C ARG B 464 87.98 13.60 19.37
N LYS B 465 86.72 13.93 19.16
CA LYS B 465 85.98 13.52 17.98
C LYS B 465 86.28 14.49 16.86
N ASP B 466 86.12 14.00 15.65
CA ASP B 466 86.43 14.77 14.45
C ASP B 466 85.19 14.86 13.55
N VAL B 467 85.15 15.89 12.71
CA VAL B 467 84.08 16.05 11.72
C VAL B 467 84.56 16.82 10.51
N SER B 468 84.04 16.44 9.36
CA SER B 468 84.20 17.16 8.11
C SER B 468 82.83 17.27 7.43
N LEU B 469 82.51 18.47 6.94
CA LEU B 469 81.24 18.74 6.26
C LEU B 469 81.46 18.65 4.75
N TRP B 470 80.71 17.74 4.13
CA TRP B 470 80.82 17.43 2.71
C TRP B 470 79.47 17.64 2.03
N GLN B 471 79.51 17.94 0.75
CA GLN B 471 78.32 18.13 -0.07
C GLN B 471 77.91 16.77 -0.65
N PRO B 472 76.70 16.29 -0.30
CA PRO B 472 76.27 15.04 -0.87
C PRO B 472 75.76 15.18 -2.33
N GLY B 473 75.76 14.06 -3.04
CA GLY B 473 75.29 14.01 -4.42
C GLY B 473 74.92 12.59 -4.82
N ALA B 474 74.09 12.52 -5.85
CA ALA B 474 73.66 11.24 -6.37
C ALA B 474 73.33 11.38 -7.84
N ALA B 475 73.35 10.26 -8.56
CA ALA B 475 72.91 10.21 -9.95
C ALA B 475 71.43 10.59 -9.96
N GLY B 476 71.10 11.64 -10.69
CA GLY B 476 69.72 12.10 -10.80
C GLY B 476 69.16 13.02 -9.71
N ALA B 477 69.91 13.21 -8.61
CA ALA B 477 69.52 14.16 -7.56
C ALA B 477 69.95 15.57 -7.90
N VAL B 478 69.21 16.53 -7.36
CA VAL B 478 69.49 17.95 -7.49
C VAL B 478 70.87 18.13 -6.91
N ALA B 479 71.70 18.95 -7.57
CA ALA B 479 73.02 19.33 -7.02
C ALA B 479 72.74 20.00 -5.68
N SER B 480 73.15 19.35 -4.59
CA SER B 480 72.75 19.76 -3.26
C SER B 480 73.41 21.04 -2.83
N SER B 481 72.74 21.83 -2.00
CA SER B 481 73.31 23.03 -1.41
C SER B 481 73.57 22.85 0.09
N CYS B 482 73.60 21.61 0.53
CA CYS B 482 73.61 21.27 1.94
C CYS B 482 74.84 20.45 2.24
N PHE B 483 75.02 20.11 3.51
CA PHE B 483 76.17 19.32 3.91
C PHE B 483 75.80 18.12 4.78
N ALA B 484 76.76 17.22 4.92
CA ALA B 484 76.65 16.07 5.79
C ALA B 484 77.97 15.92 6.50
N GLY B 485 77.94 15.72 7.81
CA GLY B 485 79.13 15.41 8.58
C GLY B 485 79.63 13.97 8.40
N VAL B 486 80.92 13.83 8.20
CA VAL B 486 81.64 12.56 8.29
C VAL B 486 82.49 12.65 9.55
N PRO B 487 82.46 11.64 10.43
CA PRO B 487 83.18 11.74 11.72
C PRO B 487 84.72 11.52 11.67
N ASN B 488 85.37 12.00 10.60
CA ASN B 488 86.80 11.82 10.39
C ASN B 488 87.27 12.78 9.29
N TYR B 489 88.58 12.82 9.07
CA TYR B 489 89.20 13.74 8.13
C TYR B 489 89.58 13.09 6.82
N ASN B 490 88.90 12.00 6.44
CA ASN B 490 89.19 11.33 5.17
C ASN B 490 88.90 12.30 4.03
N ASN B 491 89.81 12.36 3.04
CA ASN B 491 89.79 13.35 1.95
C ASN B 491 90.29 12.71 0.66
N PRO B 492 89.41 12.22 -0.23
CA PRO B 492 87.95 12.25 -0.10
C PRO B 492 87.43 11.13 0.79
N PRO B 493 86.15 11.23 1.24
CA PRO B 493 85.59 10.15 2.05
C PRO B 493 85.48 8.83 1.29
N ASN B 494 85.70 7.73 1.99
CA ASN B 494 85.65 6.39 1.39
C ASN B 494 84.25 5.83 1.40
N SER B 495 84.06 4.69 0.75
CA SER B 495 82.75 4.06 0.62
C SER B 495 82.13 3.62 1.96
N GLY B 496 82.96 3.45 3.00
CA GLY B 496 82.46 3.20 4.34
C GLY B 496 81.78 4.44 4.93
N ASP B 497 82.38 5.61 4.71
CA ASP B 497 81.77 6.89 5.12
C ASP B 497 80.46 7.16 4.37
N ILE B 498 80.42 6.83 3.08
CA ILE B 498 79.18 6.90 2.25
C ILE B 498 78.10 5.91 2.70
N GLU B 499 78.52 4.70 3.06
CA GLU B 499 77.62 3.67 3.60
C GLU B 499 76.95 4.08 4.90
N ARG B 500 77.71 4.73 5.76
CA ARG B 500 77.21 5.22 7.05
C ARG B 500 75.99 6.14 6.88
N LEU B 501 75.94 6.89 5.77
CA LEU B 501 74.83 7.78 5.45
C LEU B 501 73.56 7.07 4.97
N ARG B 502 73.66 5.82 4.55
CA ARG B 502 72.53 5.08 3.95
C ARG B 502 71.46 4.80 4.99
N GLY B 503 70.21 5.12 4.66
CA GLY B 503 69.09 4.99 5.58
C GLY B 503 68.78 6.22 6.42
N SER B 504 69.70 7.19 6.43
CA SER B 504 69.59 8.39 7.26
C SER B 504 69.63 9.67 6.43
N ILE B 505 70.69 9.82 5.65
CA ILE B 505 70.88 10.98 4.81
C ILE B 505 70.69 10.54 3.38
N ALA B 506 70.12 11.43 2.58
CA ALA B 506 69.95 11.19 1.15
C ALA B 506 69.96 12.49 0.36
N CYS B 507 69.86 12.36 -0.96
CA CYS B 507 69.70 13.48 -1.87
C CYS B 507 68.36 13.37 -2.57
N VAL B 508 67.78 14.53 -2.89
CA VAL B 508 66.43 14.58 -3.43
C VAL B 508 66.48 14.59 -4.96
N LYS B 509 65.72 13.67 -5.56
CA LYS B 509 65.64 13.46 -7.01
C LYS B 509 65.12 14.67 -7.79
N THR B 510 65.71 14.89 -8.96
CA THR B 510 65.27 15.93 -9.89
C THR B 510 63.83 15.64 -10.37
N SER B 511 63.52 14.34 -10.56
CA SER B 511 62.19 13.94 -11.02
C SER B 511 61.05 14.26 -10.04
N ALA B 512 61.36 14.47 -8.75
CA ALA B 512 60.36 14.75 -7.72
C ALA B 512 60.14 16.24 -7.46
N ILE B 513 60.90 17.07 -8.16
CA ILE B 513 61.06 18.47 -7.82
C ILE B 513 60.69 19.41 -8.98
N ALA B 514 60.12 20.56 -8.65
CA ALA B 514 59.88 21.58 -9.65
C ALA B 514 59.75 22.93 -9.00
N SER B 515 60.18 23.97 -9.72
CA SER B 515 60.00 25.34 -9.31
C SER B 515 58.56 25.78 -9.49
N MET B 516 58.19 26.92 -8.92
CA MET B 516 56.87 27.51 -9.10
C MET B 516 56.42 27.45 -10.55
N GLN B 517 57.25 27.95 -11.46
CA GLN B 517 56.89 27.98 -12.89
C GLN B 517 56.82 26.58 -13.53
N GLU B 518 57.82 25.73 -13.31
CA GLU B 518 57.77 24.34 -13.84
C GLU B 518 56.52 23.56 -13.36
N MET B 519 56.08 23.83 -12.12
CA MET B 519 54.90 23.20 -11.54
C MET B 519 53.63 23.69 -12.23
N LYS B 520 53.46 25.00 -12.37
CA LYS B 520 52.35 25.59 -13.15
C LYS B 520 52.24 24.94 -14.54
N SER B 521 53.37 24.87 -15.24
CA SER B 521 53.43 24.34 -16.59
C SER B 521 53.09 22.84 -16.63
N MET B 522 53.72 22.06 -15.76
CA MET B 522 53.45 20.61 -15.62
C MET B 522 51.99 20.34 -15.28
N LEU B 523 51.44 21.07 -14.31
CA LEU B 523 50.04 20.92 -13.91
C LEU B 523 48.99 21.35 -14.95
N SER B 524 49.32 22.34 -15.80
CA SER B 524 48.39 22.79 -16.83
C SER B 524 48.11 21.71 -17.90
N GLN B 525 48.97 20.69 -17.98
CA GLN B 525 48.75 19.50 -18.82
C GLN B 525 48.04 18.32 -18.12
N HIS B 526 47.36 18.57 -17.02
CA HIS B 526 46.60 17.54 -16.26
C HIS B 526 45.21 18.13 -15.98
N GLN B 527 44.15 17.43 -16.41
CA GLN B 527 42.79 17.99 -16.33
C GLN B 527 42.27 17.95 -14.89
N GLY B 528 41.67 19.07 -14.46
CA GLY B 528 41.02 19.17 -13.15
C GLY B 528 41.95 19.35 -11.96
N MET B 529 42.99 20.15 -12.13
CA MET B 529 44.01 20.43 -11.13
C MET B 529 44.48 21.88 -11.36
N GLN C 9 14.36 -4.29 -9.41
CA GLN C 9 13.00 -3.89 -9.98
C GLN C 9 11.82 -4.25 -9.05
N LEU C 10 10.75 -4.89 -9.52
CA LEU C 10 9.46 -4.70 -8.90
C LEU C 10 8.96 -5.97 -8.25
N GLY C 11 9.83 -6.90 -7.90
CA GLY C 11 9.39 -8.20 -7.37
C GLY C 11 9.15 -9.21 -8.45
N ASN C 12 8.88 -10.45 -8.03
CA ASN C 12 8.84 -11.59 -8.94
C ASN C 12 7.43 -12.10 -9.21
N LEU C 13 6.38 -11.41 -8.72
CA LEU C 13 5.01 -11.84 -8.97
C LEU C 13 4.73 -11.62 -10.42
N PRO C 14 4.35 -12.68 -11.16
CA PRO C 14 3.99 -12.46 -12.55
C PRO C 14 2.88 -11.43 -12.72
N GLY C 15 3.04 -10.57 -13.71
CA GLY C 15 2.15 -9.48 -13.97
C GLY C 15 2.61 -8.13 -13.48
N VAL C 16 3.44 -8.12 -12.44
CA VAL C 16 3.83 -6.87 -11.82
C VAL C 16 4.46 -5.90 -12.82
N THR C 17 5.21 -6.41 -13.79
CA THR C 17 5.91 -5.56 -14.75
C THR C 17 4.96 -4.94 -15.72
N SER C 18 3.75 -5.46 -15.83
CA SER C 18 2.73 -4.83 -16.68
C SER C 18 2.00 -3.68 -16.01
N MET C 19 2.03 -3.61 -14.68
CA MET C 19 1.22 -2.66 -13.96
C MET C 19 1.76 -1.23 -14.09
N GLY C 20 0.86 -0.30 -14.32
CA GLY C 20 1.23 1.10 -14.45
C GLY C 20 1.94 1.43 -15.72
N MET C 21 1.91 0.54 -16.70
CA MET C 21 2.53 0.78 -17.98
C MET C 21 1.47 1.36 -18.83
N GLY C 22 1.88 2.22 -19.75
CA GLY C 22 1.05 2.58 -20.89
C GLY C 22 0.56 1.40 -21.69
N TYR C 23 -0.60 1.54 -22.29
CA TYR C 23 -1.16 0.53 -23.16
C TYR C 23 -1.61 1.08 -24.49
N ASP C 24 -1.33 0.33 -25.53
CA ASP C 24 -1.82 0.62 -26.86
C ASP C 24 -3.27 0.13 -26.93
N VAL C 25 -4.18 1.06 -26.73
CA VAL C 25 -5.62 0.74 -26.73
C VAL C 25 -6.13 0.30 -28.07
N ASN C 26 -5.34 0.55 -29.12
CA ASN C 26 -5.63 0.08 -30.48
C ASN C 26 -4.90 -1.20 -30.83
N GLY C 27 -4.28 -1.85 -29.86
CA GLY C 27 -3.47 -3.05 -30.09
C GLY C 27 -4.24 -4.34 -29.86
N LEU C 28 -3.64 -5.28 -29.15
CA LEU C 28 -4.34 -6.52 -28.82
C LEU C 28 -5.17 -6.33 -27.54
N TYR C 29 -6.11 -7.23 -27.32
CA TYR C 29 -6.91 -7.24 -26.13
C TYR C 29 -6.07 -7.81 -25.01
N ALA C 30 -5.92 -7.04 -23.94
CA ALA C 30 -5.26 -7.50 -22.70
C ALA C 30 -4.12 -8.48 -22.95
N SER C 31 -3.08 -7.96 -23.60
CA SER C 31 -1.87 -8.70 -23.88
C SER C 31 -0.66 -7.86 -23.51
N PRO C 32 0.41 -8.51 -23.02
CA PRO C 32 1.69 -7.82 -22.81
C PRO C 32 2.29 -7.26 -24.09
N GLU C 33 1.94 -7.83 -25.24
CA GLU C 33 2.49 -7.36 -26.50
C GLU C 33 2.07 -5.92 -26.79
N SER C 34 0.96 -5.47 -26.24
CA SER C 34 0.48 -4.11 -26.45
C SER C 34 0.83 -3.14 -25.29
N LEU C 35 1.69 -3.56 -24.36
CA LEU C 35 2.25 -2.63 -23.38
C LEU C 35 3.25 -1.73 -24.07
N LEU C 36 3.41 -0.54 -23.55
CA LEU C 36 4.27 0.48 -24.12
C LEU C 36 5.43 0.70 -23.20
N GLY C 37 6.49 1.25 -23.79
CA GLY C 37 7.79 1.34 -23.17
C GLY C 37 7.92 1.92 -21.79
N GLN C 38 7.61 3.22 -21.64
CA GLN C 38 8.04 3.97 -20.45
C GLN C 38 7.23 3.66 -19.19
N PRO C 39 7.90 3.27 -18.08
CA PRO C 39 7.19 3.19 -16.79
C PRO C 39 6.64 4.56 -16.38
N LEU C 40 5.40 4.60 -15.86
CA LEU C 40 4.80 5.88 -15.55
C LEU C 40 5.08 6.26 -14.11
N PHE C 41 5.19 5.25 -13.27
CA PHE C 41 5.15 5.48 -11.83
C PHE C 41 6.34 4.90 -11.13
N ASP C 42 6.59 5.42 -9.96
CA ASP C 42 7.62 4.96 -9.04
C ASP C 42 6.81 4.34 -7.93
N PHE C 43 6.83 3.02 -7.82
CA PHE C 43 5.89 2.33 -6.93
C PHE C 43 6.44 2.09 -5.50
N GLY C 44 7.57 2.74 -5.17
CA GLY C 44 8.33 2.45 -3.97
C GLY C 44 9.22 1.25 -4.25
N GLY C 45 10.40 1.25 -3.60
CA GLY C 45 11.26 0.06 -3.55
C GLY C 45 10.84 -0.95 -2.49
N GLU C 46 9.89 -0.58 -1.63
CA GLU C 46 9.37 -1.48 -0.64
C GLU C 46 8.44 -2.50 -1.30
N LEU C 47 8.62 -3.74 -0.86
CA LEU C 47 7.93 -4.89 -1.42
C LEU C 47 7.22 -5.66 -0.35
N ASP C 48 6.08 -6.21 -0.70
CA ASP C 48 5.38 -7.18 0.13
C ASP C 48 5.76 -8.53 -0.41
N SER C 49 5.68 -9.53 0.43
CA SER C 49 5.80 -10.90 -0.01
C SER C 49 4.57 -11.66 0.41
N ILE C 50 4.21 -12.60 -0.43
CA ILE C 50 2.96 -13.30 -0.33
C ILE C 50 3.22 -14.76 -0.72
N GLU C 51 2.54 -15.67 -0.04
CA GLU C 51 2.57 -17.09 -0.38
C GLU C 51 1.26 -17.43 -1.11
N ILE C 52 1.41 -18.02 -2.29
CA ILE C 52 0.28 -18.38 -3.13
C ILE C 52 0.52 -19.81 -3.60
N GLU C 53 -0.23 -20.74 -3.00
CA GLU C 53 -0.16 -22.15 -3.32
C GLU C 53 1.25 -22.68 -3.41
N GLY C 54 1.95 -22.49 -2.30
CA GLY C 54 3.28 -23.06 -2.10
C GLY C 54 4.40 -22.24 -2.68
N ARG C 55 4.11 -21.23 -3.49
CA ARG C 55 5.16 -20.39 -4.05
C ARG C 55 5.22 -19.01 -3.42
N SER C 56 6.43 -18.48 -3.30
CA SER C 56 6.65 -17.16 -2.71
C SER C 56 6.79 -16.10 -3.76
N TYR C 57 6.10 -14.99 -3.56
CA TYR C 57 6.11 -13.93 -4.53
C TYR C 57 6.37 -12.61 -3.83
N THR C 58 7.02 -11.69 -4.51
CA THR C 58 7.12 -10.33 -4.08
C THR C 58 6.51 -9.39 -5.11
N PHE C 59 6.11 -8.21 -4.66
CA PHE C 59 5.50 -7.19 -5.51
C PHE C 59 5.54 -5.89 -4.73
N PRO C 60 5.38 -4.74 -5.40
CA PRO C 60 5.40 -3.46 -4.66
C PRO C 60 4.25 -3.31 -3.68
N ARG C 61 4.56 -2.82 -2.48
CA ARG C 61 3.57 -2.54 -1.41
C ARG C 61 2.39 -1.73 -1.90
N SER C 62 2.67 -0.80 -2.79
CA SER C 62 1.66 0.07 -3.36
C SER C 62 0.66 -0.65 -4.26
N MET C 63 0.91 -1.88 -4.69
CA MET C 63 -0.06 -2.62 -5.47
C MET C 63 -0.80 -3.54 -4.54
N HIS C 64 -1.97 -3.94 -4.98
CA HIS C 64 -2.81 -4.90 -4.28
C HIS C 64 -2.96 -6.14 -5.14
N VAL C 65 -2.92 -7.29 -4.47
CA VAL C 65 -3.07 -8.55 -5.12
C VAL C 65 -4.27 -9.23 -4.53
N HIS C 66 -5.12 -9.74 -5.41
CA HIS C 66 -6.25 -10.60 -5.07
C HIS C 66 -6.12 -11.92 -5.81
N THR C 67 -5.81 -12.99 -5.09
CA THR C 67 -5.73 -14.30 -5.72
C THR C 67 -7.14 -14.81 -5.88
N TYR C 68 -7.43 -15.41 -7.03
CA TYR C 68 -8.69 -16.10 -7.26
C TYR C 68 -8.47 -17.09 -8.40
N PHE C 69 -8.16 -18.32 -8.07
CA PHE C 69 -7.91 -19.34 -9.09
C PHE C 69 -9.26 -19.78 -9.68
N HIS C 70 -9.62 -19.19 -10.82
CA HIS C 70 -10.87 -19.54 -11.50
C HIS C 70 -10.89 -19.13 -12.99
N SER C 71 -11.94 -19.57 -13.70
CA SER C 71 -12.14 -19.29 -15.13
C SER C 71 -13.28 -18.32 -15.39
N ASP C 72 -13.00 -17.17 -16.02
CA ASP C 72 -14.02 -16.25 -16.51
C ASP C 72 -14.25 -16.55 -17.98
N PHE C 73 -15.51 -16.70 -18.33
CA PHE C 73 -15.92 -16.97 -19.68
C PHE C 73 -16.61 -15.75 -20.26
N LYS C 74 -16.22 -15.34 -21.45
CA LYS C 74 -16.83 -14.17 -22.11
C LYS C 74 -17.01 -14.41 -23.59
N GLN C 75 -18.11 -13.89 -24.15
CA GLN C 75 -18.35 -13.96 -25.59
C GLN C 75 -18.80 -12.63 -26.17
N ASP C 76 -18.17 -12.22 -27.26
CA ASP C 76 -18.65 -11.11 -28.07
C ASP C 76 -18.99 -11.67 -29.41
N VAL C 77 -20.25 -11.52 -29.80
CA VAL C 77 -20.76 -12.09 -31.04
C VAL C 77 -21.56 -11.03 -31.82
N SER C 78 -21.34 -10.99 -33.12
CA SER C 78 -22.15 -10.12 -33.97
C SER C 78 -22.06 -10.46 -35.44
N LYS C 79 -23.17 -10.26 -36.12
CA LYS C 79 -23.28 -10.34 -37.57
C LYS C 79 -22.65 -9.15 -38.28
N GLU C 80 -22.32 -8.10 -37.53
CA GLU C 80 -21.87 -6.84 -38.06
C GLU C 80 -20.51 -6.53 -37.42
N ILE C 81 -19.46 -6.45 -38.24
CA ILE C 81 -18.07 -6.30 -37.74
C ILE C 81 -17.89 -5.10 -36.80
N GLU C 82 -18.51 -3.97 -37.13
CA GLU C 82 -18.37 -2.77 -36.30
C GLU C 82 -19.02 -2.92 -34.94
N GLU C 83 -20.09 -3.71 -34.87
CA GLU C 83 -20.76 -3.96 -33.60
C GLU C 83 -19.88 -4.93 -32.78
N TYR C 84 -19.29 -5.93 -33.45
CA TYR C 84 -18.34 -6.82 -32.79
C TYR C 84 -17.21 -6.03 -32.12
N ARG C 85 -16.63 -5.12 -32.88
CA ARG C 85 -15.57 -4.25 -32.38
C ARG C 85 -16.00 -3.45 -31.16
N GLU C 86 -17.21 -2.89 -31.18
CA GLU C 86 -17.75 -2.17 -30.03
C GLU C 86 -17.92 -3.08 -28.83
N LYS C 87 -18.50 -4.25 -29.07
CA LYS C 87 -18.77 -5.20 -28.01
C LYS C 87 -17.48 -5.61 -27.31
N MET C 88 -16.45 -5.86 -28.10
CA MET C 88 -15.14 -6.22 -27.60
C MET C 88 -14.48 -5.13 -26.75
N SER C 89 -14.83 -3.87 -27.01
CA SER C 89 -14.28 -2.72 -26.29
C SER C 89 -14.99 -2.32 -25.00
N GLN C 90 -16.09 -2.99 -24.68
CA GLN C 90 -16.91 -2.63 -23.53
C GLN C 90 -16.21 -3.05 -22.27
N HIS C 91 -16.41 -2.22 -21.25
CA HIS C 91 -16.12 -2.60 -19.88
C HIS C 91 -14.63 -2.92 -19.69
N VAL C 92 -13.77 -2.07 -20.26
CA VAL C 92 -12.35 -2.13 -19.99
C VAL C 92 -11.81 -0.83 -19.42
N GLY C 93 -12.69 0.13 -19.15
CA GLY C 93 -12.31 1.40 -18.54
C GLY C 93 -12.14 2.56 -19.48
N VAL C 94 -12.27 2.33 -20.78
CA VAL C 94 -12.16 3.43 -21.71
C VAL C 94 -13.52 4.04 -21.89
N SER C 95 -13.68 5.23 -21.32
CA SER C 95 -14.86 6.05 -21.49
C SER C 95 -15.05 6.44 -22.94
N GLY C 96 -16.30 6.64 -23.32
CA GLY C 96 -16.67 6.90 -24.71
C GLY C 96 -17.17 5.59 -25.26
N ARG C 97 -17.43 5.59 -26.57
CA ARG C 97 -17.94 4.42 -27.24
C ARG C 97 -16.94 4.10 -28.34
N TYR C 98 -15.67 4.00 -27.98
CA TYR C 98 -14.60 3.75 -28.93
C TYR C 98 -14.48 2.27 -29.27
N LYS C 99 -14.15 2.00 -30.53
CA LYS C 99 -13.75 0.68 -30.99
C LYS C 99 -12.26 0.47 -30.73
N LEU C 100 -11.98 -0.30 -29.68
CA LEU C 100 -10.63 -0.55 -29.19
C LEU C 100 -10.13 -1.86 -29.73
N PHE C 101 -8.84 -2.09 -29.51
CA PHE C 101 -8.18 -3.36 -29.80
C PHE C 101 -8.27 -3.78 -31.26
N SER C 102 -8.10 -2.82 -32.18
CA SER C 102 -8.22 -3.08 -33.63
C SER C 102 -7.18 -4.11 -34.12
N ALA C 103 -6.00 -4.17 -33.51
CA ALA C 103 -5.01 -5.14 -33.94
C ALA C 103 -5.40 -6.62 -33.67
N SER C 104 -6.30 -6.86 -32.72
CA SER C 104 -6.76 -8.23 -32.44
C SER C 104 -7.62 -8.80 -33.57
N LEU C 105 -8.30 -7.92 -34.33
CA LEU C 105 -9.10 -8.36 -35.46
C LEU C 105 -8.37 -9.29 -36.42
N SER C 106 -7.16 -8.91 -36.83
CA SER C 106 -6.39 -9.73 -37.75
C SER C 106 -5.71 -10.90 -37.08
N VAL C 107 -5.56 -10.82 -35.77
CA VAL C 107 -5.19 -11.98 -34.97
C VAL C 107 -6.34 -13.00 -35.00
N ASP C 108 -7.56 -12.52 -34.80
CA ASP C 108 -8.75 -13.40 -34.65
C ASP C 108 -9.41 -13.86 -35.95
N PHE C 109 -9.35 -13.04 -36.99
CA PHE C 109 -10.08 -13.26 -38.24
C PHE C 109 -9.19 -12.97 -39.43
N THR C 110 -9.42 -13.71 -40.52
CA THR C 110 -8.69 -13.42 -41.75
C THR C 110 -9.16 -12.07 -42.24
N THR C 111 -8.31 -11.42 -43.01
CA THR C 111 -8.65 -10.14 -43.56
C THR C 111 -9.84 -10.28 -44.54
N THR C 112 -9.91 -11.39 -45.28
CA THR C 112 -11.05 -11.65 -46.16
C THR C 112 -12.39 -11.64 -45.35
N ASP C 113 -12.46 -12.45 -44.30
CA ASP C 113 -13.66 -12.57 -43.47
C ASP C 113 -14.06 -11.27 -42.82
N GLN C 114 -13.07 -10.45 -42.46
CA GLN C 114 -13.37 -9.15 -41.88
C GLN C 114 -14.17 -8.29 -42.87
N GLN C 115 -13.76 -8.35 -44.13
CA GLN C 115 -14.35 -7.52 -45.16
C GLN C 115 -15.59 -8.15 -45.77
N LEU C 116 -15.68 -9.47 -45.80
CA LEU C 116 -16.90 -10.12 -46.27
C LEU C 116 -18.10 -9.75 -45.43
N THR C 117 -19.23 -9.85 -46.09
CA THR C 117 -20.50 -9.54 -45.52
C THR C 117 -21.19 -10.90 -45.28
N GLU C 118 -22.30 -10.93 -44.56
CA GLU C 118 -22.94 -12.22 -44.17
C GLU C 118 -22.06 -13.16 -43.27
N ILE C 119 -21.03 -12.61 -42.63
CA ILE C 119 -20.17 -13.36 -41.72
C ILE C 119 -20.55 -12.95 -40.30
N THR C 120 -20.62 -13.94 -39.42
CA THR C 120 -20.77 -13.70 -38.00
C THR C 120 -19.41 -13.84 -37.31
N TYR C 121 -19.07 -12.84 -36.54
CA TYR C 121 -17.80 -12.72 -35.85
C TYR C 121 -18.06 -13.08 -34.39
N SER C 122 -17.35 -14.07 -33.89
CA SER C 122 -17.44 -14.46 -32.47
C SER C 122 -16.07 -14.54 -31.84
N SER C 123 -15.95 -14.02 -30.64
CA SER C 123 -14.77 -14.24 -29.78
C SER C 123 -15.26 -14.91 -28.52
N THR C 124 -14.84 -16.15 -28.32
CA THR C 124 -15.20 -16.89 -27.13
C THR C 124 -13.93 -17.04 -26.32
N ARG C 125 -13.87 -16.35 -25.19
CA ARG C 125 -12.64 -16.23 -24.39
C ARG C 125 -12.80 -16.86 -23.02
N GLU C 126 -11.85 -17.70 -22.65
CA GLU C 126 -11.82 -18.32 -21.39
C GLU C 126 -10.55 -17.86 -20.72
N ALA C 127 -10.72 -17.05 -19.68
CA ALA C 127 -9.62 -16.46 -18.97
C ALA C 127 -9.35 -17.29 -17.70
N HIS C 128 -8.13 -17.81 -17.58
CA HIS C 128 -7.74 -18.63 -16.46
C HIS C 128 -6.97 -17.72 -15.50
N VAL C 129 -7.71 -17.10 -14.58
CA VAL C 129 -7.16 -16.11 -13.71
C VAL C 129 -6.46 -16.80 -12.57
N LEU C 130 -5.23 -16.39 -12.29
CA LEU C 130 -4.55 -16.78 -11.06
C LEU C 130 -4.76 -15.66 -10.01
N TRP C 131 -4.48 -14.42 -10.40
CA TRP C 131 -4.70 -13.29 -9.53
C TRP C 131 -4.95 -12.01 -10.30
N TYR C 132 -5.46 -11.01 -9.61
CA TYR C 132 -5.61 -9.67 -10.11
C TYR C 132 -4.59 -8.82 -9.39
N ILE C 133 -4.01 -7.86 -10.11
CA ILE C 133 -3.15 -6.87 -9.50
C ILE C 133 -3.83 -5.55 -9.79
N SER C 134 -3.81 -4.65 -8.81
CA SER C 134 -4.47 -3.34 -8.99
C SER C 134 -3.65 -2.26 -8.35
N LEU C 135 -3.69 -1.07 -8.94
CA LEU C 135 -2.96 0.08 -8.48
C LEU C 135 -3.84 1.02 -7.66
N PRO C 136 -3.24 2.04 -7.01
CA PRO C 136 -4.01 3.15 -6.49
C PRO C 136 -4.77 3.91 -7.56
N GLY C 137 -5.74 4.72 -7.12
CA GLY C 137 -6.51 5.59 -8.01
C GLY C 137 -5.63 6.68 -8.53
N ALA C 138 -6.06 7.34 -9.59
CA ALA C 138 -5.35 8.47 -10.22
C ALA C 138 -4.85 9.48 -9.24
N ALA C 139 -5.69 9.82 -8.27
CA ALA C 139 -5.34 10.91 -7.34
C ALA C 139 -4.23 10.50 -6.40
N THR C 140 -4.09 9.23 -6.08
CA THR C 140 -2.98 8.75 -5.25
C THR C 140 -1.71 8.68 -6.09
N LEU C 141 -1.86 8.19 -7.32
CA LEU C 141 -0.73 8.02 -8.24
C LEU C 141 -0.11 9.34 -8.68
N ARG C 142 -0.89 10.41 -8.60
CA ARG C 142 -0.40 11.75 -8.92
C ARG C 142 0.90 12.11 -8.19
N SER C 143 1.04 11.65 -6.95
CA SER C 143 2.27 11.86 -6.17
C SER C 143 3.35 10.78 -6.39
N MET C 144 3.13 9.86 -7.33
CA MET C 144 4.03 8.72 -7.54
C MET C 144 4.57 8.68 -8.98
N LEU C 145 4.52 9.81 -9.68
CA LEU C 145 4.89 9.84 -11.08
C LEU C 145 6.42 9.81 -11.19
N ARG C 146 6.94 9.15 -12.24
CA ARG C 146 8.35 9.28 -12.56
C ARG C 146 8.62 10.69 -13.00
N ARG C 147 9.86 11.12 -12.87
CA ARG C 147 10.26 12.51 -13.10
C ARG C 147 9.86 12.99 -14.52
N ASP C 148 10.38 12.34 -15.56
CA ASP C 148 10.13 12.82 -16.93
C ASP C 148 8.67 12.73 -17.36
N PHE C 149 7.94 11.72 -16.89
CA PHE C 149 6.52 11.64 -17.16
C PHE C 149 5.80 12.79 -16.49
N ARG C 150 6.08 13.05 -15.21
CA ARG C 150 5.50 14.23 -14.54
C ARG C 150 5.74 15.52 -15.32
N ASP C 151 6.99 15.72 -15.79
CA ASP C 151 7.33 16.96 -16.49
C ASP C 151 6.54 17.05 -17.79
N ASP C 152 6.56 15.99 -18.60
CA ASP C 152 5.86 15.97 -19.90
C ASP C 152 4.37 16.11 -19.72
N LEU C 153 3.81 15.30 -18.80
CA LEU C 153 2.37 15.31 -18.53
C LEU C 153 1.87 16.70 -18.18
N ASN C 154 2.61 17.41 -17.33
CA ASN C 154 2.16 18.71 -16.81
C ASN C 154 2.68 19.95 -17.59
N ASN C 155 3.66 19.77 -18.49
CA ASN C 155 4.16 20.85 -19.36
C ASN C 155 3.06 21.22 -20.36
N PRO C 156 2.58 22.50 -20.35
CA PRO C 156 1.51 22.85 -21.32
C PRO C 156 1.98 22.93 -22.78
N ASN C 157 3.28 23.04 -22.99
CA ASN C 157 3.87 23.07 -24.32
C ASN C 157 4.20 21.69 -24.88
N MET C 158 3.98 20.64 -24.11
CA MET C 158 4.08 19.27 -24.61
C MET C 158 2.73 18.89 -25.21
N PRO C 159 2.65 18.74 -26.55
CA PRO C 159 1.32 18.46 -27.09
C PRO C 159 0.80 17.07 -26.79
N ALA C 160 -0.53 16.96 -26.69
CA ALA C 160 -1.22 15.68 -26.46
C ALA C 160 -0.72 14.50 -27.30
N MET C 161 -0.53 14.73 -28.60
CA MET C 161 -0.11 13.63 -29.49
C MET C 161 1.25 13.02 -29.10
N GLU C 162 2.19 13.87 -28.72
CA GLU C 162 3.50 13.39 -28.30
C GLU C 162 3.40 12.67 -26.99
N LEU C 163 2.69 13.30 -26.05
CA LEU C 163 2.47 12.71 -24.76
C LEU C 163 1.90 11.33 -24.93
N PHE C 164 0.87 11.22 -25.76
CA PHE C 164 0.22 9.92 -26.02
C PHE C 164 1.13 8.92 -26.74
N LYS C 165 1.96 9.38 -27.68
CA LYS C 165 2.94 8.48 -28.30
C LYS C 165 3.97 7.98 -27.27
N ARG C 166 4.52 8.89 -26.47
CA ARG C 166 5.55 8.56 -25.49
C ARG C 166 5.06 7.61 -24.40
N TYR C 167 3.88 7.89 -23.86
CA TYR C 167 3.42 7.23 -22.64
C TYR C 167 2.20 6.32 -22.80
N GLY C 168 1.47 6.47 -23.89
CA GLY C 168 0.12 5.89 -24.03
C GLY C 168 -0.92 6.82 -23.46
N PRO C 169 -2.10 6.88 -24.06
CA PRO C 169 -3.17 7.69 -23.46
C PRO C 169 -3.80 7.03 -22.22
N TYR C 170 -3.68 5.72 -22.10
CA TYR C 170 -4.19 4.96 -21.00
C TYR C 170 -3.11 4.09 -20.46
N TYR C 171 -3.23 3.75 -19.17
CA TYR C 171 -2.28 2.86 -18.53
C TYR C 171 -3.00 1.73 -17.83
N ILE C 172 -2.25 0.69 -17.50
CA ILE C 172 -2.80 -0.49 -16.87
C ILE C 172 -2.92 -0.21 -15.37
N SER C 173 -4.14 -0.09 -14.90
CA SER C 173 -4.44 0.15 -13.50
C SER C 173 -4.84 -1.09 -12.75
N GLU C 174 -5.46 -2.04 -13.46
CA GLU C 174 -5.88 -3.30 -12.88
C GLU C 174 -5.82 -4.37 -13.98
N ALA C 175 -5.34 -5.57 -13.66
CA ALA C 175 -5.28 -6.63 -14.64
C ALA C 175 -5.41 -8.01 -14.02
N ALA C 176 -6.02 -8.90 -14.79
CA ALA C 176 -6.05 -10.31 -14.48
C ALA C 176 -4.75 -10.93 -14.97
N VAL C 177 -4.15 -11.78 -14.14
CA VAL C 177 -2.96 -12.49 -14.49
C VAL C 177 -3.22 -13.99 -14.53
N GLY C 178 -2.73 -14.62 -15.59
CA GLY C 178 -2.79 -16.07 -15.78
C GLY C 178 -2.66 -16.39 -17.26
N GLY C 179 -3.60 -17.11 -17.82
CA GLY C 179 -3.62 -17.34 -19.26
C GLY C 179 -5.00 -17.30 -19.81
N ARG C 180 -5.13 -16.88 -21.05
CA ARG C 180 -6.43 -16.74 -21.70
C ARG C 180 -6.41 -17.48 -23.01
N LEU C 181 -7.52 -18.14 -23.35
CA LEU C 181 -7.69 -18.65 -24.69
C LEU C 181 -8.83 -17.92 -25.37
N ASP C 182 -8.58 -17.53 -26.62
CA ASP C 182 -9.54 -16.84 -27.49
C ASP C 182 -9.90 -17.77 -28.63
N TYR C 183 -11.11 -18.28 -28.61
CA TYR C 183 -11.62 -19.15 -29.65
C TYR C 183 -12.44 -18.25 -30.52
N SER C 184 -11.84 -17.79 -31.61
CA SER C 184 -12.49 -16.79 -32.48
C SER C 184 -12.98 -17.41 -33.78
N ALA C 185 -14.20 -17.08 -34.17
CA ALA C 185 -14.81 -17.70 -35.35
C ALA C 185 -15.44 -16.67 -36.27
N ALA C 186 -15.09 -16.78 -37.54
CA ALA C 186 -15.80 -16.13 -38.63
C ALA C 186 -16.76 -17.15 -39.22
N SER C 187 -18.04 -17.03 -38.92
CA SER C 187 -19.04 -18.03 -39.26
C SER C 187 -19.91 -17.55 -40.41
N LYS C 188 -20.16 -18.44 -41.36
CA LYS C 188 -21.08 -18.21 -42.47
C LYS C 188 -22.43 -18.75 -42.03
N THR C 189 -23.21 -17.94 -41.32
CA THR C 189 -24.46 -18.46 -40.71
C THR C 189 -25.52 -18.94 -41.69
N LEU C 190 -25.57 -18.31 -42.88
CA LEU C 190 -26.56 -18.70 -43.90
C LEU C 190 -26.38 -20.16 -44.36
N LYS C 191 -25.19 -20.73 -44.09
CA LYS C 191 -24.93 -22.15 -44.39
C LYS C 191 -25.12 -23.09 -43.20
N MET C 192 -25.82 -22.64 -42.14
CA MET C 192 -25.62 -23.22 -40.81
C MET C 192 -26.83 -23.70 -39.98
N ASP C 193 -27.89 -24.22 -40.61
CA ASP C 193 -29.01 -24.87 -39.87
C ASP C 193 -29.47 -24.02 -38.67
N SER C 194 -29.60 -22.72 -38.94
CA SER C 194 -29.50 -21.69 -37.89
C SER C 194 -30.75 -21.57 -37.02
N SER C 195 -30.93 -22.55 -36.14
CA SER C 195 -32.06 -22.61 -35.17
C SER C 195 -31.60 -22.24 -33.75
N GLN C 196 -30.60 -22.97 -33.24
CA GLN C 196 -29.89 -22.69 -31.98
C GLN C 196 -28.98 -21.45 -32.14
N SER C 197 -28.82 -20.64 -31.09
CA SER C 197 -28.05 -19.40 -31.21
C SER C 197 -26.56 -19.70 -31.51
N LEU C 198 -25.92 -18.82 -32.30
CA LEU C 198 -24.53 -19.04 -32.75
C LEU C 198 -23.59 -19.01 -31.54
N SER C 199 -23.87 -18.11 -30.61
CA SER C 199 -23.01 -17.93 -29.44
C SER C 199 -22.97 -19.20 -28.55
N THR C 200 -24.12 -19.86 -28.38
CA THR C 200 -24.21 -21.11 -27.64
C THR C 200 -23.47 -22.23 -28.38
N THR C 201 -23.65 -22.33 -29.71
CA THR C 201 -22.91 -23.31 -30.52
C THR C 201 -21.40 -23.10 -30.41
N ALA C 202 -20.98 -21.83 -30.39
CA ALA C 202 -19.58 -21.49 -30.29
C ALA C 202 -19.04 -21.92 -28.93
N GLU C 203 -19.80 -21.59 -27.89
CA GLU C 203 -19.53 -22.02 -26.51
C GLU C 203 -19.34 -23.54 -26.41
N MET C 204 -20.31 -24.29 -26.94
CA MET C 204 -20.25 -25.73 -26.88
C MET C 204 -19.06 -26.27 -27.70
N SER C 205 -18.78 -25.70 -28.85
CA SER C 205 -17.68 -26.16 -29.65
C SER C 205 -16.37 -25.97 -28.87
N TYR C 206 -16.19 -24.78 -28.30
CA TYR C 206 -15.01 -24.51 -27.49
C TYR C 206 -14.93 -25.49 -26.32
N LYS C 207 -16.03 -25.63 -25.58
CA LYS C 207 -16.03 -26.50 -24.39
C LYS C 207 -15.77 -27.96 -24.67
N ALA C 208 -16.24 -28.46 -25.83
CA ALA C 208 -15.96 -29.83 -26.24
C ALA C 208 -14.50 -29.98 -26.62
N LEU C 209 -13.96 -28.95 -27.23
CA LEU C 209 -12.58 -28.95 -27.69
C LEU C 209 -11.58 -29.12 -26.55
N VAL C 210 -11.80 -28.36 -25.49
CA VAL C 210 -10.95 -28.43 -24.30
C VAL C 210 -11.44 -29.45 -23.28
N GLY C 211 -12.52 -30.15 -23.56
CA GLY C 211 -12.96 -31.25 -22.71
C GLY C 211 -13.79 -30.87 -21.52
N GLU C 212 -14.24 -29.62 -21.44
CA GLU C 212 -15.16 -29.24 -20.35
C GLU C 212 -16.55 -29.92 -20.53
N ILE C 213 -16.92 -30.18 -21.79
CA ILE C 213 -18.02 -31.08 -22.08
C ILE C 213 -17.57 -32.17 -23.02
N LYS C 214 -18.31 -33.28 -23.04
CA LYS C 214 -18.21 -34.26 -24.13
C LYS C 214 -19.52 -34.16 -24.89
N ILE C 215 -19.42 -34.24 -26.22
CA ILE C 215 -20.60 -34.25 -27.08
C ILE C 215 -20.82 -35.68 -27.49
N GLU C 216 -22.05 -36.17 -27.34
CA GLU C 216 -22.40 -37.57 -27.71
C GLU C 216 -22.48 -37.63 -29.24
N HIS C 217 -21.81 -38.62 -29.82
CA HIS C 217 -21.89 -38.89 -31.25
C HIS C 217 -23.34 -39.06 -31.68
N GLY C 218 -23.66 -38.54 -32.86
CA GLY C 218 -25.03 -38.55 -33.35
C GLY C 218 -26.02 -37.64 -32.67
N SER C 219 -25.58 -36.76 -31.78
CA SER C 219 -26.51 -35.86 -31.10
C SER C 219 -26.90 -34.64 -31.94
N GLU C 220 -27.92 -33.94 -31.49
CA GLU C 220 -28.27 -32.66 -32.05
C GLU C 220 -27.14 -31.66 -31.83
N MET C 221 -26.55 -31.66 -30.63
CA MET C 221 -25.44 -30.77 -30.34
C MET C 221 -24.25 -31.03 -31.28
N GLU C 222 -23.97 -32.30 -31.57
CA GLU C 222 -22.89 -32.63 -32.51
C GLU C 222 -23.15 -32.08 -33.89
N LYS C 223 -24.38 -32.20 -34.37
CA LYS C 223 -24.74 -31.68 -35.67
C LYS C 223 -24.47 -30.17 -35.66
N GLN C 224 -24.99 -29.47 -34.65
CA GLN C 224 -24.87 -28.03 -34.54
C GLN C 224 -23.42 -27.55 -34.50
N VAL C 225 -22.57 -28.27 -33.75
CA VAL C 225 -21.15 -27.93 -33.62
C VAL C 225 -20.38 -28.24 -34.89
N ASN C 226 -20.67 -29.39 -35.51
CA ASN C 226 -20.05 -29.77 -36.79
C ASN C 226 -20.35 -28.73 -37.87
N SER C 227 -21.59 -28.27 -37.89
CA SER C 227 -22.03 -27.22 -38.81
C SER C 227 -21.25 -25.91 -38.60
N PHE C 228 -21.10 -25.54 -37.32
CA PHE C 228 -20.31 -24.36 -36.93
C PHE C 228 -18.86 -24.46 -37.42
N ARG C 229 -18.23 -25.57 -37.10
CA ARG C 229 -16.84 -25.77 -37.43
C ARG C 229 -16.56 -25.79 -38.92
N SER C 230 -17.33 -26.57 -39.67
CA SER C 230 -17.07 -26.72 -41.11
C SER C 230 -17.58 -25.51 -41.95
N ASN C 231 -18.42 -24.66 -41.38
CA ASN C 231 -18.79 -23.38 -42.02
C ASN C 231 -18.22 -22.14 -41.31
N SER C 232 -17.17 -22.30 -40.51
CA SER C 232 -16.43 -21.16 -39.97
C SER C 232 -14.92 -21.28 -40.20
N THR C 233 -14.26 -20.14 -40.30
CA THR C 233 -12.82 -20.03 -40.01
C THR C 233 -12.65 -19.80 -38.50
N ILE C 234 -11.92 -20.71 -37.87
CA ILE C 234 -11.75 -20.79 -36.44
C ILE C 234 -10.26 -20.68 -36.09
N ARG C 235 -9.96 -19.81 -35.14
CA ARG C 235 -8.63 -19.69 -34.57
C ARG C 235 -8.68 -19.81 -33.05
N LEU C 236 -7.56 -20.28 -32.50
CA LEU C 236 -7.33 -20.34 -31.07
C LEU C 236 -6.07 -19.55 -30.76
N THR C 237 -6.17 -18.46 -30.00
CA THR C 237 -5.04 -17.62 -29.62
C THR C 237 -4.90 -17.61 -28.10
N ALA C 238 -3.67 -17.81 -27.63
CA ALA C 238 -3.37 -17.90 -26.23
C ALA C 238 -2.64 -16.64 -25.82
N THR C 239 -3.08 -15.99 -24.74
CA THR C 239 -2.31 -14.94 -24.13
C THR C 239 -1.91 -15.48 -22.78
N GLY C 240 -0.61 -15.65 -22.59
CA GLY C 240 -0.06 -16.22 -21.38
C GLY C 240 -0.09 -17.70 -21.57
N GLY C 241 0.56 -18.42 -20.67
CA GLY C 241 0.64 -19.87 -20.76
C GLY C 241 1.78 -20.32 -21.61
N LYS C 242 2.04 -21.62 -21.58
CA LYS C 242 3.13 -22.21 -22.37
C LYS C 242 2.85 -21.93 -23.86
N PRO C 243 3.83 -21.42 -24.60
CA PRO C 243 3.60 -21.12 -26.01
C PRO C 243 3.55 -22.36 -26.89
N GLY C 244 2.94 -22.22 -28.05
CA GLY C 244 2.83 -23.30 -29.04
C GLY C 244 1.90 -24.42 -28.64
N MET C 245 0.92 -24.14 -27.79
CA MET C 245 -0.07 -25.14 -27.42
C MET C 245 -1.37 -25.03 -28.17
N THR C 246 -1.61 -23.89 -28.82
CA THR C 246 -2.93 -23.67 -29.35
C THR C 246 -3.20 -24.56 -30.56
N ASP C 247 -2.17 -24.83 -31.38
CA ASP C 247 -2.34 -25.73 -32.53
C ASP C 247 -2.82 -27.13 -32.13
N ARG C 248 -2.21 -27.70 -31.09
CA ARG C 248 -2.66 -29.01 -30.57
C ARG C 248 -4.08 -28.95 -29.97
N ILE C 249 -4.44 -27.86 -29.29
CA ILE C 249 -5.77 -27.78 -28.69
C ILE C 249 -6.81 -27.65 -29.81
N LEU C 250 -6.50 -26.87 -30.83
CA LEU C 250 -7.45 -26.59 -31.87
C LEU C 250 -7.65 -27.79 -32.78
N HIS C 251 -6.56 -28.36 -33.29
CA HIS C 251 -6.58 -29.44 -34.29
C HIS C 251 -6.11 -30.77 -33.75
N GLY C 252 -4.84 -30.76 -33.29
CA GLY C 252 -4.00 -31.93 -33.14
C GLY C 252 -4.53 -33.05 -32.29
N PRO C 253 -3.74 -34.10 -32.13
CA PRO C 253 -4.14 -35.42 -31.62
C PRO C 253 -5.07 -35.42 -30.39
N ASP C 254 -4.61 -34.89 -29.28
CA ASP C 254 -5.38 -34.96 -28.04
C ASP C 254 -5.49 -33.55 -27.44
N SER C 255 -6.58 -32.89 -27.82
CA SER C 255 -6.78 -31.49 -27.54
C SER C 255 -7.10 -31.26 -26.05
N GLN C 256 -7.84 -32.16 -25.43
CA GLN C 256 -8.19 -32.08 -24.01
C GLN C 256 -6.93 -32.18 -23.12
N GLN C 257 -5.99 -33.06 -23.48
CA GLN C 257 -4.70 -33.20 -22.77
C GLN C 257 -3.81 -32.01 -23.05
N ALA C 258 -3.73 -31.60 -24.31
CA ALA C 258 -2.93 -30.41 -24.69
C ALA C 258 -3.45 -29.17 -23.95
N PHE C 259 -4.76 -29.07 -23.79
CA PHE C 259 -5.35 -27.99 -23.04
C PHE C 259 -4.98 -28.07 -21.57
N SER C 260 -5.07 -29.25 -20.98
CA SER C 260 -4.72 -29.43 -19.57
C SER C 260 -3.21 -29.16 -19.33
N GLN C 261 -2.38 -29.39 -20.32
CA GLN C 261 -0.96 -29.03 -20.22
C GLN C 261 -0.77 -27.52 -20.19
N TRP C 262 -1.49 -26.81 -21.05
CA TRP C 262 -1.46 -25.35 -21.09
C TRP C 262 -2.03 -24.81 -19.75
N ALA C 263 -3.14 -25.36 -19.30
CA ALA C 263 -3.74 -24.97 -18.03
C ALA C 263 -2.85 -25.15 -16.80
N GLU C 264 -2.21 -26.30 -16.68
CA GLU C 264 -1.27 -26.54 -15.56
C GLU C 264 0.06 -25.77 -15.72
N SER C 265 0.40 -25.35 -16.94
CA SER C 265 1.58 -24.50 -17.17
C SER C 265 1.42 -23.03 -16.71
N LEU C 266 0.20 -22.59 -16.42
CA LEU C 266 -0.07 -21.18 -16.26
C LEU C 266 0.76 -20.53 -15.15
N LEU C 267 1.05 -21.23 -14.09
CA LEU C 267 1.85 -20.68 -13.01
C LEU C 267 3.25 -20.25 -13.44
N ASP C 268 3.84 -20.98 -14.40
CA ASP C 268 5.18 -20.64 -14.87
C ASP C 268 5.14 -19.66 -16.02
N TYR C 269 3.99 -19.51 -16.66
CA TYR C 269 3.88 -18.67 -17.85
C TYR C 269 2.81 -17.60 -17.75
N ALA C 270 2.40 -17.24 -16.53
CA ALA C 270 1.31 -16.30 -16.33
C ALA C 270 1.70 -14.92 -16.78
N THR C 271 0.75 -14.24 -17.44
CA THR C 271 0.92 -12.84 -17.83
C THR C 271 -0.40 -12.12 -17.64
N LEU C 272 -0.35 -10.81 -17.82
CA LEU C 272 -1.55 -10.01 -17.93
C LEU C 272 -2.28 -10.64 -19.08
N MET C 273 -3.55 -10.92 -18.88
CA MET C 273 -4.36 -11.53 -19.93
C MET C 273 -5.83 -11.15 -19.94
N ASP C 274 -6.28 -10.27 -19.06
CA ASP C 274 -7.68 -9.85 -19.08
C ASP C 274 -7.87 -8.54 -18.38
N PHE C 275 -8.90 -7.83 -18.79
CA PHE C 275 -9.24 -6.52 -18.30
C PHE C 275 -10.63 -6.56 -17.69
N SER C 276 -10.84 -5.72 -16.69
CA SER C 276 -12.11 -5.51 -16.04
C SER C 276 -12.51 -4.07 -16.36
N THR C 277 -13.64 -3.60 -15.81
CA THR C 277 -14.10 -2.23 -16.08
C THR C 277 -13.12 -1.17 -15.60
N GLU C 278 -12.24 -1.49 -14.67
CA GLU C 278 -11.30 -0.53 -14.08
C GLU C 278 -9.85 -0.66 -14.66
N SER C 279 -9.64 -1.52 -15.66
CA SER C 279 -8.28 -1.88 -16.05
C SER C 279 -7.52 -0.73 -16.68
N LEU C 280 -8.10 -0.10 -17.69
CA LEU C 280 -7.44 0.98 -18.41
C LEU C 280 -7.89 2.31 -17.82
N GLN C 281 -6.94 3.13 -17.37
CA GLN C 281 -7.23 4.43 -16.79
C GLN C 281 -6.48 5.47 -17.59
N PRO C 282 -7.12 6.63 -17.85
CA PRO C 282 -6.49 7.64 -18.69
C PRO C 282 -5.36 8.34 -17.98
N ILE C 283 -4.33 8.69 -18.72
CA ILE C 283 -3.22 9.49 -18.16
C ILE C 283 -3.64 10.90 -17.85
N TRP C 284 -4.63 11.41 -18.57
CA TRP C 284 -5.07 12.80 -18.33
C TRP C 284 -5.55 13.04 -16.88
N ALA C 285 -6.25 12.08 -16.29
CA ALA C 285 -6.62 12.14 -14.85
C ALA C 285 -5.44 12.35 -13.91
N LEU C 286 -4.22 12.07 -14.35
CA LEU C 286 -2.99 12.28 -13.56
C LEU C 286 -2.44 13.70 -13.60
N ALA C 287 -2.91 14.51 -14.52
CA ALA C 287 -2.37 15.87 -14.68
C ALA C 287 -2.80 16.75 -13.49
N ASP C 288 -1.92 17.64 -13.05
CA ASP C 288 -2.18 18.53 -11.90
C ASP C 288 -3.34 19.48 -12.13
N LYS C 289 -3.31 20.18 -13.26
CA LYS C 289 -4.26 21.27 -13.55
C LYS C 289 -5.49 20.75 -14.32
N PRO C 290 -6.71 21.13 -13.90
CA PRO C 290 -7.92 20.76 -14.67
C PRO C 290 -7.90 21.14 -16.17
N GLU C 291 -7.20 22.23 -16.51
CA GLU C 291 -7.12 22.71 -17.90
C GLU C 291 -6.32 21.73 -18.74
N ARG C 292 -5.27 21.16 -18.12
CA ARG C 292 -4.41 20.17 -18.75
C ARG C 292 -5.12 18.81 -18.91
N ARG C 293 -5.87 18.40 -17.88
CA ARG C 293 -6.70 17.18 -17.94
C ARG C 293 -7.65 17.26 -19.11
N VAL C 294 -8.23 18.43 -19.28
CA VAL C 294 -9.23 18.62 -20.27
C VAL C 294 -8.61 18.67 -21.64
N GLU C 295 -7.49 19.39 -21.83
CA GLU C 295 -6.94 19.51 -23.19
C GLU C 295 -6.40 18.18 -23.66
N LEU C 296 -5.83 17.39 -22.75
CA LEU C 296 -5.38 16.03 -23.08
C LEU C 296 -6.57 15.15 -23.45
N GLU C 297 -7.63 15.20 -22.65
CA GLU C 297 -8.84 14.43 -22.96
C GLU C 297 -9.50 14.82 -24.29
N ASP C 298 -9.50 16.09 -24.62
CA ASP C 298 -10.06 16.60 -25.90
C ASP C 298 -9.30 16.09 -27.09
N ALA C 299 -8.01 15.82 -26.91
CA ALA C 299 -7.18 15.34 -27.99
C ALA C 299 -7.35 13.84 -28.26
N PHE C 300 -8.07 13.13 -27.39
CA PHE C 300 -8.21 11.68 -27.57
C PHE C 300 -8.93 11.29 -28.85
N PRO C 301 -10.04 11.98 -29.23
CA PRO C 301 -10.67 11.63 -30.51
C PRO C 301 -9.71 11.69 -31.71
N GLU C 302 -8.82 12.68 -31.78
CA GLU C 302 -7.91 12.74 -32.92
C GLU C 302 -6.80 11.67 -32.81
N PHE C 303 -6.32 11.37 -31.60
CA PHE C 303 -5.42 10.24 -31.43
C PHE C 303 -6.05 8.95 -31.99
N MET C 304 -7.35 8.76 -31.74
CA MET C 304 -8.10 7.57 -32.12
C MET C 304 -8.67 7.55 -33.54
N LYS C 305 -8.58 8.67 -34.26
CA LYS C 305 -9.22 8.84 -35.57
C LYS C 305 -8.94 7.68 -36.53
N GLN C 306 -7.68 7.43 -36.82
CA GLN C 306 -7.30 6.33 -37.72
C GLN C 306 -7.92 4.97 -37.29
N SER C 307 -7.90 4.69 -35.99
CA SER C 307 -8.40 3.43 -35.48
C SER C 307 -9.92 3.28 -35.61
N GLN C 308 -10.65 4.39 -35.61
CA GLN C 308 -12.11 4.33 -35.68
C GLN C 308 -12.69 4.19 -37.09
N GLN C 309 -11.87 4.20 -38.14
CA GLN C 309 -12.38 4.00 -39.50
C GLN C 309 -13.06 2.63 -39.55
N SER C 310 -14.16 2.58 -40.30
CA SER C 310 -14.86 1.32 -40.56
C SER C 310 -14.01 0.35 -41.35
N ILE C 311 -14.27 -0.93 -41.14
CA ILE C 311 -13.66 -1.98 -41.92
C ILE C 311 -14.33 -1.92 -43.28
N PRO C 312 -13.54 -1.96 -44.35
CA PRO C 312 -14.15 -2.00 -45.68
C PRO C 312 -14.92 -3.31 -45.91
N LYS C 313 -16.11 -3.23 -46.51
CA LYS C 313 -16.99 -4.36 -46.73
C LYS C 313 -17.17 -4.66 -48.23
N VAL C 314 -17.29 -5.96 -48.55
CA VAL C 314 -17.65 -6.44 -49.85
C VAL C 314 -19.16 -6.66 -49.86
N ASP C 315 -19.89 -5.65 -50.35
CA ASP C 315 -21.35 -5.73 -50.52
C ASP C 315 -21.77 -6.49 -51.78
N LYS C 316 -20.91 -6.45 -52.82
CA LYS C 316 -21.20 -7.07 -54.09
C LYS C 316 -20.84 -8.55 -53.98
N VAL C 317 -21.83 -9.37 -53.63
CA VAL C 317 -21.56 -10.80 -53.36
C VAL C 317 -22.10 -11.78 -54.38
N LEU C 318 -22.88 -11.28 -55.34
CA LEU C 318 -23.40 -12.12 -56.39
C LEU C 318 -22.72 -11.75 -57.70
N LEU C 319 -22.12 -12.73 -58.32
CA LEU C 319 -21.51 -12.59 -59.60
C LEU C 319 -22.57 -12.86 -60.67
N MET C 320 -22.93 -11.83 -61.43
CA MET C 320 -23.99 -11.96 -62.45
C MET C 320 -23.47 -12.20 -63.88
N ASP C 321 -24.14 -13.09 -64.59
CA ASP C 321 -24.00 -13.21 -66.03
C ASP C 321 -25.38 -12.90 -66.61
N ALA C 322 -25.53 -11.72 -67.21
CA ALA C 322 -26.82 -11.24 -67.73
C ALA C 322 -27.23 -11.82 -69.08
N ARG C 323 -26.28 -12.41 -69.81
CA ARG C 323 -26.55 -12.96 -71.16
C ARG C 323 -26.09 -14.41 -71.29
N PRO C 324 -26.66 -15.31 -70.46
CA PRO C 324 -26.31 -16.72 -70.64
C PRO C 324 -27.06 -17.34 -71.84
N PRO C 325 -26.63 -18.53 -72.27
CA PRO C 325 -27.41 -19.24 -73.28
C PRO C 325 -28.83 -19.57 -72.80
N MET C 326 -29.83 -19.27 -73.60
CA MET C 326 -31.23 -19.57 -73.27
C MET C 326 -31.69 -20.80 -74.04
N VAL C 327 -32.25 -21.76 -73.33
CA VAL C 327 -32.74 -23.00 -73.90
C VAL C 327 -34.25 -23.04 -73.68
N LYS C 328 -34.99 -23.59 -74.64
CA LYS C 328 -36.44 -23.58 -74.59
C LYS C 328 -36.97 -24.60 -73.59
N ALA C 329 -37.94 -24.18 -72.80
CA ALA C 329 -38.51 -25.02 -71.76
C ALA C 329 -40.04 -25.13 -71.85
N GLY C 330 -40.58 -25.03 -73.07
CA GLY C 330 -41.99 -25.29 -73.34
C GLY C 330 -42.81 -24.16 -73.96
N GLU C 331 -43.93 -24.56 -74.58
CA GLU C 331 -44.90 -23.64 -75.19
C GLU C 331 -46.28 -24.00 -74.68
N ASP C 332 -47.22 -23.04 -74.69
CA ASP C 332 -48.63 -23.34 -74.39
C ASP C 332 -49.45 -23.89 -75.58
N SER C 333 -48.78 -24.62 -76.47
CA SER C 333 -49.42 -25.24 -77.64
C SER C 333 -50.39 -26.28 -77.14
N GLY C 334 -51.63 -26.20 -77.63
CA GLY C 334 -52.71 -27.05 -77.16
C GLY C 334 -53.48 -26.50 -75.97
N SER C 335 -53.06 -25.35 -75.42
CA SER C 335 -53.72 -24.85 -74.21
C SER C 335 -55.05 -24.16 -74.47
N GLY C 336 -55.28 -23.78 -75.73
CA GLY C 336 -56.45 -22.99 -76.08
C GLY C 336 -56.43 -21.55 -75.58
N ALA C 337 -55.34 -21.10 -74.97
CA ALA C 337 -55.23 -19.70 -74.57
C ALA C 337 -55.08 -18.88 -75.85
N SER C 338 -55.70 -17.70 -75.86
CA SER C 338 -55.68 -16.84 -77.04
C SER C 338 -54.23 -16.58 -77.39
N GLU C 339 -53.49 -16.10 -76.40
CA GLU C 339 -52.08 -15.75 -76.57
C GLU C 339 -51.16 -16.96 -76.56
N ASP C 340 -50.04 -16.81 -77.27
CA ASP C 340 -48.98 -17.80 -77.29
C ASP C 340 -48.05 -17.49 -76.11
N LEU C 341 -47.50 -18.54 -75.50
CA LEU C 341 -46.50 -18.43 -74.45
C LEU C 341 -45.39 -19.41 -74.75
N ALA C 342 -44.16 -18.91 -74.71
CA ALA C 342 -42.99 -19.78 -74.66
C ALA C 342 -42.09 -19.30 -73.52
N VAL C 343 -41.43 -20.26 -72.88
CA VAL C 343 -40.54 -19.97 -71.77
C VAL C 343 -39.21 -20.59 -72.02
N PHE C 344 -38.19 -19.97 -71.43
CA PHE C 344 -36.82 -20.35 -71.67
C PHE C 344 -36.06 -20.33 -70.35
N ASN C 345 -35.30 -21.40 -70.12
CA ASN C 345 -34.34 -21.47 -69.01
C ASN C 345 -32.96 -21.04 -69.49
N PRO C 346 -32.19 -20.36 -68.63
CA PRO C 346 -30.78 -20.11 -68.92
C PRO C 346 -29.97 -21.36 -68.61
N SER C 347 -28.97 -21.64 -69.42
CA SER C 347 -28.06 -22.74 -69.15
C SER C 347 -27.11 -22.26 -68.07
N THR C 348 -26.88 -23.17 -67.12
CA THR C 348 -26.09 -22.88 -65.94
C THR C 348 -24.90 -23.83 -65.84
N SER C 349 -23.81 -23.31 -65.32
CA SER C 349 -22.56 -24.08 -65.11
C SER C 349 -21.63 -23.29 -64.19
N ASN C 350 -20.55 -23.94 -63.75
CA ASN C 350 -19.49 -23.29 -62.94
C ASN C 350 -20.07 -22.61 -61.69
N GLY C 351 -21.05 -23.22 -61.04
CA GLY C 351 -21.67 -22.62 -59.86
C GLY C 351 -22.57 -21.40 -60.08
N TYR C 352 -22.89 -21.09 -61.34
CA TYR C 352 -23.89 -20.06 -61.63
C TYR C 352 -25.27 -20.69 -61.53
N LYS C 353 -26.25 -19.91 -61.08
CA LYS C 353 -27.56 -20.46 -60.74
C LYS C 353 -28.70 -19.67 -61.38
N MET C 354 -29.75 -20.41 -61.76
CA MET C 354 -30.99 -19.86 -62.31
C MET C 354 -31.83 -19.28 -61.20
N VAL C 355 -32.45 -18.13 -61.47
CA VAL C 355 -33.41 -17.51 -60.55
C VAL C 355 -34.84 -17.38 -61.12
N GLY C 356 -34.99 -17.62 -62.43
CA GLY C 356 -36.30 -17.48 -63.08
C GLY C 356 -36.25 -17.85 -64.54
N GLN C 357 -37.44 -18.04 -65.12
CA GLN C 357 -37.58 -18.27 -66.57
C GLN C 357 -37.71 -16.95 -67.28
N PHE C 358 -37.27 -16.95 -68.53
CA PHE C 358 -37.64 -15.87 -69.45
C PHE C 358 -38.95 -16.25 -70.15
N GLY C 359 -39.88 -15.32 -70.22
CA GLY C 359 -41.19 -15.57 -70.85
C GLY C 359 -41.45 -14.71 -72.08
N GLN C 360 -42.17 -15.28 -73.05
CA GLN C 360 -42.49 -14.63 -74.33
C GLN C 360 -43.93 -14.82 -74.73
N ARG C 361 -44.54 -13.79 -75.32
CA ARG C 361 -45.85 -13.94 -75.94
C ARG C 361 -45.76 -14.46 -77.38
N ASN C 362 -45.15 -15.63 -77.57
CA ASN C 362 -45.00 -16.23 -78.91
C ASN C 362 -44.61 -17.71 -78.79
N HIS C 363 -44.36 -18.38 -79.92
CA HIS C 363 -43.98 -19.81 -79.98
C HIS C 363 -42.59 -20.05 -80.54
N ALA C 364 -41.75 -19.02 -80.59
CA ALA C 364 -40.43 -19.12 -81.24
C ALA C 364 -39.52 -20.16 -80.58
N SER C 365 -38.60 -20.71 -81.34
CA SER C 365 -37.53 -21.60 -80.80
C SER C 365 -36.40 -20.84 -80.11
N VAL C 366 -36.36 -19.52 -80.28
CA VAL C 366 -35.31 -18.64 -79.80
C VAL C 366 -35.89 -17.63 -78.80
N ALA C 367 -35.17 -17.38 -77.71
CA ALA C 367 -35.58 -16.41 -76.71
C ALA C 367 -35.42 -14.99 -77.22
N ASP C 368 -36.43 -14.16 -76.94
CA ASP C 368 -36.38 -12.71 -77.22
C ASP C 368 -35.39 -11.96 -76.34
N GLY C 369 -35.10 -12.49 -75.16
CA GLY C 369 -34.15 -11.89 -74.23
C GLY C 369 -33.42 -12.94 -73.41
N HIS C 370 -32.82 -12.48 -72.32
CA HIS C 370 -32.01 -13.30 -71.45
C HIS C 370 -32.46 -13.21 -70.01
N ALA C 371 -32.46 -14.33 -69.32
CA ALA C 371 -32.69 -14.38 -67.87
C ALA C 371 -31.34 -14.48 -67.22
N PRO C 372 -31.01 -13.55 -66.32
CA PRO C 372 -29.70 -13.63 -65.69
C PRO C 372 -29.50 -14.84 -64.78
N ILE C 373 -28.24 -15.23 -64.62
CA ILE C 373 -27.82 -16.26 -63.68
C ILE C 373 -26.80 -15.65 -62.73
N PHE C 374 -26.75 -16.17 -61.53
CA PHE C 374 -25.95 -15.59 -60.45
C PHE C 374 -25.14 -16.65 -59.77
N LYS C 375 -23.94 -16.26 -59.33
CA LYS C 375 -23.04 -17.18 -58.66
C LYS C 375 -22.69 -16.64 -57.28
N ASP C 376 -22.75 -17.52 -56.29
CA ASP C 376 -22.38 -17.21 -54.92
C ASP C 376 -20.85 -17.26 -54.83
N LEU C 377 -20.20 -16.15 -55.19
CA LEU C 377 -18.75 -16.09 -55.37
C LEU C 377 -17.95 -16.48 -54.15
N PHE C 378 -18.31 -15.87 -53.01
CA PHE C 378 -17.62 -16.08 -51.74
C PHE C 378 -18.21 -17.22 -50.90
N ASP C 379 -19.14 -17.97 -51.47
CA ASP C 379 -19.71 -19.17 -50.86
C ASP C 379 -20.28 -18.82 -49.49
N LEU C 380 -21.08 -17.76 -49.48
CA LEU C 380 -21.70 -17.25 -48.28
C LEU C 380 -23.04 -17.89 -47.96
N GLY C 381 -23.57 -18.72 -48.87
CA GLY C 381 -24.94 -19.23 -48.77
C GLY C 381 -26.01 -18.17 -49.03
N VAL C 382 -25.70 -17.11 -49.77
CA VAL C 382 -26.72 -16.14 -50.20
C VAL C 382 -27.68 -16.66 -51.30
N LEU C 383 -27.21 -17.66 -52.05
CA LEU C 383 -28.04 -18.46 -52.92
C LEU C 383 -28.27 -19.78 -52.24
N LYS C 384 -29.54 -20.17 -52.17
CA LYS C 384 -29.91 -21.44 -51.58
C LYS C 384 -31.03 -22.02 -52.40
N ALA C 385 -30.99 -23.34 -52.61
CA ALA C 385 -32.08 -24.03 -53.31
C ALA C 385 -33.45 -23.79 -52.65
N PRO C 386 -34.53 -23.82 -53.45
CA PRO C 386 -35.87 -23.72 -52.88
C PRO C 386 -36.21 -24.97 -52.09
N VAL C 387 -37.09 -24.85 -51.12
CA VAL C 387 -37.53 -26.03 -50.37
C VAL C 387 -38.59 -26.82 -51.12
N GLY C 388 -39.23 -26.16 -52.08
CA GLY C 388 -40.25 -26.81 -52.86
C GLY C 388 -40.89 -25.87 -53.85
N TRP C 389 -41.93 -26.37 -54.48
CA TRP C 389 -42.65 -25.62 -55.47
C TRP C 389 -44.14 -25.74 -55.25
N GLN C 390 -44.84 -24.60 -55.36
CA GLN C 390 -46.30 -24.58 -55.35
C GLN C 390 -46.87 -23.94 -56.58
N ARG C 391 -48.15 -24.20 -56.83
CA ARG C 391 -48.83 -23.74 -58.01
C ARG C 391 -49.47 -22.39 -57.80
N VAL C 392 -49.12 -21.46 -58.67
CA VAL C 392 -49.83 -20.21 -58.75
C VAL C 392 -51.12 -20.49 -59.53
N TRP C 393 -51.05 -21.41 -60.50
CA TRP C 393 -52.12 -21.65 -61.44
C TRP C 393 -51.92 -22.95 -62.16
N ASP C 394 -53.02 -23.60 -62.52
CA ASP C 394 -53.05 -24.68 -63.49
C ASP C 394 -54.28 -24.58 -64.40
N ASP C 395 -54.34 -25.43 -65.43
CA ASP C 395 -55.42 -25.42 -66.46
C ASP C 395 -56.60 -26.34 -66.15
N ALA C 396 -56.80 -26.70 -64.88
CA ALA C 396 -57.94 -27.51 -64.47
C ALA C 396 -59.23 -26.81 -64.90
N GLY C 397 -60.06 -27.55 -65.65
CA GLY C 397 -61.32 -27.03 -66.20
C GLY C 397 -61.31 -26.69 -67.70
N SER C 398 -60.12 -26.48 -68.27
CA SER C 398 -59.99 -26.23 -69.69
C SER C 398 -60.37 -27.43 -70.58
N GLY C 399 -60.35 -28.63 -69.99
CA GLY C 399 -60.69 -29.82 -70.72
C GLY C 399 -59.64 -30.26 -71.71
N LYS C 400 -58.46 -29.61 -71.73
CA LYS C 400 -57.40 -29.99 -72.67
C LYS C 400 -56.72 -31.21 -72.09
N SER C 401 -56.27 -32.09 -72.96
CA SER C 401 -55.73 -33.39 -72.55
C SER C 401 -54.38 -33.22 -71.83
N LYS C 402 -53.57 -32.28 -72.32
CA LYS C 402 -52.33 -31.89 -71.69
C LYS C 402 -52.53 -30.76 -70.69
N ASP C 403 -51.57 -30.63 -69.78
CA ASP C 403 -51.64 -29.72 -68.64
C ASP C 403 -50.62 -28.57 -68.73
N TYR C 404 -51.00 -27.45 -68.12
CA TYR C 404 -50.28 -26.20 -68.22
C TYR C 404 -50.34 -25.57 -66.86
N ALA C 405 -49.20 -25.18 -66.29
CA ALA C 405 -49.18 -24.65 -64.93
C ALA C 405 -48.09 -23.63 -64.72
N CYS C 406 -48.34 -22.73 -63.76
CA CYS C 406 -47.36 -21.76 -63.32
C CYS C 406 -46.92 -22.16 -61.93
N TRP C 407 -45.63 -22.35 -61.72
CA TRP C 407 -45.11 -22.74 -60.41
C TRP C 407 -44.25 -21.64 -59.78
N ARG C 408 -44.27 -21.59 -58.44
CA ARG C 408 -43.43 -20.70 -57.64
C ARG C 408 -42.49 -21.49 -56.84
N ALA C 409 -41.26 -20.99 -56.74
CA ALA C 409 -40.36 -21.56 -55.78
C ALA C 409 -40.87 -21.17 -54.40
N ILE C 410 -40.94 -22.15 -53.52
CA ILE C 410 -41.12 -21.91 -52.10
C ILE C 410 -39.69 -21.73 -51.56
N PRO C 411 -39.36 -20.49 -51.13
CA PRO C 411 -38.01 -20.29 -50.63
C PRO C 411 -37.81 -20.81 -49.23
N PRO C 412 -36.58 -21.25 -48.89
CA PRO C 412 -36.30 -21.54 -47.47
C PRO C 412 -36.37 -20.27 -46.66
N GLN C 413 -36.50 -20.43 -45.35
CA GLN C 413 -36.66 -19.31 -44.42
C GLN C 413 -35.58 -18.26 -44.62
N GLY C 414 -36.00 -17.01 -44.85
CA GLY C 414 -35.11 -15.88 -45.07
C GLY C 414 -34.74 -15.57 -46.51
N TYR C 415 -35.14 -16.41 -47.47
CA TYR C 415 -34.82 -16.21 -48.88
C TYR C 415 -36.05 -15.82 -49.73
N ARG C 416 -35.82 -15.44 -50.98
CA ARG C 416 -36.88 -15.00 -51.89
C ARG C 416 -36.63 -15.56 -53.27
N ALA C 417 -37.72 -15.81 -54.00
CA ALA C 417 -37.61 -16.22 -55.39
C ALA C 417 -37.75 -15.00 -56.29
N LEU C 418 -37.04 -15.01 -57.42
CA LEU C 418 -37.03 -13.86 -58.33
C LEU C 418 -37.91 -14.04 -59.55
N GLY C 419 -38.31 -15.28 -59.85
CA GLY C 419 -39.20 -15.53 -60.97
C GLY C 419 -39.86 -16.90 -60.97
N ASP C 420 -41.05 -16.99 -61.55
CA ASP C 420 -41.78 -18.24 -61.61
C ASP C 420 -41.35 -19.05 -62.80
N VAL C 421 -41.81 -20.28 -62.82
CA VAL C 421 -41.51 -21.26 -63.84
C VAL C 421 -42.81 -21.85 -64.37
N MET C 422 -42.99 -21.80 -65.68
CA MET C 422 -44.14 -22.40 -66.31
C MET C 422 -43.79 -23.79 -66.71
N MET C 423 -44.76 -24.69 -66.57
CA MET C 423 -44.66 -26.06 -67.03
C MET C 423 -45.81 -26.26 -67.99
N LEU C 424 -45.48 -26.45 -69.27
CA LEU C 424 -46.43 -26.33 -70.36
C LEU C 424 -46.48 -27.60 -71.20
N ALA C 425 -47.70 -28.12 -71.39
CA ALA C 425 -47.98 -29.25 -72.28
C ALA C 425 -47.45 -30.53 -71.68
N THR C 426 -47.80 -30.73 -70.40
CA THR C 426 -47.27 -31.84 -69.62
C THR C 426 -48.31 -32.92 -69.46
N SER C 427 -47.85 -34.13 -69.14
CA SER C 427 -48.72 -35.25 -68.81
C SER C 427 -48.79 -35.37 -67.27
N GLY C 428 -49.83 -34.79 -66.69
CA GLY C 428 -49.92 -34.57 -65.23
C GLY C 428 -49.23 -33.28 -64.86
N TYR C 429 -49.61 -32.69 -63.72
CA TYR C 429 -48.97 -31.43 -63.24
C TYR C 429 -47.59 -31.71 -62.66
N ASN C 430 -46.62 -31.93 -63.54
CA ASN C 430 -45.25 -32.23 -63.14
C ASN C 430 -44.58 -30.95 -62.69
N PRO C 431 -43.97 -30.98 -61.51
CA PRO C 431 -43.35 -29.80 -60.97
C PRO C 431 -42.02 -29.54 -61.65
N PRO C 432 -41.51 -28.30 -61.57
CA PRO C 432 -40.21 -27.97 -62.17
C PRO C 432 -39.10 -28.90 -61.68
N ASN C 433 -38.21 -29.27 -62.58
CA ASN C 433 -37.04 -30.05 -62.22
C ASN C 433 -35.88 -29.22 -62.67
N LEU C 434 -35.38 -28.39 -61.76
CA LEU C 434 -34.37 -27.42 -62.08
C LEU C 434 -33.32 -27.46 -61.02
N PRO C 435 -32.36 -28.41 -61.14
CA PRO C 435 -31.35 -28.58 -60.08
C PRO C 435 -30.59 -27.32 -59.74
N ASP C 436 -30.44 -26.40 -60.69
CA ASP C 436 -29.66 -25.19 -60.48
C ASP C 436 -30.50 -23.95 -60.20
N TYR C 437 -31.78 -24.14 -59.89
CA TYR C 437 -32.62 -23.01 -59.46
C TYR C 437 -32.32 -22.69 -57.99
N VAL C 438 -32.18 -21.40 -57.70
CA VAL C 438 -31.96 -20.93 -56.35
C VAL C 438 -32.83 -19.75 -56.03
N CYS C 439 -33.09 -19.60 -54.75
CA CYS C 439 -33.61 -18.37 -54.17
C CYS C 439 -32.44 -17.58 -53.63
N VAL C 440 -32.70 -16.30 -53.37
CA VAL C 440 -31.67 -15.35 -53.01
C VAL C 440 -32.02 -14.84 -51.63
N HIS C 441 -31.01 -14.64 -50.78
CA HIS C 441 -31.27 -14.19 -49.41
C HIS C 441 -31.89 -12.79 -49.41
N GLN C 442 -32.91 -12.64 -48.56
CA GLN C 442 -33.62 -11.39 -48.21
C GLN C 442 -32.75 -10.13 -48.27
N SER C 443 -31.60 -10.20 -47.60
CA SER C 443 -30.66 -9.10 -47.49
C SER C 443 -30.23 -8.49 -48.83
N LEU C 444 -30.19 -9.31 -49.87
CA LEU C 444 -29.79 -8.87 -51.22
C LEU C 444 -30.97 -8.45 -52.07
N CYS C 445 -32.19 -8.62 -51.59
CA CYS C 445 -33.38 -8.40 -52.42
C CYS C 445 -34.24 -7.29 -51.88
N ALA C 446 -35.06 -6.74 -52.77
CA ALA C 446 -36.07 -5.73 -52.46
C ALA C 446 -37.45 -6.31 -52.82
N ASP C 447 -38.43 -6.13 -51.93
CA ASP C 447 -39.81 -6.52 -52.21
C ASP C 447 -40.29 -5.93 -53.53
N VAL C 448 -41.16 -6.66 -54.21
CA VAL C 448 -41.65 -6.19 -55.51
C VAL C 448 -42.50 -4.93 -55.29
N GLN C 449 -42.26 -3.93 -56.15
CA GLN C 449 -42.99 -2.66 -56.12
C GLN C 449 -43.93 -2.52 -57.31
N THR C 450 -43.41 -2.74 -58.52
CA THR C 450 -44.20 -2.69 -59.73
C THR C 450 -44.36 -4.06 -60.38
N LEU C 451 -45.40 -4.19 -61.19
CA LEU C 451 -45.61 -5.33 -62.07
C LEU C 451 -46.05 -4.74 -63.41
N GLN C 452 -45.20 -4.88 -64.43
CA GLN C 452 -45.34 -4.19 -65.73
C GLN C 452 -45.09 -5.15 -66.89
N ASN C 453 -45.24 -4.67 -68.13
CA ASN C 453 -44.95 -5.43 -69.34
C ASN C 453 -45.43 -6.86 -69.31
N ARG C 454 -46.73 -7.03 -69.10
CA ARG C 454 -47.38 -8.35 -69.08
C ARG C 454 -46.83 -9.22 -70.19
N VAL C 455 -46.48 -10.45 -69.85
CA VAL C 455 -45.98 -11.39 -70.85
C VAL C 455 -47.14 -12.14 -71.49
N TRP C 456 -48.11 -12.57 -70.66
CA TRP C 456 -49.11 -13.55 -71.06
C TRP C 456 -50.17 -13.72 -69.96
N TRP C 457 -51.35 -14.19 -70.36
CA TRP C 457 -52.39 -14.68 -69.45
C TRP C 457 -53.08 -15.84 -70.14
N ASP C 458 -53.86 -16.59 -69.36
CA ASP C 458 -54.45 -17.84 -69.85
C ASP C 458 -55.80 -17.66 -70.50
N LYS C 459 -56.33 -16.43 -70.59
CA LYS C 459 -57.72 -16.27 -71.04
C LYS C 459 -57.91 -16.80 -72.47
N GLY C 460 -59.01 -17.52 -72.63
CA GLY C 460 -59.24 -18.36 -73.80
C GLY C 460 -59.15 -19.84 -73.46
N THR C 461 -58.29 -20.20 -72.50
CA THR C 461 -58.08 -21.61 -72.11
C THR C 461 -59.37 -22.20 -71.47
N GLY C 462 -60.11 -21.38 -70.73
CA GLY C 462 -61.31 -21.79 -70.02
C GLY C 462 -61.01 -22.61 -68.77
N ALA C 463 -60.05 -22.15 -68.00
CA ALA C 463 -59.67 -22.83 -66.75
C ALA C 463 -60.33 -22.05 -65.64
N ARG C 464 -60.76 -22.75 -64.61
CA ARG C 464 -61.45 -22.13 -63.44
C ARG C 464 -60.59 -21.02 -62.87
N LYS C 465 -59.32 -21.38 -62.63
CA LYS C 465 -58.33 -20.45 -62.11
C LYS C 465 -57.77 -19.64 -63.26
N ASP C 466 -57.28 -18.46 -62.90
CA ASP C 466 -56.73 -17.54 -63.87
C ASP C 466 -55.28 -17.19 -63.49
N VAL C 467 -54.50 -16.79 -64.49
CA VAL C 467 -53.13 -16.32 -64.26
C VAL C 467 -52.72 -15.33 -65.32
N SER C 468 -51.91 -14.36 -64.89
CA SER C 468 -51.23 -13.44 -65.77
C SER C 468 -49.76 -13.35 -65.32
N LEU C 469 -48.84 -13.39 -66.29
CA LEU C 469 -47.41 -13.31 -66.01
C LEU C 469 -46.92 -11.88 -66.22
N TRP C 470 -46.37 -11.30 -65.16
CA TRP C 470 -45.95 -9.92 -65.12
C TRP C 470 -44.47 -9.81 -64.73
N GLN C 471 -43.82 -8.76 -65.19
CA GLN C 471 -42.42 -8.49 -64.90
C GLN C 471 -42.30 -7.70 -63.60
N PRO C 472 -41.65 -8.28 -62.58
CA PRO C 472 -41.50 -7.52 -61.35
C PRO C 472 -40.38 -6.47 -61.42
N GLY C 473 -40.45 -5.50 -60.53
CA GLY C 473 -39.46 -4.43 -60.43
C GLY C 473 -39.47 -3.74 -59.09
N ALA C 474 -38.36 -3.10 -58.76
CA ALA C 474 -38.26 -2.40 -57.49
C ALA C 474 -37.24 -1.27 -57.62
N ALA C 475 -37.34 -0.30 -56.71
CA ALA C 475 -36.37 0.79 -56.63
C ALA C 475 -35.03 0.18 -56.30
N GLY C 476 -34.06 0.41 -57.18
CA GLY C 476 -32.69 -0.10 -56.97
C GLY C 476 -32.38 -1.54 -57.37
N ALA C 477 -33.41 -2.31 -57.76
CA ALA C 477 -33.22 -3.68 -58.24
C ALA C 477 -32.89 -3.70 -59.72
N VAL C 478 -32.16 -4.74 -60.12
CA VAL C 478 -31.79 -4.97 -61.50
C VAL C 478 -33.12 -5.08 -62.24
N ALA C 479 -33.21 -4.47 -63.43
CA ALA C 479 -34.38 -4.62 -64.29
C ALA C 479 -34.54 -6.10 -64.56
N SER C 480 -35.62 -6.68 -64.03
CA SER C 480 -35.82 -8.13 -64.08
C SER C 480 -36.13 -8.60 -65.48
N SER C 481 -35.68 -9.82 -65.81
CA SER C 481 -36.02 -10.47 -67.06
C SER C 481 -36.93 -11.67 -66.83
N CYS C 482 -37.59 -11.68 -65.68
CA CYS C 482 -38.33 -12.85 -65.23
C CYS C 482 -39.78 -12.44 -65.04
N PHE C 483 -40.61 -13.41 -64.67
CA PHE C 483 -42.02 -13.12 -64.46
C PHE C 483 -42.53 -13.66 -63.14
N ALA C 484 -43.70 -13.16 -62.76
CA ALA C 484 -44.40 -13.62 -61.59
C ALA C 484 -45.86 -13.76 -61.98
N GLY C 485 -46.50 -14.87 -61.61
CA GLY C 485 -47.93 -15.05 -61.80
C GLY C 485 -48.79 -14.29 -60.80
N VAL C 486 -49.81 -13.60 -61.32
CA VAL C 486 -50.87 -13.03 -60.51
C VAL C 486 -52.11 -13.86 -60.82
N PRO C 487 -52.86 -14.33 -59.80
CA PRO C 487 -53.99 -15.26 -60.05
C PRO C 487 -55.30 -14.62 -60.59
N ASN C 488 -55.19 -13.61 -61.46
CA ASN C 488 -56.31 -12.87 -61.99
C ASN C 488 -55.86 -12.05 -63.21
N TYR C 489 -56.83 -11.41 -63.87
CA TYR C 489 -56.58 -10.66 -65.10
C TYR C 489 -56.53 -9.16 -64.88
N ASN C 490 -56.21 -8.71 -63.66
CA ASN C 490 -56.11 -7.28 -63.38
C ASN C 490 -55.00 -6.68 -64.26
N ASN C 491 -55.29 -5.51 -64.86
CA ASN C 491 -54.42 -4.88 -65.88
C ASN C 491 -54.49 -3.35 -65.74
N PRO C 492 -53.54 -2.71 -65.04
CA PRO C 492 -52.41 -3.33 -64.36
C PRO C 492 -52.79 -3.94 -63.00
N PRO C 493 -51.91 -4.80 -62.43
CA PRO C 493 -52.20 -5.37 -61.11
C PRO C 493 -52.26 -4.30 -60.01
N ASN C 494 -53.16 -4.51 -59.05
CA ASN C 494 -53.34 -3.57 -57.95
C ASN C 494 -52.40 -3.87 -56.81
N SER C 495 -52.38 -2.99 -55.81
CA SER C 495 -51.47 -3.12 -54.66
C SER C 495 -51.72 -4.37 -53.80
N GLY C 496 -52.92 -4.95 -53.90
CA GLY C 496 -53.20 -6.24 -53.28
C GLY C 496 -52.46 -7.38 -53.95
N ASP C 497 -52.42 -7.36 -55.28
CA ASP C 497 -51.64 -8.34 -56.06
C ASP C 497 -50.13 -8.23 -55.78
N ILE C 498 -49.64 -6.99 -55.64
CA ILE C 498 -48.24 -6.72 -55.26
C ILE C 498 -47.93 -7.14 -53.81
N GLU C 499 -48.87 -6.91 -52.91
CA GLU C 499 -48.75 -7.36 -51.52
C GLU C 499 -48.64 -8.85 -51.35
N ARG C 500 -49.40 -9.58 -52.15
CA ARG C 500 -49.39 -11.04 -52.14
C ARG C 500 -47.98 -11.61 -52.36
N LEU C 501 -47.18 -10.91 -53.17
CA LEU C 501 -45.80 -11.31 -53.47
C LEU C 501 -44.79 -11.08 -52.34
N ARG C 502 -45.15 -10.25 -51.36
CA ARG C 502 -44.23 -9.87 -50.28
C ARG C 502 -43.89 -11.07 -49.38
N GLY C 503 -42.60 -11.29 -49.14
CA GLY C 503 -42.14 -12.44 -48.36
C GLY C 503 -41.85 -13.70 -49.16
N SER C 504 -42.23 -13.72 -50.44
CA SER C 504 -42.08 -14.89 -51.30
C SER C 504 -41.29 -14.56 -52.56
N ILE C 505 -41.76 -13.57 -53.30
CA ILE C 505 -41.10 -13.12 -54.52
C ILE C 505 -40.47 -11.79 -54.25
N ALA C 506 -39.32 -11.56 -54.87
CA ALA C 506 -38.63 -10.29 -54.75
C ALA C 506 -37.81 -9.99 -56.01
N CYS C 507 -37.18 -8.82 -56.01
CA CYS C 507 -36.21 -8.44 -57.03
C CYS C 507 -34.85 -8.25 -56.38
N VAL C 508 -33.79 -8.51 -57.14
CA VAL C 508 -32.44 -8.52 -56.60
C VAL C 508 -31.78 -7.16 -56.80
N LYS C 509 -31.26 -6.60 -55.71
CA LYS C 509 -30.62 -5.27 -55.67
C LYS C 509 -29.37 -5.14 -56.54
N THR C 510 -29.23 -3.97 -57.16
CA THR C 510 -28.03 -3.62 -57.93
C THR C 510 -26.80 -3.58 -57.02
N SER C 511 -26.97 -3.14 -55.78
CA SER C 511 -25.84 -3.07 -54.82
C SER C 511 -25.25 -4.44 -54.45
N ALA C 512 -25.99 -5.54 -54.66
CA ALA C 512 -25.52 -6.90 -54.33
C ALA C 512 -24.88 -7.63 -55.51
N ILE C 513 -24.87 -6.97 -56.67
CA ILE C 513 -24.61 -7.61 -57.95
C ILE C 513 -23.45 -6.98 -58.70
N ALA C 514 -22.68 -7.80 -59.40
CA ALA C 514 -21.65 -7.30 -60.27
C ALA C 514 -21.32 -8.33 -61.33
N SER C 515 -20.91 -7.82 -62.51
CA SER C 515 -20.41 -8.68 -63.59
C SER C 515 -18.99 -9.11 -63.25
N MET C 516 -18.47 -10.08 -64.00
CA MET C 516 -17.08 -10.58 -63.86
C MET C 516 -16.12 -9.41 -63.71
N GLN C 517 -16.17 -8.43 -64.63
CA GLN C 517 -15.21 -7.32 -64.60
C GLN C 517 -15.45 -6.36 -63.43
N GLU C 518 -16.70 -5.95 -63.17
CA GLU C 518 -17.01 -5.10 -61.99
C GLU C 518 -16.53 -5.74 -60.66
N MET C 519 -16.62 -7.07 -60.57
CA MET C 519 -16.19 -7.82 -59.39
C MET C 519 -14.67 -7.79 -59.24
N LYS C 520 -13.94 -8.11 -60.32
CA LYS C 520 -12.47 -7.96 -60.34
C LYS C 520 -12.03 -6.58 -59.86
N SER C 521 -12.66 -5.54 -60.41
CA SER C 521 -12.32 -4.15 -60.10
C SER C 521 -12.64 -3.79 -58.64
N MET C 522 -13.86 -4.12 -58.20
CA MET C 522 -14.29 -3.93 -56.79
C MET C 522 -13.37 -4.66 -55.81
N LEU C 523 -13.05 -5.92 -56.10
CA LEU C 523 -12.15 -6.72 -55.26
C LEU C 523 -10.69 -6.26 -55.22
N SER C 524 -10.18 -5.68 -56.30
CA SER C 524 -8.78 -5.19 -56.36
C SER C 524 -8.55 -4.01 -55.39
N GLN C 525 -9.62 -3.34 -54.93
CA GLN C 525 -9.56 -2.31 -53.89
C GLN C 525 -9.80 -2.83 -52.45
N HIS C 526 -9.63 -4.14 -52.23
CA HIS C 526 -9.71 -4.79 -50.93
C HIS C 526 -8.45 -5.64 -50.77
N GLN C 527 -7.69 -5.44 -49.70
CA GLN C 527 -6.39 -6.08 -49.53
C GLN C 527 -6.54 -7.58 -49.20
N GLY C 528 -5.76 -8.41 -49.88
CA GLY C 528 -5.70 -9.85 -49.63
C GLY C 528 -6.87 -10.67 -50.15
N MET C 529 -7.32 -10.37 -51.37
CA MET C 529 -8.46 -11.06 -52.00
C MET C 529 -8.18 -11.33 -53.49
N GLN D 9 -6.34 2.98 13.31
CA GLN D 9 -5.72 3.21 11.97
C GLN D 9 -5.65 4.67 11.51
N LEU D 10 -4.72 4.89 10.57
CA LEU D 10 -4.15 6.21 10.44
C LEU D 10 -4.55 7.07 9.25
N GLY D 11 -4.19 8.33 9.41
CA GLY D 11 -4.47 9.36 8.41
C GLY D 11 -5.82 9.98 8.64
N ASN D 12 -6.07 11.09 7.93
CA ASN D 12 -7.25 11.90 8.14
C ASN D 12 -8.32 11.76 7.05
N LEU D 13 -8.15 10.85 6.10
CA LEU D 13 -9.11 10.66 5.04
C LEU D 13 -10.32 10.01 5.68
N PRO D 14 -11.50 10.66 5.56
CA PRO D 14 -12.68 10.02 6.11
C PRO D 14 -12.93 8.65 5.54
N GLY D 15 -13.35 7.75 6.43
CA GLY D 15 -13.60 6.35 6.04
C GLY D 15 -12.50 5.40 6.47
N VAL D 16 -11.29 5.91 6.60
CA VAL D 16 -10.16 5.08 6.92
C VAL D 16 -10.40 4.25 8.20
N THR D 17 -11.08 4.81 9.20
CA THR D 17 -11.31 4.12 10.46
C THR D 17 -12.31 3.00 10.31
N SER D 18 -13.08 3.00 9.23
CA SER D 18 -14.02 1.91 8.97
C SER D 18 -13.39 0.72 8.28
N MET D 19 -12.20 0.91 7.68
CA MET D 19 -11.60 -0.14 6.90
C MET D 19 -11.02 -1.22 7.75
N GLY D 20 -11.25 -2.46 7.36
CA GLY D 20 -10.70 -3.58 8.09
C GLY D 20 -11.38 -3.83 9.40
N MET D 21 -12.56 -3.29 9.60
CA MET D 21 -13.31 -3.51 10.83
C MET D 21 -14.18 -4.71 10.58
N GLY D 22 -14.43 -5.48 11.60
CA GLY D 22 -15.53 -6.45 11.61
C GLY D 22 -16.86 -5.79 11.41
N TYR D 23 -17.78 -6.51 10.79
CA TYR D 23 -19.11 -5.97 10.48
C TYR D 23 -20.19 -6.91 10.91
N ASP D 24 -21.25 -6.34 11.50
CA ASP D 24 -22.43 -7.10 11.82
C ASP D 24 -23.26 -7.24 10.55
N VAL D 25 -23.12 -8.39 9.91
CA VAL D 25 -23.81 -8.64 8.65
C VAL D 25 -25.32 -8.73 8.81
N ASN D 26 -25.77 -8.89 10.06
CA ASN D 26 -27.20 -8.83 10.40
C ASN D 26 -27.67 -7.48 10.89
N GLY D 27 -26.84 -6.46 10.75
CA GLY D 27 -27.11 -5.11 11.29
C GLY D 27 -27.68 -4.19 10.22
N LEU D 28 -27.17 -2.96 10.12
CA LEU D 28 -27.65 -2.03 9.11
C LEU D 28 -26.88 -2.23 7.80
N TYR D 29 -27.44 -1.73 6.72
CA TYR D 29 -26.78 -1.77 5.43
C TYR D 29 -25.72 -0.68 5.43
N ALA D 30 -24.48 -1.08 5.17
CA ALA D 30 -23.36 -0.17 4.98
C ALA D 30 -23.44 1.09 5.84
N SER D 31 -23.35 0.87 7.15
CA SER D 31 -23.36 1.94 8.11
C SER D 31 -22.24 1.73 9.12
N PRO D 32 -21.62 2.83 9.61
CA PRO D 32 -20.68 2.75 10.71
C PRO D 32 -21.28 2.19 12.00
N GLU D 33 -22.59 2.34 12.18
CA GLU D 33 -23.24 1.84 13.37
C GLU D 33 -23.11 0.32 13.51
N SER D 34 -22.93 -0.40 12.42
CA SER D 34 -22.80 -1.85 12.46
C SER D 34 -21.34 -2.33 12.38
N LEU D 35 -20.37 -1.41 12.50
CA LEU D 35 -18.98 -1.79 12.67
C LEU D 35 -18.81 -2.34 14.08
N LEU D 36 -17.89 -3.28 14.22
CA LEU D 36 -17.68 -3.99 15.47
C LEU D 36 -16.32 -3.64 15.99
N GLY D 37 -16.15 -3.77 17.29
CA GLY D 37 -15.21 -2.96 18.05
C GLY D 37 -13.76 -2.88 17.60
N GLN D 38 -13.09 -4.01 17.73
CA GLN D 38 -11.63 -4.11 17.55
C GLN D 38 -11.24 -4.04 16.04
N PRO D 39 -10.32 -3.15 15.69
CA PRO D 39 -9.65 -3.27 14.36
C PRO D 39 -8.93 -4.59 14.21
N LEU D 40 -9.00 -5.19 13.04
CA LEU D 40 -8.45 -6.51 12.77
C LEU D 40 -7.02 -6.42 12.32
N PHE D 41 -6.66 -5.31 11.69
CA PHE D 41 -5.40 -5.21 11.02
C PHE D 41 -4.62 -4.02 11.49
N ASP D 42 -3.30 -4.12 11.28
CA ASP D 42 -2.33 -3.09 11.54
C ASP D 42 -1.91 -2.71 10.13
N PHE D 43 -2.31 -1.53 9.68
CA PHE D 43 -2.15 -1.12 8.29
C PHE D 43 -0.83 -0.39 7.99
N GLY D 44 0.07 -0.28 8.99
CA GLY D 44 1.36 0.35 8.80
C GLY D 44 1.24 1.87 8.91
N GLY D 45 2.33 2.47 9.34
CA GLY D 45 2.41 3.90 9.59
C GLY D 45 2.78 4.74 8.39
N GLU D 46 3.13 4.10 7.29
CA GLU D 46 3.47 4.82 6.05
C GLU D 46 2.16 5.24 5.40
N LEU D 47 2.10 6.48 4.94
CA LEU D 47 0.86 7.08 4.47
C LEU D 47 1.00 7.62 3.07
N ASP D 48 -0.07 7.53 2.32
CA ASP D 48 -0.18 8.15 1.00
C ASP D 48 -1.04 9.37 1.19
N SER D 49 -1.03 10.30 0.25
CA SER D 49 -1.97 11.37 0.31
C SER D 49 -2.67 11.61 -0.97
N ILE D 50 -3.85 12.22 -0.89
CA ILE D 50 -4.52 12.80 -2.01
C ILE D 50 -5.02 14.22 -1.73
N GLU D 51 -5.11 15.00 -2.81
CA GLU D 51 -5.59 16.36 -2.76
C GLU D 51 -7.07 16.42 -3.21
N ILE D 52 -7.88 17.02 -2.36
CA ILE D 52 -9.29 17.24 -2.64
C ILE D 52 -9.63 18.67 -2.26
N GLU D 53 -9.90 19.48 -3.27
CA GLU D 53 -10.33 20.88 -3.05
C GLU D 53 -9.32 21.62 -2.18
N GLY D 54 -8.04 21.54 -2.57
CA GLY D 54 -7.01 22.34 -1.93
C GLY D 54 -6.41 21.67 -0.71
N ARG D 55 -7.07 20.67 -0.14
CA ARG D 55 -6.61 20.09 1.10
C ARG D 55 -6.04 18.69 0.92
N SER D 56 -5.14 18.32 1.81
CA SER D 56 -4.52 17.02 1.82
C SER D 56 -5.24 16.03 2.73
N TYR D 57 -5.40 14.83 2.23
CA TYR D 57 -5.96 13.76 2.98
C TYR D 57 -5.00 12.60 2.95
N THR D 58 -4.78 12.02 4.11
CA THR D 58 -3.80 10.95 4.22
C THR D 58 -4.51 9.69 4.62
N PHE D 59 -3.88 8.56 4.28
CA PHE D 59 -4.44 7.25 4.61
C PHE D 59 -3.29 6.27 4.48
N PRO D 60 -3.43 5.08 5.08
CA PRO D 60 -2.34 4.11 4.96
C PRO D 60 -2.06 3.65 3.52
N ARG D 61 -0.79 3.58 3.17
CA ARG D 61 -0.35 3.10 1.85
C ARG D 61 -0.85 1.73 1.54
N SER D 62 -1.09 0.90 2.54
CA SER D 62 -1.71 -0.40 2.32
C SER D 62 -3.15 -0.36 1.81
N MET D 63 -3.84 0.77 1.91
CA MET D 63 -5.19 0.89 1.34
C MET D 63 -5.06 1.57 0.00
N HIS D 64 -6.04 1.37 -0.84
CA HIS D 64 -6.17 2.05 -2.12
C HIS D 64 -7.40 2.92 -2.08
N VAL D 65 -7.26 4.12 -2.63
CA VAL D 65 -8.32 5.07 -2.69
C VAL D 65 -8.58 5.38 -4.14
N HIS D 66 -9.85 5.33 -4.50
CA HIS D 66 -10.36 5.66 -5.81
C HIS D 66 -11.40 6.76 -5.64
N THR D 67 -11.10 7.96 -6.09
CA THR D 67 -12.06 9.04 -6.03
C THR D 67 -13.05 8.84 -7.16
N TYR D 68 -14.32 9.08 -6.86
CA TYR D 68 -15.40 9.02 -7.83
C TYR D 68 -16.43 10.01 -7.38
N PHE D 69 -16.37 11.29 -7.65
CA PHE D 69 -17.32 12.21 -7.00
C PHE D 69 -18.61 12.17 -7.80
N HIS D 70 -19.55 11.33 -7.40
CA HIS D 70 -20.74 11.00 -8.20
C HIS D 70 -21.76 10.23 -7.36
N SER D 71 -22.96 10.06 -7.96
CA SER D 71 -24.15 9.46 -7.33
C SER D 71 -24.46 8.08 -7.89
N ASP D 72 -24.46 7.05 -7.03
CA ASP D 72 -24.95 5.71 -7.39
C ASP D 72 -26.38 5.62 -6.93
N PHE D 73 -27.25 5.22 -7.84
CA PHE D 73 -28.68 5.13 -7.57
C PHE D 73 -29.06 3.65 -7.58
N LYS D 74 -29.74 3.19 -6.54
CA LYS D 74 -30.15 1.79 -6.45
C LYS D 74 -31.54 1.67 -5.89
N GLN D 75 -32.29 0.69 -6.40
CA GLN D 75 -33.61 0.36 -5.86
C GLN D 75 -33.75 -1.14 -5.63
N ASP D 76 -34.23 -1.50 -4.45
CA ASP D 76 -34.71 -2.85 -4.21
C ASP D 76 -36.18 -2.73 -3.92
N VAL D 77 -36.98 -3.39 -4.74
CA VAL D 77 -38.44 -3.33 -4.66
C VAL D 77 -39.02 -4.74 -4.70
N SER D 78 -39.99 -5.00 -3.83
CA SER D 78 -40.71 -6.25 -3.89
C SER D 78 -42.04 -6.22 -3.12
N LYS D 79 -42.99 -6.97 -3.65
CA LYS D 79 -44.29 -7.22 -3.00
C LYS D 79 -44.17 -8.21 -1.85
N GLU D 80 -43.03 -8.88 -1.75
CA GLU D 80 -42.83 -9.97 -0.84
C GLU D 80 -41.61 -9.61 0.03
N ILE D 81 -41.81 -9.47 1.33
CA ILE D 81 -40.76 -9.01 2.27
C ILE D 81 -39.48 -9.83 2.20
N GLU D 82 -39.61 -11.14 2.08
CA GLU D 82 -38.42 -12.03 2.03
C GLU D 82 -37.63 -11.84 0.77
N GLU D 83 -38.30 -11.50 -0.33
CA GLU D 83 -37.61 -11.26 -1.59
C GLU D 83 -36.91 -9.89 -1.49
N TYR D 84 -37.58 -8.91 -0.89
CA TYR D 84 -36.94 -7.62 -0.61
C TYR D 84 -35.63 -7.78 0.15
N ARG D 85 -35.69 -8.56 1.23
CA ARG D 85 -34.52 -8.85 2.04
C ARG D 85 -33.40 -9.48 1.24
N GLU D 86 -33.73 -10.44 0.36
CA GLU D 86 -32.73 -11.07 -0.52
C GLU D 86 -32.12 -10.05 -1.46
N LYS D 87 -32.98 -9.25 -2.07
CA LYS D 87 -32.54 -8.26 -3.06
C LYS D 87 -31.58 -7.28 -2.42
N MET D 88 -31.90 -6.83 -1.21
CA MET D 88 -31.07 -5.92 -0.45
C MET D 88 -29.71 -6.51 -0.08
N SER D 89 -29.61 -7.82 0.03
CA SER D 89 -28.35 -8.51 0.39
C SER D 89 -27.45 -8.88 -0.77
N GLN D 90 -27.89 -8.63 -2.00
CA GLN D 90 -27.13 -9.05 -3.19
C GLN D 90 -25.91 -8.20 -3.36
N HIS D 91 -24.85 -8.84 -3.83
CA HIS D 91 -23.69 -8.13 -4.37
C HIS D 91 -23.04 -7.24 -3.32
N VAL D 92 -22.87 -7.80 -2.12
CA VAL D 92 -22.07 -7.14 -1.09
C VAL D 92 -20.90 -8.00 -0.61
N GLY D 93 -20.67 -9.12 -1.26
CA GLY D 93 -19.51 -9.98 -0.96
C GLY D 93 -19.79 -11.19 -0.08
N VAL D 94 -21.00 -11.32 0.43
CA VAL D 94 -21.32 -12.46 1.25
C VAL D 94 -21.79 -13.58 0.34
N SER D 95 -20.94 -14.58 0.20
CA SER D 95 -21.26 -15.81 -0.50
C SER D 95 -22.42 -16.55 0.18
N GLY D 96 -23.18 -17.27 -0.63
CA GLY D 96 -24.44 -17.86 -0.20
C GLY D 96 -25.56 -16.95 -0.68
N ARG D 97 -26.78 -17.27 -0.28
CA ARG D 97 -27.93 -16.47 -0.66
C ARG D 97 -28.58 -16.08 0.65
N TYR D 98 -27.80 -15.44 1.53
CA TYR D 98 -28.31 -15.07 2.85
C TYR D 98 -29.10 -13.77 2.80
N LYS D 99 -30.12 -13.66 3.63
CA LYS D 99 -30.81 -12.41 3.93
C LYS D 99 -30.05 -11.65 5.02
N LEU D 100 -29.32 -10.63 4.57
CA LEU D 100 -28.44 -9.84 5.40
C LEU D 100 -29.16 -8.57 5.83
N PHE D 101 -28.52 -7.85 6.73
CA PHE D 101 -28.93 -6.52 7.15
C PHE D 101 -30.34 -6.46 7.73
N SER D 102 -30.68 -7.45 8.55
CA SER D 102 -32.03 -7.54 9.14
C SER D 102 -32.39 -6.33 10.02
N ALA D 103 -31.41 -5.72 10.67
CA ALA D 103 -31.69 -4.55 11.49
C ALA D 103 -32.17 -3.31 10.70
N SER D 104 -31.82 -3.22 9.42
CA SER D 104 -32.27 -2.10 8.58
C SER D 104 -33.78 -2.12 8.31
N LEU D 105 -34.38 -3.31 8.33
CA LEU D 105 -35.82 -3.44 8.13
C LEU D 105 -36.65 -2.52 9.02
N SER D 106 -36.35 -2.50 10.32
CA SER D 106 -37.11 -1.67 11.24
C SER D 106 -36.67 -0.23 11.21
N VAL D 107 -35.47 0.03 10.70
CA VAL D 107 -35.07 1.39 10.35
C VAL D 107 -35.93 1.89 9.18
N ASP D 108 -36.11 1.05 8.15
CA ASP D 108 -36.79 1.44 6.92
C ASP D 108 -38.32 1.36 6.94
N PHE D 109 -38.87 0.42 7.70
CA PHE D 109 -40.30 0.11 7.68
C PHE D 109 -40.81 -0.09 9.09
N THR D 110 -42.08 0.26 9.32
CA THR D 110 -42.71 -0.03 10.61
C THR D 110 -42.82 -1.54 10.74
N THR D 111 -42.86 -2.00 11.98
CA THR D 111 -43.01 -3.40 12.23
C THR D 111 -44.37 -3.90 11.71
N THR D 112 -45.40 -3.08 11.82
CA THR D 112 -46.71 -3.43 11.26
C THR D 112 -46.62 -3.72 9.73
N ASP D 113 -46.06 -2.78 8.97
CA ASP D 113 -45.95 -2.92 7.51
C ASP D 113 -45.10 -4.12 7.11
N GLN D 114 -44.09 -4.44 7.91
CA GLN D 114 -43.27 -5.61 7.64
C GLN D 114 -44.11 -6.88 7.66
N GLN D 115 -45.00 -6.95 8.63
CA GLN D 115 -45.83 -8.15 8.84
C GLN D 115 -47.09 -8.13 7.99
N LEU D 116 -47.61 -6.96 7.66
CA LEU D 116 -48.75 -6.89 6.74
C LEU D 116 -48.44 -7.48 5.38
N THR D 117 -49.53 -7.92 4.77
CA THR D 117 -49.49 -8.52 3.47
C THR D 117 -50.07 -7.46 2.53
N GLU D 118 -49.96 -7.67 1.22
CA GLU D 118 -50.35 -6.62 0.23
C GLU D 118 -49.56 -5.28 0.31
N ILE D 119 -48.39 -5.29 0.95
CA ILE D 119 -47.52 -4.12 1.03
C ILE D 119 -46.38 -4.34 0.07
N THR D 120 -46.01 -3.28 -0.64
CA THR D 120 -44.80 -3.28 -1.46
C THR D 120 -43.71 -2.54 -0.69
N TYR D 121 -42.56 -3.19 -0.61
CA TYR D 121 -41.41 -2.68 0.12
C TYR D 121 -40.42 -2.13 -0.91
N SER D 122 -40.06 -0.86 -0.78
CA SER D 122 -39.05 -0.27 -1.66
C SER D 122 -37.99 0.42 -0.84
N SER D 123 -36.74 0.22 -1.24
CA SER D 123 -35.63 1.04 -0.75
C SER D 123 -35.03 1.75 -1.96
N THR D 124 -35.15 3.07 -1.99
CA THR D 124 -34.59 3.84 -3.07
C THR D 124 -33.41 4.62 -2.47
N ARG D 125 -32.19 4.25 -2.87
CA ARG D 125 -30.97 4.75 -2.25
C ARG D 125 -30.13 5.54 -3.23
N GLU D 126 -29.72 6.73 -2.80
CA GLU D 126 -28.85 7.55 -3.58
C GLU D 126 -27.61 7.71 -2.75
N ALA D 127 -26.53 7.10 -3.25
CA ALA D 127 -25.26 7.11 -2.58
C ALA D 127 -24.40 8.22 -3.20
N HIS D 128 -23.96 9.17 -2.36
CA HIS D 128 -23.13 10.26 -2.81
C HIS D 128 -21.71 9.90 -2.48
N VAL D 129 -21.06 9.24 -3.43
CA VAL D 129 -19.76 8.67 -3.20
C VAL D 129 -18.77 9.78 -3.40
N LEU D 130 -17.84 9.93 -2.46
CA LEU D 130 -16.69 10.80 -2.66
C LEU D 130 -15.53 9.92 -3.15
N TRP D 131 -15.27 8.84 -2.44
CA TRP D 131 -14.24 7.89 -2.80
C TRP D 131 -14.59 6.50 -2.26
N TYR D 132 -13.89 5.54 -2.82
CA TYR D 132 -13.93 4.15 -2.37
C TYR D 132 -12.56 3.91 -1.74
N ILE D 133 -12.55 3.15 -0.67
CA ILE D 133 -11.32 2.71 -0.04
C ILE D 133 -11.37 1.20 -0.13
N SER D 134 -10.24 0.56 -0.45
CA SER D 134 -10.18 -0.89 -0.56
C SER D 134 -8.91 -1.44 0.01
N LEU D 135 -9.00 -2.62 0.60
CA LEU D 135 -7.88 -3.30 1.25
C LEU D 135 -7.29 -4.37 0.33
N PRO D 136 -6.09 -4.85 0.67
CA PRO D 136 -5.55 -6.02 0.01
C PRO D 136 -6.40 -7.28 0.21
N GLY D 137 -6.10 -8.29 -0.58
CA GLY D 137 -6.69 -9.59 -0.44
C GLY D 137 -6.27 -10.27 0.83
N ALA D 138 -7.05 -11.29 1.20
CA ALA D 138 -6.86 -12.08 2.42
C ALA D 138 -5.45 -12.49 2.64
N ALA D 139 -4.78 -12.94 1.58
CA ALA D 139 -3.46 -13.51 1.73
C ALA D 139 -2.42 -12.46 2.09
N THR D 140 -2.61 -11.21 1.68
CA THR D 140 -1.72 -10.12 2.08
C THR D 140 -1.98 -9.72 3.52
N LEU D 141 -3.28 -9.63 3.85
CA LEU D 141 -3.71 -9.21 5.17
C LEU D 141 -3.33 -10.19 6.28
N ARG D 142 -3.14 -11.46 5.90
CA ARG D 142 -2.73 -12.49 6.84
C ARG D 142 -1.50 -12.11 7.68
N SER D 143 -0.57 -11.37 7.06
CA SER D 143 0.61 -10.89 7.78
C SER D 143 0.42 -9.53 8.52
N MET D 144 -0.82 -9.02 8.53
CA MET D 144 -1.10 -7.69 9.07
C MET D 144 -2.11 -7.75 10.21
N LEU D 145 -2.34 -8.92 10.79
CA LEU D 145 -3.33 -9.10 11.82
C LEU D 145 -2.86 -8.54 13.14
N ARG D 146 -3.78 -7.93 13.89
CA ARG D 146 -3.49 -7.47 15.22
C ARG D 146 -3.38 -8.70 16.08
N ARG D 147 -2.62 -8.55 17.18
CA ARG D 147 -2.20 -9.67 18.00
C ARG D 147 -3.38 -10.49 18.51
N ASP D 148 -4.31 -9.92 19.26
CA ASP D 148 -5.35 -10.80 19.88
C ASP D 148 -6.33 -11.36 18.87
N PHE D 149 -6.58 -10.65 17.76
CA PHE D 149 -7.37 -11.24 16.68
C PHE D 149 -6.63 -12.44 16.08
N ARG D 150 -5.36 -12.28 15.75
CA ARG D 150 -4.55 -13.41 15.25
C ARG D 150 -4.63 -14.63 16.21
N ASP D 151 -4.49 -14.38 17.51
CA ASP D 151 -4.52 -15.47 18.49
C ASP D 151 -5.87 -16.16 18.48
N ASP D 152 -6.95 -15.39 18.61
CA ASP D 152 -8.31 -15.95 18.62
C ASP D 152 -8.65 -16.65 17.33
N LEU D 153 -8.38 -15.98 16.21
CA LEU D 153 -8.67 -16.51 14.88
C LEU D 153 -8.04 -17.89 14.68
N ASN D 154 -6.78 -18.03 15.09
CA ASN D 154 -5.98 -19.23 14.84
C ASN D 154 -5.99 -20.27 15.98
N ASN D 155 -6.47 -19.91 17.18
CA ASN D 155 -6.65 -20.86 18.29
C ASN D 155 -7.75 -21.86 17.93
N PRO D 156 -7.43 -23.18 17.86
CA PRO D 156 -8.50 -24.14 17.50
C PRO D 156 -9.55 -24.37 18.59
N ASN D 157 -9.22 -23.99 19.82
CA ASN D 157 -10.14 -24.11 20.94
C ASN D 157 -11.05 -22.88 21.12
N MET D 158 -10.86 -21.85 20.28
CA MET D 158 -11.78 -20.72 20.25
C MET D 158 -12.93 -21.05 19.31
N PRO D 159 -14.14 -21.27 19.84
CA PRO D 159 -15.18 -21.70 18.91
C PRO D 159 -15.68 -20.60 17.96
N ALA D 160 -16.13 -21.02 16.77
CA ALA D 160 -16.63 -20.12 15.72
C ALA D 160 -17.62 -19.06 16.21
N MET D 161 -18.57 -19.45 17.05
CA MET D 161 -19.61 -18.50 17.51
C MET D 161 -19.00 -17.32 18.30
N GLU D 162 -18.02 -17.61 19.16
CA GLU D 162 -17.38 -16.56 19.94
C GLU D 162 -16.55 -15.68 19.04
N LEU D 163 -15.76 -16.33 18.18
CA LEU D 163 -14.94 -15.62 17.22
C LEU D 163 -15.80 -14.67 16.45
N PHE D 164 -16.92 -15.16 15.94
CA PHE D 164 -17.85 -14.32 15.17
C PHE D 164 -18.52 -13.23 16.00
N LYS D 165 -18.87 -13.50 17.25
CA LYS D 165 -19.37 -12.43 18.14
C LYS D 165 -18.31 -11.34 18.38
N ARG D 166 -17.08 -11.76 18.71
CA ARG D 166 -16.00 -10.83 19.02
C ARG D 166 -15.59 -9.95 17.84
N TYR D 167 -15.44 -10.57 16.67
CA TYR D 167 -14.81 -9.92 15.53
C TYR D 167 -15.69 -9.68 14.32
N GLY D 168 -16.86 -10.32 14.28
CA GLY D 168 -17.69 -10.36 13.06
C GLY D 168 -17.24 -11.51 12.19
N PRO D 169 -18.18 -12.16 11.49
CA PRO D 169 -17.75 -13.18 10.51
C PRO D 169 -17.16 -12.59 9.25
N TYR D 170 -17.48 -11.34 8.95
CA TYR D 170 -16.97 -10.64 7.79
C TYR D 170 -16.40 -9.32 8.25
N TYR D 171 -15.47 -8.79 7.45
CA TYR D 171 -14.87 -7.51 7.70
C TYR D 171 -15.00 -6.60 6.47
N ILE D 172 -14.81 -5.32 6.69
CA ILE D 172 -14.93 -4.33 5.65
C ILE D 172 -13.64 -4.32 4.85
N SER D 173 -13.73 -4.80 3.62
CA SER D 173 -12.60 -4.84 2.72
C SER D 173 -12.62 -3.74 1.70
N GLU D 174 -13.80 -3.26 1.34
CA GLU D 174 -13.98 -2.19 0.38
C GLU D 174 -15.24 -1.42 0.77
N ALA D 175 -15.20 -0.10 0.72
CA ALA D 175 -16.37 0.70 1.03
C ALA D 175 -16.40 2.00 0.28
N ALA D 176 -17.63 2.43 -0.04
CA ALA D 176 -17.87 3.73 -0.60
C ALA D 176 -17.95 4.70 0.61
N VAL D 177 -17.31 5.84 0.48
CA VAL D 177 -17.33 6.84 1.50
C VAL D 177 -18.02 8.12 0.95
N GLY D 178 -18.91 8.65 1.79
CA GLY D 178 -19.58 9.88 1.50
C GLY D 178 -20.86 9.98 2.33
N GLY D 179 -21.98 10.21 1.67
CA GLY D 179 -23.26 10.10 2.35
C GLY D 179 -24.29 9.43 1.49
N ARG D 180 -25.22 8.77 2.14
CA ARG D 180 -26.26 8.01 1.43
C ARG D 180 -27.60 8.45 1.96
N LEU D 181 -28.60 8.57 1.09
CA LEU D 181 -29.97 8.71 1.52
C LEU D 181 -30.74 7.47 1.09
N ASP D 182 -31.54 6.95 2.02
CA ASP D 182 -32.44 5.82 1.82
C ASP D 182 -33.85 6.31 1.92
N TYR D 183 -34.54 6.30 0.80
CA TYR D 183 -35.94 6.71 0.74
C TYR D 183 -36.68 5.40 0.70
N SER D 184 -37.17 4.99 1.86
CA SER D 184 -37.78 3.67 1.99
C SER D 184 -39.31 3.77 2.12
N ALA D 185 -40.03 2.95 1.37
CA ALA D 185 -41.48 3.06 1.32
C ALA D 185 -42.16 1.70 1.48
N ALA D 186 -43.11 1.69 2.40
CA ALA D 186 -44.09 0.60 2.51
C ALA D 186 -45.35 1.07 1.80
N SER D 187 -45.59 0.56 0.59
CA SER D 187 -46.66 1.06 -0.26
C SER D 187 -47.82 0.08 -0.31
N LYS D 188 -49.02 0.62 -0.23
CA LYS D 188 -50.26 -0.15 -0.38
C LYS D 188 -50.65 0.01 -1.82
N THR D 189 -50.11 -0.84 -2.70
CA THR D 189 -50.28 -0.60 -4.16
C THR D 189 -51.71 -0.75 -4.64
N LEU D 190 -52.51 -1.60 -3.96
CA LEU D 190 -53.92 -1.81 -4.30
C LEU D 190 -54.75 -0.52 -4.20
N LYS D 191 -54.23 0.49 -3.49
CA LYS D 191 -54.88 1.79 -3.41
C LYS D 191 -54.33 2.84 -4.37
N MET D 192 -53.58 2.42 -5.42
CA MET D 192 -52.60 3.30 -6.04
C MET D 192 -52.61 3.48 -7.58
N ASP D 193 -53.76 3.50 -8.24
CA ASP D 193 -53.85 3.86 -9.69
C ASP D 193 -52.75 3.15 -10.51
N SER D 194 -52.61 1.87 -10.22
CA SER D 194 -51.36 1.14 -10.48
C SER D 194 -51.18 0.75 -11.96
N SER D 195 -50.83 1.77 -12.76
CA SER D 195 -50.52 1.63 -14.20
C SER D 195 -49.00 1.67 -14.44
N GLN D 196 -48.38 2.79 -14.03
CA GLN D 196 -46.91 2.99 -14.03
C GLN D 196 -46.26 2.17 -12.91
N SER D 197 -45.03 1.68 -13.12
CA SER D 197 -44.37 0.80 -12.15
C SER D 197 -44.10 1.56 -10.83
N LEU D 198 -44.20 0.84 -9.71
CA LEU D 198 -44.01 1.41 -8.37
C LEU D 198 -42.60 1.96 -8.20
N SER D 199 -41.62 1.23 -8.74
CA SER D 199 -40.23 1.60 -8.60
C SER D 199 -39.91 2.95 -9.28
N THR D 200 -40.50 3.17 -10.45
CA THR D 200 -40.36 4.44 -11.18
C THR D 200 -41.04 5.58 -10.41
N THR D 201 -42.24 5.34 -9.90
CA THR D 201 -42.94 6.34 -9.06
C THR D 201 -42.12 6.69 -7.82
N ALA D 202 -41.50 5.69 -7.22
CA ALA D 202 -40.68 5.90 -6.04
C ALA D 202 -39.47 6.73 -6.39
N GLU D 203 -38.82 6.39 -7.49
CA GLU D 203 -37.71 7.17 -8.05
C GLU D 203 -38.08 8.62 -8.25
N MET D 204 -39.20 8.87 -8.94
CA MET D 204 -39.63 10.23 -9.21
C MET D 204 -39.96 10.98 -7.90
N SER D 205 -40.61 10.30 -6.97
CA SER D 205 -40.96 10.95 -5.73
C SER D 205 -39.69 11.39 -4.99
N TYR D 206 -38.71 10.47 -4.91
CA TYR D 206 -37.43 10.80 -4.28
C TYR D 206 -36.77 11.96 -5.01
N LYS D 207 -36.67 11.86 -6.33
CA LYS D 207 -35.98 12.92 -7.09
C LYS D 207 -36.64 14.29 -7.03
N ALA D 208 -37.96 14.34 -6.93
CA ALA D 208 -38.67 15.60 -6.74
C ALA D 208 -38.42 16.16 -5.35
N LEU D 209 -38.32 15.27 -4.38
CA LEU D 209 -38.11 15.65 -3.00
C LEU D 209 -36.78 16.41 -2.80
N VAL D 210 -35.73 15.86 -3.38
CA VAL D 210 -34.40 16.46 -3.31
C VAL D 210 -34.14 17.45 -4.44
N GLY D 211 -35.10 17.67 -5.33
CA GLY D 211 -35.00 18.72 -6.33
C GLY D 211 -34.23 18.33 -7.58
N GLU D 212 -33.90 17.06 -7.75
CA GLU D 212 -33.27 16.63 -9.00
C GLU D 212 -34.25 16.72 -10.19
N ILE D 213 -35.54 16.57 -9.90
CA ILE D 213 -36.57 16.95 -10.84
C ILE D 213 -37.55 17.92 -10.20
N LYS D 214 -38.25 18.70 -11.00
CA LYS D 214 -39.44 19.42 -10.53
C LYS D 214 -40.62 18.76 -11.21
N ILE D 215 -41.70 18.59 -10.45
CA ILE D 215 -42.92 18.01 -11.00
C ILE D 215 -43.86 19.17 -11.22
N GLU D 216 -44.46 19.26 -12.41
CA GLU D 216 -45.41 20.32 -12.74
C GLU D 216 -46.72 20.02 -12.06
N HIS D 217 -47.27 21.03 -11.40
CA HIS D 217 -48.61 20.94 -10.79
C HIS D 217 -49.63 20.50 -11.83
N GLY D 218 -50.56 19.64 -11.42
CA GLY D 218 -51.55 19.07 -12.33
C GLY D 218 -51.06 18.08 -13.35
N SER D 219 -49.82 17.61 -13.25
CA SER D 219 -49.31 16.61 -14.21
C SER D 219 -49.73 15.20 -13.86
N GLU D 220 -49.55 14.31 -14.82
CA GLU D 220 -49.73 12.88 -14.60
C GLU D 220 -48.69 12.41 -13.57
N MET D 221 -47.44 12.87 -13.68
CA MET D 221 -46.42 12.47 -12.72
C MET D 221 -46.80 12.91 -11.30
N GLU D 222 -47.37 14.12 -11.15
CA GLU D 222 -47.80 14.58 -9.84
C GLU D 222 -48.88 13.68 -9.25
N LYS D 223 -49.85 13.29 -10.07
CA LYS D 223 -50.89 12.40 -9.62
C LYS D 223 -50.25 11.12 -9.10
N GLN D 224 -49.40 10.50 -9.92
CA GLN D 224 -48.75 9.23 -9.61
C GLN D 224 -47.92 9.30 -8.31
N VAL D 225 -47.19 10.39 -8.13
CA VAL D 225 -46.34 10.58 -6.95
C VAL D 225 -47.18 10.86 -5.70
N ASN D 226 -48.21 11.70 -5.85
CA ASN D 226 -49.13 11.98 -4.72
C ASN D 226 -49.81 10.72 -4.24
N SER D 227 -50.19 9.88 -5.18
CA SER D 227 -50.80 8.58 -4.87
C SER D 227 -49.84 7.69 -4.08
N PHE D 228 -48.59 7.64 -4.53
CA PHE D 228 -47.52 6.89 -3.85
C PHE D 228 -47.33 7.39 -2.40
N ARG D 229 -47.17 8.68 -2.25
CA ARG D 229 -46.91 9.28 -0.96
C ARG D 229 -48.05 9.10 0.04
N SER D 230 -49.28 9.41 -0.38
CA SER D 230 -50.41 9.34 0.55
C SER D 230 -50.90 7.90 0.79
N ASN D 231 -50.50 6.94 -0.03
CA ASN D 231 -50.75 5.51 0.25
C ASN D 231 -49.50 4.70 0.60
N SER D 232 -48.42 5.37 1.03
CA SER D 232 -47.25 4.69 1.61
C SER D 232 -46.84 5.29 2.95
N THR D 233 -46.24 4.45 3.78
CA THR D 233 -45.38 4.93 4.85
C THR D 233 -43.95 5.11 4.31
N ILE D 234 -43.45 6.34 4.41
CA ILE D 234 -42.21 6.75 3.80
C ILE D 234 -41.25 7.25 4.88
N ARG D 235 -40.00 6.77 4.81
CA ARG D 235 -38.92 7.27 5.66
C ARG D 235 -37.73 7.67 4.80
N LEU D 236 -36.96 8.62 5.33
CA LEU D 236 -35.70 9.04 4.77
C LEU D 236 -34.61 8.85 5.84
N THR D 237 -33.65 7.98 5.58
CA THR D 237 -32.54 7.71 6.50
C THR D 237 -31.23 8.07 5.83
N ALA D 238 -30.39 8.80 6.56
CA ALA D 238 -29.13 9.30 6.04
C ALA D 238 -28.02 8.52 6.71
N THR D 239 -27.09 7.99 5.92
CA THR D 239 -25.89 7.39 6.47
C THR D 239 -24.77 8.29 5.99
N GLY D 240 -24.12 8.96 6.93
CA GLY D 240 -23.07 9.91 6.63
C GLY D 240 -23.72 11.24 6.34
N GLY D 241 -22.94 12.29 6.25
CA GLY D 241 -23.48 13.60 6.05
C GLY D 241 -23.87 14.29 7.35
N LYS D 242 -24.19 15.56 7.23
CA LYS D 242 -24.63 16.36 8.37
C LYS D 242 -25.85 15.71 9.03
N PRO D 243 -25.81 15.52 10.36
CA PRO D 243 -26.91 14.81 11.01
C PRO D 243 -28.14 15.70 11.18
N GLY D 244 -29.30 15.06 11.36
CA GLY D 244 -30.55 15.76 11.59
C GLY D 244 -31.10 16.51 10.42
N MET D 245 -30.74 16.10 9.20
CA MET D 245 -31.26 16.79 8.00
C MET D 245 -32.45 16.06 7.37
N THR D 246 -32.68 14.81 7.72
CA THR D 246 -33.59 14.01 6.92
C THR D 246 -35.04 14.44 7.12
N ASP D 247 -35.41 14.84 8.34
CA ASP D 247 -36.77 15.33 8.61
C ASP D 247 -37.12 16.55 7.77
N ARG D 248 -36.21 17.51 7.66
CA ARG D 248 -36.42 18.66 6.76
C ARG D 248 -36.49 18.30 5.29
N ILE D 249 -35.68 17.34 4.84
CA ILE D 249 -35.70 16.93 3.42
C ILE D 249 -37.02 16.25 3.13
N LEU D 250 -37.46 15.40 4.05
CA LEU D 250 -38.63 14.59 3.80
C LEU D 250 -39.91 15.43 3.87
N HIS D 251 -40.08 16.19 4.95
CA HIS D 251 -41.31 16.93 5.23
C HIS D 251 -41.13 18.45 5.15
N GLY D 252 -40.23 18.93 6.01
CA GLY D 252 -40.17 20.29 6.52
C GLY D 252 -40.03 21.36 5.49
N PRO D 253 -39.87 22.61 5.97
CA PRO D 253 -40.01 23.84 5.19
C PRO D 253 -39.37 23.86 3.80
N ASP D 254 -38.06 23.70 3.73
CA ASP D 254 -37.37 23.83 2.44
C ASP D 254 -36.49 22.62 2.18
N SER D 255 -37.08 21.62 1.53
CA SER D 255 -36.45 20.32 1.40
C SER D 255 -35.30 20.35 0.40
N GLN D 256 -35.45 21.12 -0.70
CA GLN D 256 -34.37 21.21 -1.70
C GLN D 256 -33.14 21.91 -1.13
N GLN D 257 -33.33 22.93 -0.29
CA GLN D 257 -32.22 23.60 0.41
C GLN D 257 -31.61 22.71 1.47
N ALA D 258 -32.45 22.07 2.28
CA ALA D 258 -31.96 21.14 3.32
C ALA D 258 -31.17 20.00 2.68
N PHE D 259 -31.62 19.52 1.52
CA PHE D 259 -30.89 18.50 0.81
C PHE D 259 -29.53 19.01 0.34
N SER D 260 -29.52 20.21 -0.24
CA SER D 260 -28.27 20.77 -0.75
C SER D 260 -27.29 21.08 0.40
N GLN D 261 -27.79 21.36 1.59
CA GLN D 261 -26.92 21.52 2.75
C GLN D 261 -26.26 20.21 3.16
N TRP D 262 -27.05 19.13 3.16
CA TRP D 262 -26.53 17.79 3.41
C TRP D 262 -25.52 17.40 2.34
N ALA D 263 -25.86 17.63 1.08
CA ALA D 263 -24.95 17.32 -0.04
C ALA D 263 -23.62 18.06 0.00
N GLU D 264 -23.64 19.37 0.27
CA GLU D 264 -22.41 20.17 0.38
C GLU D 264 -21.63 19.86 1.69
N SER D 265 -22.30 19.32 2.71
CA SER D 265 -21.65 18.93 3.94
C SER D 265 -20.82 17.63 3.83
N LEU D 266 -20.99 16.85 2.76
CA LEU D 266 -20.50 15.47 2.77
C LEU D 266 -19.01 15.33 3.05
N LEU D 267 -18.20 16.26 2.57
CA LEU D 267 -16.76 16.16 2.81
C LEU D 267 -16.38 16.21 4.28
N ASP D 268 -17.13 16.94 5.08
CA ASP D 268 -16.83 17.08 6.49
C ASP D 268 -17.53 15.99 7.32
N TYR D 269 -18.52 15.33 6.73
CA TYR D 269 -19.26 14.32 7.46
C TYR D 269 -19.26 12.96 6.80
N ALA D 270 -18.32 12.71 5.89
CA ALA D 270 -18.31 11.49 5.11
C ALA D 270 -18.03 10.30 5.98
N THR D 271 -18.76 9.21 5.71
CA THR D 271 -18.53 7.93 6.35
C THR D 271 -18.71 6.83 5.33
N LEU D 272 -18.38 5.62 5.75
CA LEU D 272 -18.71 4.45 5.01
C LEU D 272 -20.21 4.53 4.87
N MET D 273 -20.69 4.35 3.65
CA MET D 273 -22.13 4.39 3.41
C MET D 273 -22.62 3.49 2.27
N ASP D 274 -21.76 2.70 1.64
CA ASP D 274 -22.22 1.79 0.59
C ASP D 274 -21.23 0.68 0.37
N PHE D 275 -21.75 -0.43 -0.12
CA PHE D 275 -21.01 -1.65 -0.36
C PHE D 275 -21.07 -1.99 -1.82
N SER D 276 -20.01 -2.62 -2.31
CA SER D 276 -19.90 -3.16 -3.64
C SER D 276 -19.83 -4.67 -3.49
N THR D 277 -19.65 -5.38 -4.61
CA THR D 277 -19.58 -6.86 -4.56
C THR D 277 -18.41 -7.37 -3.74
N GLU D 278 -17.38 -6.56 -3.54
CA GLU D 278 -16.18 -6.98 -2.78
C GLU D 278 -16.11 -6.44 -1.35
N SER D 279 -17.15 -5.78 -0.87
CA SER D 279 -17.07 -5.02 0.39
C SER D 279 -16.86 -5.88 1.61
N LEU D 280 -17.68 -6.89 1.80
CA LEU D 280 -17.59 -7.77 2.96
C LEU D 280 -16.76 -9.01 2.57
N GLN D 281 -15.70 -9.28 3.32
CA GLN D 281 -14.85 -10.45 3.09
C GLN D 281 -14.81 -11.26 4.35
N PRO D 282 -14.82 -12.59 4.24
CA PRO D 282 -14.92 -13.43 5.45
C PRO D 282 -13.64 -13.45 6.23
N ILE D 283 -13.75 -13.47 7.56
CA ILE D 283 -12.56 -13.59 8.40
C ILE D 283 -11.94 -14.97 8.28
N TRP D 284 -12.72 -15.98 7.95
CA TRP D 284 -12.16 -17.34 7.85
C TRP D 284 -11.00 -17.44 6.84
N ALA D 285 -11.10 -16.78 5.70
CA ALA D 285 -10.01 -16.71 4.72
C ALA D 285 -8.67 -16.20 5.30
N LEU D 286 -8.71 -15.51 6.44
CA LEU D 286 -7.51 -15.02 7.12
C LEU D 286 -6.80 -16.04 8.03
N ALA D 287 -7.47 -17.15 8.31
CA ALA D 287 -6.89 -18.16 9.21
C ALA D 287 -5.70 -18.83 8.55
N ASP D 288 -4.67 -19.15 9.34
CA ASP D 288 -3.44 -19.79 8.82
C ASP D 288 -3.70 -21.19 8.25
N LYS D 289 -4.41 -22.03 9.01
CA LYS D 289 -4.61 -23.43 8.63
C LYS D 289 -5.89 -23.65 7.81
N PRO D 290 -5.80 -24.39 6.70
CA PRO D 290 -7.02 -24.74 5.94
C PRO D 290 -8.17 -25.39 6.75
N GLU D 291 -7.80 -26.15 7.81
CA GLU D 291 -8.78 -26.84 8.66
C GLU D 291 -9.60 -25.83 9.45
N ARG D 292 -8.92 -24.76 9.88
CA ARG D 292 -9.53 -23.68 10.62
C ARG D 292 -10.43 -22.80 9.73
N ARG D 293 -9.97 -22.51 8.51
CA ARG D 293 -10.77 -21.79 7.51
C ARG D 293 -12.08 -22.49 7.27
N VAL D 294 -11.99 -23.81 7.19
CA VAL D 294 -13.12 -24.62 6.85
C VAL D 294 -14.06 -24.71 8.04
N GLU D 295 -13.55 -24.93 9.26
CA GLU D 295 -14.47 -25.10 10.37
C GLU D 295 -15.20 -23.81 10.70
N LEU D 296 -14.50 -22.69 10.54
CA LEU D 296 -15.13 -21.37 10.72
C LEU D 296 -16.21 -21.16 9.65
N GLU D 297 -15.89 -21.45 8.40
CA GLU D 297 -16.87 -21.32 7.32
C GLU D 297 -18.11 -22.21 7.49
N ASP D 298 -17.90 -23.43 7.97
CA ASP D 298 -19.02 -24.36 8.22
C ASP D 298 -19.97 -23.88 9.29
N ALA D 299 -19.44 -23.10 10.22
CA ALA D 299 -20.24 -22.58 11.32
C ALA D 299 -21.09 -21.37 10.92
N PHE D 300 -20.88 -20.82 9.73
CA PHE D 300 -21.62 -19.61 9.36
C PHE D 300 -23.15 -19.83 9.28
N PRO D 301 -23.61 -20.95 8.69
CA PRO D 301 -25.05 -21.18 8.70
C PRO D 301 -25.71 -21.12 10.06
N GLU D 302 -25.07 -21.70 11.09
CA GLU D 302 -25.67 -21.65 12.44
C GLU D 302 -25.58 -20.26 13.04
N PHE D 303 -24.48 -19.55 12.82
CA PHE D 303 -24.41 -18.14 13.23
C PHE D 303 -25.59 -17.34 12.66
N MET D 304 -25.93 -17.61 11.40
CA MET D 304 -26.98 -16.89 10.67
C MET D 304 -28.40 -17.40 10.88
N LYS D 305 -28.57 -18.55 11.54
CA LYS D 305 -29.87 -19.22 11.67
C LYS D 305 -30.97 -18.27 12.16
N GLN D 306 -30.79 -17.66 13.33
CA GLN D 306 -31.76 -16.70 13.88
C GLN D 306 -32.15 -15.60 12.87
N SER D 307 -31.15 -15.06 12.15
CA SER D 307 -31.38 -13.96 11.22
C SER D 307 -32.18 -14.40 9.99
N GLN D 308 -32.09 -15.66 9.61
CA GLN D 308 -32.78 -16.15 8.41
C GLN D 308 -34.23 -16.54 8.60
N GLN D 309 -34.77 -16.47 9.82
CA GLN D 309 -36.20 -16.74 10.03
C GLN D 309 -36.99 -15.73 9.21
N SER D 310 -38.10 -16.21 8.64
CA SER D 310 -39.06 -15.36 7.97
C SER D 310 -39.69 -14.32 8.89
N ILE D 311 -40.08 -13.22 8.30
CA ILE D 311 -40.87 -12.19 8.99
C ILE D 311 -42.27 -12.82 9.11
N PRO D 312 -42.86 -12.74 10.31
CA PRO D 312 -44.24 -13.22 10.43
C PRO D 312 -45.22 -12.36 9.63
N LYS D 313 -46.18 -12.99 8.96
CA LYS D 313 -47.15 -12.29 8.10
C LYS D 313 -48.58 -12.38 8.62
N VAL D 314 -49.35 -11.31 8.44
CA VAL D 314 -50.76 -11.24 8.73
C VAL D 314 -51.49 -11.53 7.43
N ASP D 315 -51.87 -12.80 7.24
CA ASP D 315 -52.68 -13.22 6.08
C ASP D 315 -54.18 -12.92 6.25
N LYS D 316 -54.66 -12.88 7.49
CA LYS D 316 -56.06 -12.65 7.79
C LYS D 316 -56.31 -11.14 7.74
N VAL D 317 -56.71 -10.65 6.58
CA VAL D 317 -56.85 -9.19 6.38
C VAL D 317 -58.27 -8.66 6.27
N LEU D 318 -59.25 -9.57 6.22
CA LEU D 318 -60.62 -9.16 6.18
C LEU D 318 -61.29 -9.52 7.48
N LEU D 319 -61.84 -8.50 8.13
CA LEU D 319 -62.57 -8.66 9.35
C LEU D 319 -64.03 -8.93 8.97
N MET D 320 -64.52 -10.12 9.29
CA MET D 320 -65.91 -10.52 9.02
C MET D 320 -66.89 -10.32 10.20
N ASP D 321 -68.08 -9.86 9.85
CA ASP D 321 -69.23 -9.91 10.73
C ASP D 321 -70.26 -10.78 9.98
N ALA D 322 -70.46 -12.00 10.46
CA ALA D 322 -71.31 -12.99 9.76
C ALA D 322 -72.81 -12.81 10.03
N ARG D 323 -73.18 -12.05 11.07
CA ARG D 323 -74.60 -11.84 11.42
C ARG D 323 -74.98 -10.37 11.53
N PRO D 324 -74.83 -9.62 10.42
CA PRO D 324 -75.29 -8.22 10.48
C PRO D 324 -76.83 -8.13 10.37
N PRO D 325 -77.39 -6.96 10.68
CA PRO D 325 -78.81 -6.77 10.40
C PRO D 325 -79.13 -6.89 8.91
N MET D 326 -80.15 -7.65 8.57
CA MET D 326 -80.59 -7.83 7.19
C MET D 326 -81.84 -7.00 6.96
N VAL D 327 -81.83 -6.21 5.89
CA VAL D 327 -82.95 -5.35 5.50
C VAL D 327 -83.47 -5.84 4.15
N LYS D 328 -84.77 -5.78 3.95
CA LYS D 328 -85.38 -6.32 2.72
C LYS D 328 -85.12 -5.42 1.54
N ALA D 329 -84.76 -6.03 0.41
CA ALA D 329 -84.44 -5.29 -0.79
C ALA D 329 -85.23 -5.78 -2.01
N GLY D 330 -86.46 -6.26 -1.79
CA GLY D 330 -87.39 -6.61 -2.87
C GLY D 330 -87.90 -8.05 -2.89
N GLU D 331 -89.05 -8.21 -3.55
CA GLU D 331 -89.69 -9.51 -3.82
C GLU D 331 -90.01 -9.60 -5.29
N ASP D 332 -90.11 -10.80 -5.84
CA ASP D 332 -90.59 -11.00 -7.22
C ASP D 332 -92.13 -11.01 -7.36
N SER D 333 -92.83 -10.27 -6.50
CA SER D 333 -94.28 -10.15 -6.55
C SER D 333 -94.64 -9.44 -7.83
N GLY D 334 -95.58 -10.04 -8.58
CA GLY D 334 -95.97 -9.54 -9.89
C GLY D 334 -95.13 -10.12 -11.02
N SER D 335 -94.10 -10.91 -10.73
CA SER D 335 -93.22 -11.39 -11.80
C SER D 335 -93.81 -12.55 -12.58
N GLY D 336 -94.83 -13.21 -12.01
CA GLY D 336 -95.38 -14.42 -12.60
C GLY D 336 -94.47 -15.64 -12.52
N ALA D 337 -93.32 -15.54 -11.86
CA ALA D 337 -92.47 -16.72 -11.68
C ALA D 337 -93.16 -17.63 -10.69
N SER D 338 -93.06 -18.94 -10.93
CA SER D 338 -93.74 -19.94 -10.10
C SER D 338 -93.28 -19.72 -8.67
N GLU D 339 -91.96 -19.73 -8.49
CA GLU D 339 -91.36 -19.57 -7.17
C GLU D 339 -91.33 -18.12 -6.69
N ASP D 340 -91.37 -17.99 -5.37
CA ASP D 340 -91.25 -16.71 -4.70
C ASP D 340 -89.74 -16.43 -4.51
N LEU D 341 -89.37 -15.16 -4.62
CA LEU D 341 -88.01 -14.70 -4.35
C LEU D 341 -88.08 -13.46 -3.50
N ALA D 342 -87.35 -13.47 -2.40
CA ALA D 342 -87.08 -12.24 -1.68
C ALA D 342 -85.57 -12.15 -1.46
N VAL D 343 -85.07 -10.92 -1.48
CA VAL D 343 -83.65 -10.66 -1.29
C VAL D 343 -83.48 -9.64 -0.20
N PHE D 344 -82.32 -9.74 0.44
CA PHE D 344 -82.04 -8.92 1.62
C PHE D 344 -80.60 -8.44 1.53
N ASN D 345 -80.41 -7.14 1.79
CA ASN D 345 -79.09 -6.55 1.96
C ASN D 345 -78.72 -6.52 3.44
N PRO D 346 -77.44 -6.72 3.76
CA PRO D 346 -76.97 -6.48 5.12
C PRO D 346 -76.74 -5.01 5.33
N SER D 347 -77.06 -4.50 6.51
CA SER D 347 -76.79 -3.10 6.83
C SER D 347 -75.33 -3.03 7.17
N THR D 348 -74.71 -1.96 6.66
CA THR D 348 -73.28 -1.75 6.77
C THR D 348 -72.97 -0.44 7.50
N SER D 349 -71.87 -0.46 8.23
CA SER D 349 -71.38 0.71 8.98
C SER D 349 -69.95 0.42 9.45
N ASN D 350 -69.30 1.45 9.98
CA ASN D 350 -67.94 1.34 10.57
C ASN D 350 -66.94 0.72 9.61
N GLY D 351 -67.04 1.07 8.33
CA GLY D 351 -66.14 0.50 7.30
C GLY D 351 -66.35 -0.96 6.92
N TYR D 352 -67.44 -1.58 7.39
CA TYR D 352 -67.79 -2.93 6.94
C TYR D 352 -68.54 -2.80 5.62
N LYS D 353 -68.36 -3.78 4.75
CA LYS D 353 -68.84 -3.68 3.37
C LYS D 353 -69.63 -4.91 2.91
N MET D 354 -70.64 -4.67 2.09
CA MET D 354 -71.47 -5.71 1.49
C MET D 354 -70.73 -6.33 0.32
N VAL D 355 -70.85 -7.65 0.20
CA VAL D 355 -70.32 -8.38 -0.96
C VAL D 355 -71.38 -9.11 -1.80
N GLY D 356 -72.62 -9.17 -1.29
CA GLY D 356 -73.70 -9.89 -1.99
C GLY D 356 -75.00 -9.81 -1.21
N GLN D 357 -76.10 -10.16 -1.90
CA GLN D 357 -77.42 -10.24 -1.29
C GLN D 357 -77.64 -11.61 -0.72
N PHE D 358 -78.47 -11.66 0.31
CA PHE D 358 -79.02 -12.93 0.74
C PHE D 358 -80.32 -13.16 -0.02
N GLY D 359 -80.50 -14.39 -0.52
CA GLY D 359 -81.68 -14.74 -1.30
C GLY D 359 -82.52 -15.84 -0.65
N GLN D 360 -83.83 -15.76 -0.85
CA GLN D 360 -84.81 -16.70 -0.27
C GLN D 360 -85.85 -17.11 -1.28
N ARG D 361 -86.25 -18.37 -1.24
CA ARG D 361 -87.40 -18.84 -2.02
C ARG D 361 -88.73 -18.58 -1.27
N ASN D 362 -89.02 -17.32 -0.94
CA ASN D 362 -90.27 -16.96 -0.25
C ASN D 362 -90.52 -15.44 -0.33
N HIS D 363 -91.56 -14.94 0.33
CA HIS D 363 -91.94 -13.51 0.34
C HIS D 363 -91.88 -12.87 1.73
N ALA D 364 -91.18 -13.50 2.68
CA ALA D 364 -91.19 -13.04 4.07
C ALA D 364 -90.61 -11.63 4.23
N SER D 365 -91.05 -10.93 5.27
CA SER D 365 -90.46 -9.63 5.66
C SER D 365 -89.07 -9.75 6.33
N VAL D 366 -88.72 -10.97 6.77
CA VAL D 366 -87.56 -11.27 7.56
C VAL D 366 -86.65 -12.23 6.78
N ALA D 367 -85.34 -12.00 6.86
CA ALA D 367 -84.37 -12.88 6.21
C ALA D 367 -84.24 -14.22 6.94
N ASP D 368 -84.17 -15.30 6.17
CA ASP D 368 -83.90 -16.65 6.70
C ASP D 368 -82.48 -16.83 7.22
N GLY D 369 -81.55 -16.04 6.66
CA GLY D 369 -80.16 -16.08 7.09
C GLY D 369 -79.51 -14.72 6.99
N HIS D 370 -78.18 -14.75 7.03
CA HIS D 370 -77.37 -13.56 7.03
C HIS D 370 -76.35 -13.61 5.92
N ALA D 371 -76.15 -12.47 5.28
CA ALA D 371 -75.07 -12.28 4.32
C ALA D 371 -73.95 -11.59 5.06
N PRO D 372 -72.75 -12.18 5.06
CA PRO D 372 -71.67 -11.54 5.80
C PRO D 372 -71.23 -10.20 5.18
N ILE D 373 -70.68 -9.36 6.03
CA ILE D 373 -70.04 -8.12 5.63
C ILE D 373 -68.59 -8.16 6.11
N PHE D 374 -67.74 -7.48 5.35
CA PHE D 374 -66.29 -7.56 5.55
C PHE D 374 -65.71 -6.17 5.64
N LYS D 375 -64.69 -6.04 6.47
CA LYS D 375 -64.02 -4.77 6.67
C LYS D 375 -62.55 -4.91 6.33
N ASP D 376 -62.06 -3.93 5.58
CA ASP D 376 -60.65 -3.85 5.23
C ASP D 376 -59.92 -3.26 6.44
N LEU D 377 -59.56 -4.13 7.39
CA LEU D 377 -59.09 -3.70 8.72
C LEU D 377 -57.85 -2.83 8.68
N PHE D 378 -56.86 -3.30 7.93
CA PHE D 378 -55.56 -2.65 7.79
C PHE D 378 -55.50 -1.66 6.60
N ASP D 379 -56.64 -1.39 5.98
CA ASP D 379 -56.78 -0.37 4.95
C ASP D 379 -55.78 -0.61 3.82
N LEU D 380 -55.77 -1.84 3.36
CA LEU D 380 -54.86 -2.30 2.32
C LEU D 380 -55.41 -2.12 0.91
N GLY D 381 -56.67 -1.74 0.78
CA GLY D 381 -57.36 -1.72 -0.51
C GLY D 381 -57.70 -3.09 -1.07
N VAL D 382 -57.82 -4.10 -0.20
CA VAL D 382 -58.30 -5.43 -0.64
C VAL D 382 -59.82 -5.47 -0.96
N LEU D 383 -60.57 -4.54 -0.39
CA LEU D 383 -61.92 -4.26 -0.76
C LEU D 383 -61.91 -2.99 -1.57
N LYS D 384 -62.55 -3.03 -2.73
CA LYS D 384 -62.66 -1.87 -3.58
C LYS D 384 -64.04 -1.88 -4.22
N ALA D 385 -64.66 -0.71 -4.33
CA ALA D 385 -65.96 -0.60 -5.00
C ALA D 385 -65.93 -1.16 -6.45
N PRO D 386 -67.08 -1.68 -6.92
CA PRO D 386 -67.18 -2.10 -8.30
C PRO D 386 -67.10 -0.92 -9.24
N VAL D 387 -66.67 -1.14 -10.47
CA VAL D 387 -66.67 -0.05 -11.48
C VAL D 387 -68.04 0.16 -12.08
N GLY D 388 -68.89 -0.86 -11.97
CA GLY D 388 -70.24 -0.76 -12.50
C GLY D 388 -71.01 -2.05 -12.36
N TRP D 389 -72.18 -2.07 -12.99
CA TRP D 389 -73.05 -3.22 -12.91
C TRP D 389 -73.58 -3.62 -14.28
N GLN D 390 -73.58 -4.91 -14.55
CA GLN D 390 -74.21 -5.47 -15.77
C GLN D 390 -75.27 -6.51 -15.45
N ARG D 391 -76.12 -6.78 -16.43
CA ARG D 391 -77.25 -7.67 -16.24
C ARG D 391 -76.92 -9.09 -16.59
N VAL D 392 -77.17 -9.98 -15.65
CA VAL D 392 -77.15 -11.40 -15.93
C VAL D 392 -78.46 -11.74 -16.65
N TRP D 393 -79.53 -11.05 -16.28
CA TRP D 393 -80.89 -11.43 -16.67
C TRP D 393 -81.84 -10.29 -16.39
N ASP D 394 -82.86 -10.17 -17.25
CA ASP D 394 -84.03 -9.35 -16.96
C ASP D 394 -85.30 -10.06 -17.45
N ASP D 395 -86.47 -9.48 -17.13
CA ASP D 395 -87.79 -10.06 -17.46
C ASP D 395 -88.38 -9.58 -18.80
N ALA D 396 -87.54 -9.09 -19.71
CA ALA D 396 -88.01 -8.68 -21.04
C ALA D 396 -88.67 -9.90 -21.70
N GLY D 397 -89.90 -9.70 -22.18
CA GLY D 397 -90.73 -10.76 -22.76
C GLY D 397 -91.86 -11.30 -21.87
N SER D 398 -91.74 -11.14 -20.56
CA SER D 398 -92.77 -11.57 -19.62
C SER D 398 -94.06 -10.78 -19.75
N GLY D 399 -93.98 -9.57 -20.31
CA GLY D 399 -95.14 -8.73 -20.46
C GLY D 399 -95.64 -8.12 -19.16
N LYS D 400 -94.91 -8.30 -18.06
CA LYS D 400 -95.33 -7.73 -16.77
C LYS D 400 -94.94 -6.27 -16.81
N SER D 401 -95.75 -5.43 -16.19
CA SER D 401 -95.59 -3.97 -16.26
C SER D 401 -94.34 -3.54 -15.47
N LYS D 402 -94.12 -4.20 -14.34
CA LYS D 402 -92.91 -3.98 -13.55
C LYS D 402 -91.78 -4.92 -13.99
N ASP D 403 -90.56 -4.52 -13.65
CA ASP D 403 -89.35 -5.17 -14.12
C ASP D 403 -88.57 -5.87 -12.99
N TYR D 404 -87.86 -6.93 -13.39
CA TYR D 404 -87.21 -7.84 -12.48
C TYR D 404 -85.89 -8.19 -13.13
N ALA D 405 -84.78 -8.04 -12.41
CA ALA D 405 -83.47 -8.26 -13.01
C ALA D 405 -82.44 -8.78 -12.02
N CYS D 406 -81.46 -9.50 -12.55
CA CYS D 406 -80.33 -9.96 -11.78
C CYS D 406 -79.12 -9.20 -12.26
N TRP D 407 -78.42 -8.53 -11.35
CA TRP D 407 -77.25 -7.73 -11.72
C TRP D 407 -75.96 -8.30 -11.13
N ARG D 408 -74.84 -8.07 -11.84
CA ARG D 408 -73.49 -8.43 -11.38
C ARG D 408 -72.68 -7.21 -11.21
N ALA D 409 -71.89 -7.20 -10.16
CA ALA D 409 -70.89 -6.18 -10.03
C ALA D 409 -69.82 -6.44 -11.11
N ILE D 410 -69.47 -5.40 -11.82
CA ILE D 410 -68.30 -5.41 -12.67
C ILE D 410 -67.14 -4.98 -11.75
N PRO D 411 -66.23 -5.92 -11.45
CA PRO D 411 -65.13 -5.55 -10.57
C PRO D 411 -64.06 -4.73 -11.28
N PRO D 412 -63.37 -3.85 -10.54
CA PRO D 412 -62.17 -3.22 -11.11
C PRO D 412 -61.09 -4.25 -11.34
N GLN D 413 -60.13 -3.90 -12.17
CA GLN D 413 -59.05 -4.82 -12.56
C GLN D 413 -58.36 -5.44 -11.35
N GLY D 414 -58.33 -6.77 -11.30
CA GLY D 414 -57.72 -7.54 -10.23
C GLY D 414 -58.65 -7.97 -9.11
N TYR D 415 -59.91 -7.52 -9.10
CA TYR D 415 -60.86 -7.87 -8.05
C TYR D 415 -61.98 -8.80 -8.54
N ARG D 416 -62.79 -9.31 -7.62
CA ARG D 416 -63.86 -10.26 -7.91
C ARG D 416 -65.08 -9.94 -7.08
N ALA D 417 -66.26 -10.20 -7.63
CA ALA D 417 -67.49 -10.06 -6.88
C ALA D 417 -67.87 -11.41 -6.26
N LEU D 418 -68.50 -11.37 -5.09
CA LEU D 418 -68.85 -12.58 -4.36
C LEU D 418 -70.32 -12.96 -4.46
N GLY D 419 -71.16 -12.04 -4.89
CA GLY D 419 -72.59 -12.33 -5.06
C GLY D 419 -73.32 -11.30 -5.91
N ASP D 420 -74.36 -11.75 -6.58
CA ASP D 420 -75.18 -10.89 -7.41
C ASP D 420 -76.26 -10.23 -6.58
N VAL D 421 -76.93 -9.28 -7.22
CA VAL D 421 -77.96 -8.48 -6.59
C VAL D 421 -79.17 -8.49 -7.51
N MET D 422 -80.33 -8.83 -6.94
CA MET D 422 -81.57 -8.80 -7.68
C MET D 422 -82.20 -7.45 -7.48
N MET D 423 -82.82 -6.95 -8.54
CA MET D 423 -83.65 -5.76 -8.50
C MET D 423 -85.03 -6.17 -8.96
N LEU D 424 -85.99 -6.10 -8.04
CA LEU D 424 -87.29 -6.75 -8.21
C LEU D 424 -88.42 -5.75 -8.08
N ALA D 425 -89.30 -5.73 -9.09
CA ALA D 425 -90.56 -4.96 -9.09
C ALA D 425 -90.25 -3.49 -9.24
N THR D 426 -89.42 -3.20 -10.25
CA THR D 426 -88.91 -1.84 -10.46
C THR D 426 -89.62 -1.20 -11.64
N SER D 427 -89.57 0.13 -11.66
CA SER D 427 -90.06 0.93 -12.78
C SER D 427 -88.87 1.30 -13.68
N GLY D 428 -88.66 0.50 -14.74
CA GLY D 428 -87.43 0.55 -15.53
C GLY D 428 -86.36 -0.32 -14.90
N TYR D 429 -85.40 -0.79 -15.70
CA TYR D 429 -84.30 -1.62 -15.18
C TYR D 429 -83.28 -0.78 -14.41
N ASN D 430 -83.65 -0.40 -13.20
CA ASN D 430 -82.81 0.41 -12.33
C ASN D 430 -81.70 -0.44 -11.78
N PRO D 431 -80.46 0.02 -11.91
CA PRO D 431 -79.33 -0.76 -11.45
C PRO D 431 -79.22 -0.66 -9.93
N PRO D 432 -78.50 -1.59 -9.29
CA PRO D 432 -78.30 -1.54 -7.86
C PRO D 432 -77.69 -0.20 -7.42
N ASN D 433 -78.14 0.32 -6.29
CA ASN D 433 -77.59 1.51 -5.71
C ASN D 433 -77.17 1.09 -4.35
N LEU D 434 -75.91 0.69 -4.24
CA LEU D 434 -75.40 0.07 -3.03
C LEU D 434 -74.07 0.68 -2.72
N PRO D 435 -74.06 1.86 -2.07
CA PRO D 435 -72.80 2.56 -1.87
C PRO D 435 -71.73 1.74 -1.16
N ASP D 436 -72.13 0.79 -0.30
CA ASP D 436 -71.17 0.02 0.47
C ASP D 436 -70.93 -1.39 -0.08
N TYR D 437 -71.33 -1.63 -1.34
CA TYR D 437 -70.94 -2.87 -2.02
C TYR D 437 -69.48 -2.78 -2.48
N VAL D 438 -68.75 -3.86 -2.27
CA VAL D 438 -67.37 -3.95 -2.71
C VAL D 438 -67.08 -5.29 -3.34
N CYS D 439 -66.08 -5.28 -4.20
CA CYS D 439 -65.42 -6.47 -4.69
C CYS D 439 -64.18 -6.70 -3.85
N VAL D 440 -63.64 -7.89 -3.94
CA VAL D 440 -62.56 -8.35 -3.10
C VAL D 440 -61.41 -8.68 -4.02
N HIS D 441 -60.18 -8.36 -3.60
CA HIS D 441 -59.02 -8.59 -4.45
C HIS D 441 -58.81 -10.09 -4.68
N GLN D 442 -58.52 -10.42 -5.94
CA GLN D 442 -58.11 -11.75 -6.45
C GLN D 442 -57.35 -12.62 -5.46
N SER D 443 -56.31 -12.03 -4.87
CA SER D 443 -55.42 -12.69 -3.92
C SER D 443 -56.14 -13.36 -2.76
N LEU D 444 -57.27 -12.79 -2.33
CA LEU D 444 -58.05 -13.33 -1.22
C LEU D 444 -59.15 -14.30 -1.66
N CYS D 445 -59.34 -14.45 -2.97
CA CYS D 445 -60.48 -15.20 -3.48
C CYS D 445 -60.05 -16.42 -4.26
N ALA D 446 -60.98 -17.38 -4.35
CA ALA D 446 -60.85 -18.60 -5.14
C ALA D 446 -61.96 -18.63 -6.18
N ASP D 447 -61.62 -18.99 -7.42
CA ASP D 447 -62.60 -19.14 -8.50
C ASP D 447 -63.72 -20.10 -8.06
N VAL D 448 -64.94 -19.86 -8.54
CA VAL D 448 -66.06 -20.69 -8.13
C VAL D 448 -65.85 -22.12 -8.69
N GLN D 449 -66.09 -23.11 -7.83
CA GLN D 449 -65.97 -24.52 -8.19
C GLN D 449 -67.33 -25.22 -8.27
N THR D 450 -68.15 -25.05 -7.24
CA THR D 450 -69.50 -25.60 -7.22
C THR D 450 -70.55 -24.52 -7.26
N LEU D 451 -71.75 -24.92 -7.67
CA LEU D 451 -72.96 -24.11 -7.59
C LEU D 451 -74.04 -25.06 -7.07
N GLN D 452 -74.53 -24.83 -5.85
CA GLN D 452 -75.43 -25.76 -5.13
C GLN D 452 -76.59 -25.00 -4.48
N ASN D 453 -77.51 -25.73 -3.85
CA ASN D 453 -78.62 -25.15 -3.09
C ASN D 453 -79.31 -23.99 -3.77
N ARG D 454 -79.80 -24.26 -4.99
CA ARG D 454 -80.51 -23.27 -5.79
C ARG D 454 -81.48 -22.47 -4.92
N VAL D 455 -81.46 -21.16 -5.08
CA VAL D 455 -82.38 -20.30 -4.34
C VAL D 455 -83.70 -20.16 -5.09
N TRP D 456 -83.59 -19.97 -6.41
CA TRP D 456 -84.71 -19.50 -7.23
C TRP D 456 -84.34 -19.53 -8.72
N TRP D 457 -85.37 -19.60 -9.57
CA TRP D 457 -85.27 -19.36 -11.01
C TRP D 457 -86.54 -18.67 -11.46
N ASP D 458 -86.51 -18.12 -12.67
CA ASP D 458 -87.60 -17.29 -13.15
C ASP D 458 -88.68 -18.06 -13.88
N LYS D 459 -88.59 -19.38 -13.99
CA LYS D 459 -89.53 -20.12 -14.84
C LYS D 459 -90.97 -19.95 -14.35
N GLY D 460 -91.86 -19.73 -15.33
CA GLY D 460 -93.20 -19.24 -15.09
C GLY D 460 -93.39 -17.79 -15.50
N THR D 461 -92.32 -16.98 -15.40
CA THR D 461 -92.38 -15.55 -15.75
C THR D 461 -92.64 -15.34 -17.27
N GLY D 462 -92.08 -16.24 -18.10
CA GLY D 462 -92.18 -16.16 -19.54
C GLY D 462 -91.30 -15.08 -20.15
N ALA D 463 -90.06 -14.99 -19.68
CA ALA D 463 -89.10 -14.03 -20.19
C ALA D 463 -88.23 -14.78 -21.16
N ARG D 464 -87.80 -14.12 -22.24
CA ARG D 464 -86.95 -14.75 -23.27
C ARG D 464 -85.74 -15.40 -22.64
N LYS D 465 -85.05 -14.58 -21.84
CA LYS D 465 -83.86 -14.97 -21.12
C LYS D 465 -84.28 -15.68 -19.85
N ASP D 466 -83.38 -16.51 -19.37
CA ASP D 466 -83.61 -17.33 -18.19
C ASP D 466 -82.54 -17.03 -17.14
N VAL D 467 -82.86 -17.30 -15.88
CA VAL D 467 -81.90 -17.18 -14.80
C VAL D 467 -82.24 -18.12 -13.65
N SER D 468 -81.18 -18.64 -13.03
CA SER D 468 -81.28 -19.40 -11.80
C SER D 468 -80.21 -18.87 -10.83
N LEU D 469 -80.60 -18.68 -9.57
CA LEU D 469 -79.70 -18.17 -8.54
C LEU D 469 -79.18 -19.34 -7.73
N TRP D 470 -77.86 -19.48 -7.72
CA TRP D 470 -77.16 -20.60 -7.11
C TRP D 470 -76.14 -20.11 -6.10
N GLN D 471 -75.84 -20.93 -5.10
CA GLN D 471 -74.87 -20.62 -4.06
C GLN D 471 -73.49 -21.05 -4.52
N PRO D 472 -72.56 -20.10 -4.66
CA PRO D 472 -71.21 -20.51 -5.07
C PRO D 472 -70.40 -21.11 -3.91
N GLY D 473 -69.38 -21.88 -4.27
CA GLY D 473 -68.48 -22.50 -3.31
C GLY D 473 -67.15 -22.88 -3.93
N ALA D 474 -66.14 -23.03 -3.11
CA ALA D 474 -64.82 -23.39 -3.57
C ALA D 474 -64.06 -24.11 -2.46
N ALA D 475 -63.00 -24.83 -2.86
CA ALA D 475 -62.07 -25.44 -1.92
C ALA D 475 -61.46 -24.34 -1.09
N GLY D 476 -61.66 -24.43 0.22
CA GLY D 476 -61.09 -23.44 1.16
C GLY D 476 -61.86 -22.14 1.37
N ALA D 477 -62.90 -21.88 0.58
CA ALA D 477 -63.70 -20.65 0.72
C ALA D 477 -64.79 -20.80 1.75
N VAL D 478 -65.15 -19.66 2.34
CA VAL D 478 -66.19 -19.57 3.34
C VAL D 478 -67.45 -20.10 2.67
N ALA D 479 -68.22 -20.90 3.40
CA ALA D 479 -69.55 -21.33 2.92
C ALA D 479 -70.35 -20.07 2.66
N SER D 480 -70.65 -19.80 1.38
CA SER D 480 -71.23 -18.53 0.97
C SER D 480 -72.68 -18.39 1.42
N SER D 481 -73.10 -17.17 1.70
CA SER D 481 -74.52 -16.87 1.96
C SER D 481 -75.14 -16.06 0.82
N CYS D 482 -74.50 -16.10 -0.33
CA CYS D 482 -74.84 -15.23 -1.44
C CYS D 482 -75.19 -16.09 -2.65
N PHE D 483 -75.59 -15.44 -3.73
CA PHE D 483 -75.94 -16.15 -4.94
C PHE D 483 -75.26 -15.61 -6.18
N ALA D 484 -75.31 -16.38 -7.25
CA ALA D 484 -74.81 -16.00 -8.54
C ALA D 484 -75.82 -16.49 -9.57
N GLY D 485 -76.17 -15.63 -10.52
CA GLY D 485 -77.07 -16.01 -11.61
C GLY D 485 -76.37 -16.83 -12.69
N VAL D 486 -77.03 -17.91 -13.10
CA VAL D 486 -76.66 -18.68 -14.28
C VAL D 486 -77.78 -18.41 -15.29
N PRO D 487 -77.43 -18.07 -16.56
CA PRO D 487 -78.47 -17.70 -17.53
C PRO D 487 -79.30 -18.85 -18.17
N ASN D 488 -79.61 -19.88 -17.38
CA ASN D 488 -80.32 -21.07 -17.86
C ASN D 488 -80.83 -21.87 -16.66
N TYR D 489 -81.59 -22.93 -16.93
CA TYR D 489 -82.22 -23.75 -15.91
C TYR D 489 -81.50 -25.08 -15.68
N ASN D 490 -80.21 -25.14 -15.99
CA ASN D 490 -79.44 -26.36 -15.76
C ASN D 490 -79.44 -26.68 -14.26
N ASN D 491 -79.65 -27.96 -13.92
CA ASN D 491 -79.86 -28.41 -12.52
C ASN D 491 -79.24 -29.79 -12.31
N PRO D 492 -78.00 -29.88 -11.80
CA PRO D 492 -77.16 -28.78 -11.37
C PRO D 492 -76.43 -28.11 -12.56
N PRO D 493 -75.88 -26.89 -12.35
CA PRO D 493 -75.12 -26.24 -13.43
C PRO D 493 -73.89 -27.01 -13.84
N ASN D 494 -73.56 -26.99 -15.14
CA ASN D 494 -72.42 -27.72 -15.68
C ASN D 494 -71.15 -26.87 -15.61
N SER D 495 -70.02 -27.48 -15.95
CA SER D 495 -68.72 -26.82 -15.87
C SER D 495 -68.57 -25.62 -16.83
N GLY D 496 -69.39 -25.56 -17.87
CA GLY D 496 -69.47 -24.37 -18.72
C GLY D 496 -70.07 -23.16 -17.99
N ASP D 497 -71.14 -23.41 -17.23
CA ASP D 497 -71.75 -22.39 -16.39
C ASP D 497 -70.78 -21.88 -15.29
N ILE D 498 -70.03 -22.81 -14.70
CA ILE D 498 -68.96 -22.49 -13.71
C ILE D 498 -67.80 -21.72 -14.33
N GLU D 499 -67.40 -22.10 -15.55
CA GLU D 499 -66.33 -21.40 -16.28
C GLU D 499 -66.68 -19.94 -16.58
N ARG D 500 -67.95 -19.69 -16.93
CA ARG D 500 -68.43 -18.36 -17.21
C ARG D 500 -68.17 -17.38 -16.06
N LEU D 501 -68.23 -17.88 -14.83
CA LEU D 501 -68.00 -17.08 -13.63
C LEU D 501 -66.54 -16.69 -13.37
N ARG D 502 -65.59 -17.41 -14.00
CA ARG D 502 -64.17 -17.23 -13.72
C ARG D 502 -63.67 -15.85 -14.18
N GLY D 503 -62.96 -15.15 -13.27
CA GLY D 503 -62.47 -13.81 -13.56
C GLY D 503 -63.42 -12.67 -13.17
N SER D 504 -64.66 -13.01 -12.82
CA SER D 504 -65.68 -12.03 -12.46
C SER D 504 -66.25 -12.30 -11.08
N ILE D 505 -66.75 -13.52 -10.87
CA ILE D 505 -67.31 -13.92 -9.60
C ILE D 505 -66.35 -14.89 -8.97
N ALA D 506 -66.25 -14.81 -7.65
CA ALA D 506 -65.43 -15.72 -6.89
C ALA D 506 -66.01 -15.97 -5.49
N CYS D 507 -65.33 -16.84 -4.75
CA CYS D 507 -65.59 -17.05 -3.32
C CYS D 507 -64.37 -16.62 -2.53
N VAL D 508 -64.63 -16.16 -1.31
CA VAL D 508 -63.58 -15.59 -0.48
C VAL D 508 -63.01 -16.68 0.42
N LYS D 509 -61.66 -16.80 0.38
CA LYS D 509 -60.90 -17.82 1.13
C LYS D 509 -61.02 -17.65 2.64
N THR D 510 -61.09 -18.80 3.34
CA THR D 510 -61.06 -18.84 4.80
C THR D 510 -59.74 -18.31 5.34
N SER D 511 -58.64 -18.54 4.63
CA SER D 511 -57.32 -18.02 5.05
C SER D 511 -57.21 -16.48 5.10
N ALA D 512 -58.09 -15.77 4.38
CA ALA D 512 -58.07 -14.29 4.33
C ALA D 512 -59.02 -13.64 5.34
N ILE D 513 -59.76 -14.46 6.06
CA ILE D 513 -60.94 -14.02 6.81
C ILE D 513 -60.85 -14.36 8.29
N ALA D 514 -61.38 -13.47 9.13
CA ALA D 514 -61.51 -13.76 10.53
C ALA D 514 -62.62 -12.94 11.14
N SER D 515 -63.28 -13.53 12.13
CA SER D 515 -64.26 -12.80 12.96
C SER D 515 -63.54 -11.86 13.91
N MET D 516 -64.29 -10.96 14.54
CA MET D 516 -63.76 -10.04 15.56
C MET D 516 -62.82 -10.77 16.52
N GLN D 517 -63.28 -11.88 17.10
CA GLN D 517 -62.47 -12.60 18.09
C GLN D 517 -61.24 -13.31 17.47
N GLU D 518 -61.43 -14.03 16.35
CA GLU D 518 -60.27 -14.66 15.65
C GLU D 518 -59.18 -13.64 15.25
N MET D 519 -59.60 -12.41 14.92
CA MET D 519 -58.68 -11.33 14.53
C MET D 519 -57.87 -10.85 15.74
N LYS D 520 -58.57 -10.56 16.85
CA LYS D 520 -57.91 -10.24 18.14
C LYS D 520 -56.84 -11.29 18.49
N SER D 521 -57.22 -12.55 18.41
CA SER D 521 -56.35 -13.67 18.77
C SER D 521 -55.13 -13.79 17.83
N MET D 522 -55.41 -13.76 16.52
CA MET D 522 -54.36 -13.78 15.49
C MET D 522 -53.38 -12.60 15.65
N LEU D 523 -53.92 -11.39 15.85
CA LEU D 523 -53.09 -10.19 16.05
C LEU D 523 -52.28 -10.14 17.35
N SER D 524 -52.77 -10.77 18.42
CA SER D 524 -52.05 -10.79 19.70
C SER D 524 -50.73 -11.60 19.61
N GLN D 525 -50.58 -12.44 18.59
CA GLN D 525 -49.32 -13.16 18.30
C GLN D 525 -48.38 -12.42 17.30
N HIS D 526 -48.60 -11.11 17.09
CA HIS D 526 -47.78 -10.27 16.22
C HIS D 526 -47.38 -9.02 17.02
N GLN D 527 -46.07 -8.78 17.14
CA GLN D 527 -45.54 -7.73 18.01
C GLN D 527 -45.80 -6.34 17.42
N GLY D 528 -46.27 -5.43 18.26
CA GLY D 528 -46.48 -4.02 17.93
C GLY D 528 -47.68 -3.72 17.05
N MET D 529 -48.81 -4.34 17.38
CA MET D 529 -50.07 -4.14 16.61
C MET D 529 -51.29 -3.94 17.53
#